data_9I4G
#
_entry.id   9I4G
#
_cell.length_a   107.011
_cell.length_b   129.025
_cell.length_c   108.404
_cell.angle_alpha   90
_cell.angle_beta   90.129
_cell.angle_gamma   90
#
_symmetry.space_group_name_H-M   'P 1 21 1'
#
loop_
_entity.id
_entity.type
_entity.pdbx_description
1 polymer 'Alpha-1,3-galactosidase B'
2 non-polymer alpha-D-galactopyranose
3 water water
#
_entity_poly.entity_id   1
_entity_poly.type   'polypeptide(L)'
_entity_poly.pdbx_seq_one_letter_code
;SEFNVKIYKLSAYGIKPNSGKNTTPLLTSLLKEIKSKTSDLDKVIIQFEKGRYDFYPEGAIKREYYISNHDQDNPKTVGI
GIEKFNNITLIGKGTDLMFHGRMLPLALIESSNVKIKDLNIDFEKPQITQVKIISNDTTAGNIVFETAPWVKYKLKDSTF
YNTGEGWEMQPTSGIAFENGTKHIIFNSGDIGVGTKSVSEVSPGKIMAHHWKNKKLVPGTVIAMRSWQRPAPGIFVHKGK
NISFENVKVHYAEGMGLLAQLTENIYMDGFGVCLRGKNDPRYFTTQADATHFSGCKGEIVSKNGLYEGMMDDAINIHGTY
LKITKKLDDHTVIANYMHEQSYGFDWGNIRDTVQFIQSKTMELWDAKNTIASIKPILRNSTDPIKEFRIEFTKALDPVID
PSKQDIGIENLSWTPSVVFTGNTIRNNRARGALFSTPKPTLVANNLFDHTSGCAILLCGDSNGWYETGSCRDITIRDNKF
VNALTSMYQFTSAIISIYPEIPDLTNQKKYFHSGIRILNNQFDTFDQPILYAKSVDGLVFTGNKIQTNKEYPAFHSNKKR
FLFERVIGVDFSDNKVDGKPIEML
;
_entity_poly.pdbx_strand_id   A,B,C,D
#
# COMPACT_ATOMS: atom_id res chain seq x y z
N SER A 1 51.40 47.72 7.91
CA SER A 1 50.53 48.38 8.92
C SER A 1 51.30 48.52 10.25
N GLU A 2 50.69 49.29 11.15
CA GLU A 2 51.26 49.57 12.46
C GLU A 2 50.91 48.44 13.42
N PHE A 3 50.17 47.44 12.92
CA PHE A 3 49.71 46.29 13.69
C PHE A 3 50.33 45.01 13.15
N ASN A 4 50.65 44.06 14.04
CA ASN A 4 51.12 42.76 13.60
C ASN A 4 49.93 41.99 13.04
N VAL A 5 48.83 42.00 13.81
CA VAL A 5 47.57 41.40 13.41
C VAL A 5 46.50 42.48 13.49
N LYS A 6 45.62 42.54 12.48
CA LYS A 6 44.45 43.39 12.55
C LYS A 6 43.26 42.57 13.05
N ILE A 7 42.79 42.86 14.26
CA ILE A 7 41.73 42.06 14.87
C ILE A 7 40.42 42.83 14.71
N TYR A 8 39.43 42.19 14.08
CA TYR A 8 38.10 42.77 13.94
C TYR A 8 37.15 42.03 14.87
N LYS A 9 36.89 42.62 16.03
CA LYS A 9 35.77 42.20 16.87
C LYS A 9 34.49 42.50 16.10
N LEU A 10 33.66 41.50 15.86
CA LEU A 10 32.56 41.64 14.92
C LEU A 10 31.52 42.62 15.45
N SER A 11 31.31 42.61 16.77
CA SER A 11 30.32 43.46 17.43
C SER A 11 30.65 44.95 17.25
N ALA A 12 31.92 45.26 17.03
CA ALA A 12 32.33 46.62 16.75
C ALA A 12 31.96 47.03 15.32
N TYR A 13 31.55 46.06 14.48
CA TYR A 13 31.28 46.31 13.07
C TYR A 13 29.86 45.87 12.74
N GLY A 14 28.95 45.99 13.72
CA GLY A 14 27.52 45.89 13.47
C GLY A 14 26.99 44.46 13.43
N ILE A 15 27.73 43.51 14.02
CA ILE A 15 27.39 42.10 13.94
C ILE A 15 27.42 41.49 15.34
N LYS A 16 26.24 41.41 15.96
CA LYS A 16 26.10 41.10 17.38
C LYS A 16 25.49 39.71 17.58
N PRO A 17 25.79 39.03 18.70
CA PRO A 17 25.18 37.75 19.03
C PRO A 17 23.76 37.91 19.58
N ASN A 18 22.91 36.90 19.35
CA ASN A 18 21.60 36.80 19.96
C ASN A 18 20.67 37.89 19.43
N SER A 19 20.99 38.46 18.25
CA SER A 19 20.16 39.48 17.63
C SER A 19 18.98 38.82 16.93
N GLY A 20 19.17 37.57 16.50
CA GLY A 20 18.17 36.86 15.73
C GLY A 20 18.01 37.42 14.32
N LYS A 21 18.93 38.30 13.88
CA LYS A 21 18.88 38.85 12.53
C LYS A 21 19.79 38.06 11.60
N ASN A 22 19.57 38.26 10.30
CA ASN A 22 20.29 37.54 9.26
C ASN A 22 21.72 38.07 9.22
N THR A 23 22.68 37.23 9.64
CA THR A 23 24.08 37.63 9.74
C THR A 23 24.77 37.50 8.39
N THR A 24 24.12 36.82 7.43
CA THR A 24 24.76 36.42 6.19
C THR A 24 25.18 37.64 5.37
N PRO A 25 24.26 38.59 5.04
CA PRO A 25 24.62 39.71 4.16
C PRO A 25 25.61 40.70 4.79
N LEU A 26 25.62 40.76 6.13
CA LEU A 26 26.48 41.64 6.90
C LEU A 26 27.92 41.14 6.89
N LEU A 27 28.12 39.88 7.31
CA LEU A 27 29.45 39.31 7.38
C LEU A 27 30.03 39.20 5.97
N THR A 28 29.19 38.94 4.97
CA THR A 28 29.59 38.87 3.58
C THR A 28 30.13 40.22 3.13
N SER A 29 29.34 41.28 3.28
CA SER A 29 29.75 42.62 2.92
C SER A 29 31.05 43.02 3.64
N LEU A 30 31.18 42.62 4.92
CA LEU A 30 32.29 43.03 5.77
C LEU A 30 33.60 42.39 5.31
N LEU A 31 33.63 41.05 5.19
CA LEU A 31 34.78 40.30 4.73
C LEU A 31 35.25 40.84 3.38
N LYS A 32 34.30 41.15 2.50
CA LYS A 32 34.63 41.66 1.18
C LYS A 32 35.47 42.92 1.31
N GLU A 33 35.11 43.77 2.28
CA GLU A 33 35.83 45.01 2.51
C GLU A 33 37.20 44.73 3.13
N ILE A 34 37.25 43.93 4.20
CA ILE A 34 38.49 43.60 4.88
C ILE A 34 39.47 42.98 3.90
N LYS A 35 38.96 42.21 2.94
CA LYS A 35 39.79 41.60 1.91
C LYS A 35 40.39 42.70 1.03
N SER A 36 39.54 43.61 0.54
CA SER A 36 39.94 44.58 -0.46
C SER A 36 41.00 45.53 0.08
N LYS A 37 41.18 45.56 1.40
CA LYS A 37 42.14 46.45 2.04
C LYS A 37 43.40 45.69 2.42
N THR A 38 43.27 44.52 3.05
CA THR A 38 44.44 43.78 3.49
C THR A 38 45.22 43.28 2.28
N SER A 39 46.48 43.76 2.17
CA SER A 39 47.47 43.21 1.26
C SER A 39 47.78 41.77 1.66
N ASP A 40 48.83 41.17 1.06
CA ASP A 40 48.94 39.73 1.13
C ASP A 40 49.54 39.29 2.46
N LEU A 41 50.71 39.81 2.83
CA LEU A 41 51.40 39.32 4.03
C LEU A 41 50.68 39.80 5.29
N ASP A 42 49.77 40.78 5.13
CA ASP A 42 48.89 41.25 6.19
C ASP A 42 48.13 40.08 6.82
N LYS A 43 48.04 40.10 8.16
CA LYS A 43 47.34 39.08 8.93
C LYS A 43 46.04 39.66 9.49
N VAL A 44 45.00 38.82 9.50
CA VAL A 44 43.64 39.20 9.86
C VAL A 44 43.11 38.22 10.90
N ILE A 45 42.26 38.72 11.81
CA ILE A 45 41.45 37.88 12.67
C ILE A 45 40.03 38.44 12.64
N ILE A 46 39.04 37.55 12.52
CA ILE A 46 37.62 37.87 12.61
C ILE A 46 37.09 37.20 13.89
N GLN A 47 36.53 37.99 14.82
CA GLN A 47 36.24 37.50 16.16
C GLN A 47 34.76 37.63 16.52
N PHE A 48 34.12 36.47 16.74
CA PHE A 48 32.76 36.35 17.23
C PHE A 48 32.75 36.29 18.75
N GLU A 49 31.61 36.64 19.38
CA GLU A 49 31.44 36.63 20.83
C GLU A 49 30.58 35.45 21.26
N LYS A 50 30.42 35.29 22.59
CA LYS A 50 29.49 34.33 23.16
C LYS A 50 28.07 34.60 22.68
N GLY A 51 27.36 33.52 22.38
CA GLY A 51 25.98 33.58 21.94
C GLY A 51 25.84 33.11 20.49
N ARG A 52 24.72 33.46 19.89
CA ARG A 52 24.22 32.79 18.69
C ARG A 52 24.11 33.78 17.53
N TYR A 53 24.69 33.39 16.39
CA TYR A 53 24.51 34.11 15.14
C TYR A 53 23.72 33.21 14.18
N ASP A 54 22.62 33.73 13.63
CA ASP A 54 21.82 32.99 12.66
C ASP A 54 22.21 33.46 11.25
N PHE A 55 22.33 32.48 10.33
CA PHE A 55 22.59 32.74 8.92
C PHE A 55 21.45 32.16 8.10
N TYR A 56 20.90 32.97 7.20
CA TYR A 56 19.86 32.50 6.28
C TYR A 56 20.37 32.57 4.86
N PRO A 57 19.72 31.86 3.90
CA PRO A 57 20.08 31.96 2.49
C PRO A 57 20.11 33.38 1.93
N GLU A 58 19.25 34.28 2.44
CA GLU A 58 19.11 35.57 1.78
C GLU A 58 20.39 36.37 2.00
N GLY A 59 20.94 36.89 0.90
CA GLY A 59 22.14 37.72 0.91
C GLY A 59 23.44 36.91 0.85
N ALA A 60 23.30 35.58 0.77
CA ALA A 60 24.43 34.67 0.66
C ALA A 60 25.01 34.75 -0.75
N ILE A 61 26.31 34.43 -0.85
CA ILE A 61 26.95 34.30 -2.13
C ILE A 61 26.46 32.99 -2.75
N LYS A 62 26.37 32.97 -4.09
CA LYS A 62 26.05 31.75 -4.82
C LYS A 62 27.24 31.33 -5.66
N ARG A 63 27.98 30.31 -5.16
CA ARG A 63 29.14 29.76 -5.83
C ARG A 63 28.79 28.42 -6.47
N GLU A 64 29.31 28.22 -7.69
CA GLU A 64 29.32 26.93 -8.35
C GLU A 64 30.55 26.17 -7.89
N TYR A 65 30.35 25.18 -7.01
CA TYR A 65 31.44 24.37 -6.49
C TYR A 65 31.25 22.91 -6.91
N TYR A 66 32.37 22.25 -7.24
CA TYR A 66 32.38 20.81 -7.39
C TYR A 66 33.07 20.23 -6.16
N ILE A 67 32.38 19.32 -5.50
CA ILE A 67 32.75 18.84 -4.18
C ILE A 67 32.90 17.33 -4.24
N SER A 68 34.07 16.83 -3.86
CA SER A 68 34.32 15.41 -3.84
C SER A 68 33.36 14.72 -2.88
N ASN A 69 32.76 13.63 -3.37
CA ASN A 69 32.01 12.66 -2.59
C ASN A 69 30.67 13.24 -2.17
N HIS A 70 30.09 14.09 -3.02
CA HIS A 70 28.86 14.81 -2.72
C HIS A 70 28.03 14.96 -3.99
N ASP A 71 26.74 15.24 -3.84
CA ASP A 71 25.87 15.58 -4.95
C ASP A 71 26.33 16.89 -5.59
N GLN A 72 26.31 16.94 -6.93
CA GLN A 72 26.77 18.09 -7.67
C GLN A 72 25.58 18.97 -8.04
N ASP A 73 24.86 19.43 -7.02
CA ASP A 73 23.77 20.37 -7.22
C ASP A 73 24.34 21.78 -7.18
N ASN A 74 24.04 22.60 -8.19
CA ASN A 74 24.58 23.96 -8.24
C ASN A 74 23.46 24.94 -8.59
N PRO A 75 23.58 26.22 -8.17
CA PRO A 75 24.70 26.69 -7.36
C PRO A 75 24.61 26.20 -5.92
N LYS A 76 25.67 26.42 -5.13
CA LYS A 76 25.62 26.22 -3.69
C LYS A 76 25.32 27.57 -3.03
N THR A 77 24.46 27.54 -1.99
CA THR A 77 24.19 28.70 -1.17
C THR A 77 25.18 28.74 -0.01
N VAL A 78 26.13 29.67 -0.07
CA VAL A 78 27.30 29.66 0.80
C VAL A 78 27.13 30.72 1.88
N GLY A 79 27.22 30.28 3.13
CA GLY A 79 27.08 31.16 4.28
C GLY A 79 28.27 32.10 4.43
N ILE A 80 29.45 31.52 4.61
CA ILE A 80 30.68 32.28 4.76
C ILE A 80 31.68 31.83 3.70
N GLY A 81 32.06 32.75 2.81
CA GLY A 81 32.98 32.47 1.72
C GLY A 81 34.35 33.11 1.93
N ILE A 82 35.27 32.33 2.48
CA ILE A 82 36.69 32.67 2.51
C ILE A 82 37.29 32.20 1.19
N GLU A 83 37.54 33.15 0.27
CA GLU A 83 37.99 32.83 -1.08
C GLU A 83 39.22 33.67 -1.44
N LYS A 84 40.35 33.01 -1.67
CA LYS A 84 41.58 33.67 -2.10
C LYS A 84 41.99 34.72 -1.08
N PHE A 85 42.03 34.29 0.19
CA PHE A 85 42.13 35.17 1.34
C PHE A 85 43.01 34.46 2.37
N ASN A 86 44.22 34.99 2.60
CA ASN A 86 45.22 34.25 3.35
C ASN A 86 45.46 34.90 4.71
N ASN A 87 46.04 34.09 5.60
CA ASN A 87 46.50 34.51 6.91
C ASN A 87 45.33 35.03 7.75
N ILE A 88 44.18 34.36 7.58
CA ILE A 88 42.93 34.79 8.17
C ILE A 88 42.53 33.74 9.20
N THR A 89 42.11 34.21 10.39
CA THR A 89 41.63 33.32 11.44
C THR A 89 40.22 33.74 11.80
N LEU A 90 39.27 32.80 11.72
CA LEU A 90 37.96 32.97 12.31
C LEU A 90 37.98 32.35 13.69
N ILE A 91 37.69 33.16 14.72
CA ILE A 91 37.72 32.68 16.08
C ILE A 91 36.42 33.11 16.77
N GLY A 92 35.98 32.30 17.74
CA GLY A 92 34.83 32.62 18.56
C GLY A 92 35.16 32.43 20.04
N LYS A 93 34.10 32.49 20.87
CA LYS A 93 34.17 32.33 22.31
C LYS A 93 32.93 31.58 22.76
N GLY A 94 32.97 30.24 22.71
CA GLY A 94 31.75 29.44 22.77
C GLY A 94 30.68 30.03 21.84
N THR A 95 30.98 30.11 20.54
CA THR A 95 30.11 30.74 19.57
C THR A 95 29.25 29.67 18.88
N ASP A 96 28.03 30.06 18.55
CA ASP A 96 27.07 29.18 17.92
C ASP A 96 26.61 29.80 16.60
N LEU A 97 27.23 29.38 15.50
CA LEU A 97 26.80 29.75 14.16
C LEU A 97 25.65 28.83 13.78
N MET A 98 24.46 29.40 13.60
CA MET A 98 23.24 28.64 13.35
C MET A 98 22.76 28.93 11.93
N PHE A 99 22.57 27.89 11.12
CA PHE A 99 22.21 28.07 9.72
C PHE A 99 20.76 27.64 9.47
N HIS A 100 20.20 28.15 8.38
CA HIS A 100 18.81 27.94 8.03
C HIS A 100 18.71 27.53 6.56
N GLY A 101 17.77 26.64 6.25
CA GLY A 101 17.51 26.23 4.87
C GLY A 101 18.56 25.26 4.36
N ARG A 102 18.85 25.34 3.06
CA ARG A 102 19.91 24.55 2.45
C ARG A 102 21.10 25.46 2.17
N MET A 103 22.14 25.32 3.00
CA MET A 103 23.30 26.17 2.91
C MET A 103 24.56 25.33 3.07
N LEU A 104 25.63 25.85 2.46
CA LEU A 104 27.00 25.45 2.75
C LEU A 104 27.54 26.43 3.78
N PRO A 105 27.63 26.05 5.08
CA PRO A 105 28.06 26.98 6.13
C PRO A 105 29.33 27.76 5.78
N LEU A 106 30.46 27.04 5.68
CA LEU A 106 31.79 27.64 5.57
C LEU A 106 32.55 27.01 4.41
N ALA A 107 33.08 27.86 3.51
CA ALA A 107 33.82 27.42 2.35
C ALA A 107 35.19 28.12 2.30
N LEU A 108 36.26 27.31 2.28
CA LEU A 108 37.62 27.80 2.23
C LEU A 108 38.21 27.43 0.86
N ILE A 109 38.31 28.43 -0.02
CA ILE A 109 38.64 28.24 -1.42
C ILE A 109 40.00 28.90 -1.72
N GLU A 110 40.98 28.09 -2.12
CA GLU A 110 42.23 28.61 -2.66
C GLU A 110 42.84 29.60 -1.67
N SER A 111 42.90 29.19 -0.40
CA SER A 111 43.40 30.05 0.66
C SER A 111 44.47 29.30 1.46
N SER A 112 45.52 30.04 1.84
CA SER A 112 46.62 29.50 2.61
C SER A 112 46.63 30.10 4.02
N ASN A 113 47.12 29.32 4.99
CA ASN A 113 47.29 29.77 6.36
C ASN A 113 45.98 30.28 6.94
N VAL A 114 44.94 29.43 6.85
CA VAL A 114 43.64 29.73 7.40
C VAL A 114 43.46 28.89 8.66
N LYS A 115 42.99 29.53 9.73
CA LYS A 115 42.77 28.87 11.00
C LYS A 115 41.32 29.14 11.42
N ILE A 116 40.64 28.11 11.92
CA ILE A 116 39.26 28.21 12.39
C ILE A 116 39.26 27.67 13.82
N LYS A 117 38.66 28.41 14.77
CA LYS A 117 38.96 28.19 16.18
C LYS A 117 37.79 28.57 17.10
N ASP A 118 37.46 27.66 18.02
CA ASP A 118 36.61 27.91 19.18
C ASP A 118 35.19 28.29 18.75
N LEU A 119 34.57 27.45 17.90
CA LEU A 119 33.41 27.87 17.12
C LEU A 119 32.60 26.66 16.64
N ASN A 120 31.27 26.75 16.71
CA ASN A 120 30.39 25.63 16.42
C ASN A 120 29.46 25.94 15.23
N ILE A 121 29.18 24.90 14.44
CA ILE A 121 28.28 25.02 13.29
C ILE A 121 27.12 24.04 13.45
N ASP A 122 25.89 24.55 13.30
CA ASP A 122 24.68 23.73 13.39
C ASP A 122 23.59 24.36 12.51
N PHE A 123 22.59 23.55 12.15
CA PHE A 123 21.37 24.04 11.52
C PHE A 123 20.23 23.92 12.53
N GLU A 124 19.28 24.88 12.47
CA GLU A 124 18.14 24.85 13.37
C GLU A 124 17.18 23.74 12.97
N LYS A 125 16.96 23.58 11.66
CA LYS A 125 16.08 22.55 11.11
C LYS A 125 16.90 21.55 10.27
N PRO A 126 17.52 20.53 10.91
CA PRO A 126 18.17 19.45 10.18
C PRO A 126 17.23 18.73 9.22
N GLN A 127 17.77 18.36 8.05
CA GLN A 127 16.99 17.69 7.02
C GLN A 127 16.72 16.26 7.47
N ILE A 128 17.59 15.74 8.34
CA ILE A 128 17.32 14.50 9.04
C ILE A 128 16.16 14.72 10.00
N THR A 129 15.21 13.77 10.02
CA THR A 129 14.01 13.83 10.84
C THR A 129 14.16 12.85 12.00
N GLN A 130 14.19 13.37 13.23
CA GLN A 130 14.20 12.51 14.41
C GLN A 130 12.76 12.16 14.77
N VAL A 131 12.50 10.88 15.05
CA VAL A 131 11.20 10.40 15.50
C VAL A 131 11.42 9.35 16.58
N LYS A 132 10.36 9.06 17.33
CA LYS A 132 10.44 8.13 18.45
C LYS A 132 9.25 7.17 18.34
N ILE A 133 9.54 5.87 18.41
CA ILE A 133 8.49 4.86 18.33
C ILE A 133 7.63 4.97 19.57
N ILE A 134 6.31 5.08 19.34
CA ILE A 134 5.32 5.22 20.40
C ILE A 134 4.65 3.86 20.59
N SER A 135 4.09 3.32 19.49
CA SER A 135 3.50 1.99 19.51
C SER A 135 3.87 1.26 18.23
N ASN A 136 4.20 -0.02 18.37
CA ASN A 136 4.49 -0.91 17.26
C ASN A 136 3.63 -2.16 17.41
N ASP A 137 2.60 -2.26 16.54
CA ASP A 137 1.75 -3.43 16.42
C ASP A 137 2.32 -4.33 15.32
N THR A 138 3.06 -5.36 15.73
CA THR A 138 3.87 -6.12 14.79
C THR A 138 2.97 -6.93 13.84
N THR A 139 1.83 -7.41 14.36
CA THR A 139 0.89 -8.21 13.59
C THR A 139 0.27 -7.39 12.45
N ALA A 140 -0.30 -6.23 12.78
CA ALA A 140 -0.99 -5.41 11.79
C ALA A 140 0.02 -4.61 10.96
N GLY A 141 1.23 -4.43 11.51
CA GLY A 141 2.22 -3.58 10.88
C GLY A 141 1.84 -2.11 10.99
N ASN A 142 1.37 -1.72 12.19
CA ASN A 142 1.04 -0.34 12.48
C ASN A 142 2.06 0.20 13.47
N ILE A 143 2.75 1.26 13.06
CA ILE A 143 3.69 1.97 13.92
C ILE A 143 3.21 3.41 14.07
N VAL A 144 3.07 3.85 15.32
CA VAL A 144 2.89 5.26 15.62
C VAL A 144 4.24 5.82 16.07
N PHE A 145 4.70 6.88 15.40
CA PHE A 145 5.96 7.52 15.77
C PHE A 145 5.67 8.97 16.14
N GLU A 146 6.51 9.50 17.04
CA GLU A 146 6.40 10.88 17.53
C GLU A 146 7.54 11.69 16.92
N THR A 147 7.19 12.78 16.22
CA THR A 147 8.21 13.70 15.75
C THR A 147 8.78 14.42 16.97
N ALA A 148 10.09 14.66 16.96
CA ALA A 148 10.75 15.41 18.01
C ALA A 148 10.29 16.87 17.96
N PRO A 149 10.45 17.64 19.07
CA PRO A 149 9.82 18.97 19.21
C PRO A 149 10.14 19.98 18.11
N TRP A 150 11.36 19.91 17.58
CA TRP A 150 11.87 20.91 16.65
C TRP A 150 11.50 20.56 15.20
N VAL A 151 10.80 19.45 14.98
CA VAL A 151 10.51 18.98 13.63
C VAL A 151 9.24 19.64 13.12
N LYS A 152 9.32 20.24 11.93
CA LYS A 152 8.16 20.73 11.23
C LYS A 152 7.92 19.89 9.99
N TYR A 153 6.78 19.18 9.94
CA TYR A 153 6.45 18.28 8.84
C TYR A 153 5.19 18.72 8.12
N LYS A 154 4.98 18.13 6.92
CA LYS A 154 3.73 18.23 6.18
C LYS A 154 3.36 16.82 5.73
N LEU A 155 2.06 16.50 5.73
CA LEU A 155 1.56 15.34 5.03
C LEU A 155 0.91 15.81 3.73
N LYS A 156 1.32 15.21 2.60
CA LYS A 156 0.65 15.41 1.33
C LYS A 156 0.46 14.06 0.65
N ASP A 157 -0.78 13.71 0.30
CA ASP A 157 -1.10 12.41 -0.29
C ASP A 157 -0.54 11.27 0.58
N SER A 158 -0.82 11.32 1.89
CA SER A 158 -0.43 10.27 2.82
C SER A 158 1.07 10.03 2.85
N THR A 159 1.85 11.05 2.46
CA THR A 159 3.30 10.98 2.43
C THR A 159 3.87 11.98 3.44
N PHE A 160 4.86 11.53 4.22
CA PHE A 160 5.44 12.33 5.28
C PHE A 160 6.62 13.12 4.73
N TYR A 161 6.46 14.45 4.65
CA TYR A 161 7.56 15.33 4.29
C TYR A 161 8.14 15.96 5.56
N ASN A 162 9.47 16.16 5.57
CA ASN A 162 10.10 17.01 6.56
C ASN A 162 10.39 18.34 5.87
N THR A 163 10.26 19.45 6.62
CA THR A 163 10.39 20.78 6.03
C THR A 163 11.37 21.64 6.83
N GLY A 164 11.96 22.58 6.11
CA GLY A 164 12.61 23.74 6.66
C GLY A 164 12.46 24.93 5.72
N GLU A 165 13.34 25.93 5.89
CA GLU A 165 13.24 27.19 5.18
C GLU A 165 13.53 26.92 3.71
N GLY A 166 12.48 26.90 2.88
CA GLY A 166 12.64 26.81 1.44
C GLY A 166 12.88 25.38 0.95
N TRP A 167 12.80 24.38 1.83
CA TRP A 167 12.97 22.99 1.43
C TRP A 167 11.88 22.10 2.03
N GLU A 168 11.64 20.98 1.34
CA GLU A 168 10.67 19.96 1.69
C GLU A 168 11.22 18.64 1.17
N MET A 169 11.46 17.67 2.07
CA MET A 169 12.14 16.43 1.65
C MET A 169 11.47 15.22 2.30
N GLN A 170 11.09 14.25 1.47
CA GLN A 170 10.51 12.99 1.94
C GLN A 170 11.64 12.02 2.31
N PRO A 171 11.75 11.61 3.59
CA PRO A 171 12.70 10.58 3.99
C PRO A 171 12.37 9.20 3.44
N THR A 172 13.40 8.45 3.03
CA THR A 172 13.25 7.16 2.37
C THR A 172 13.98 6.04 3.14
N SER A 173 14.95 6.38 4.00
CA SER A 173 15.61 5.39 4.84
C SER A 173 15.80 5.94 6.24
N GLY A 174 16.35 5.12 7.15
CA GLY A 174 16.65 5.62 8.48
C GLY A 174 17.72 4.80 9.20
N ILE A 175 18.14 5.33 10.35
CA ILE A 175 18.99 4.64 11.31
C ILE A 175 18.27 4.62 12.65
N ALA A 176 18.08 3.42 13.21
CA ALA A 176 17.43 3.27 14.51
C ALA A 176 18.47 3.27 15.63
N PHE A 177 18.13 3.87 16.76
CA PHE A 177 19.04 3.99 17.88
C PHE A 177 18.37 3.46 19.16
N GLU A 178 19.14 2.71 19.96
CA GLU A 178 18.74 2.37 21.31
C GLU A 178 18.37 3.63 22.07
N ASN A 179 17.28 3.59 22.83
CA ASN A 179 16.95 4.65 23.77
C ASN A 179 18.05 4.69 24.83
N GLY A 180 18.50 5.89 25.20
CA GLY A 180 19.43 6.03 26.30
C GLY A 180 20.88 5.93 25.84
N THR A 181 21.35 4.70 25.55
CA THR A 181 22.74 4.46 25.19
C THR A 181 23.10 5.25 23.94
N LYS A 182 22.13 5.36 23.02
CA LYS A 182 22.27 6.03 21.74
C LYS A 182 23.09 5.18 20.79
N HIS A 183 23.26 3.88 21.12
CA HIS A 183 23.88 2.93 20.21
C HIS A 183 22.96 2.78 19.00
N ILE A 184 23.43 2.10 17.95
CA ILE A 184 22.57 1.77 16.83
C ILE A 184 22.07 0.33 16.99
N ILE A 185 20.75 0.17 16.80
CA ILE A 185 20.04 -1.07 17.08
C ILE A 185 20.72 -2.24 16.36
N PHE A 186 20.96 -3.30 17.14
CA PHE A 186 21.64 -4.50 16.69
C PHE A 186 20.99 -5.07 15.42
N ASN A 187 21.83 -5.28 14.40
CA ASN A 187 21.42 -5.85 13.13
C ASN A 187 20.40 -4.95 12.43
N SER A 188 20.54 -3.64 12.55
CA SER A 188 19.61 -2.75 11.86
C SER A 188 20.23 -2.32 10.54
N GLY A 189 21.34 -1.59 10.64
CA GLY A 189 21.89 -0.84 9.52
C GLY A 189 20.86 0.11 8.93
N ASP A 190 20.96 0.31 7.61
CA ASP A 190 19.94 1.02 6.86
C ASP A 190 18.66 0.19 6.84
N ILE A 191 17.55 0.83 7.21
CA ILE A 191 16.24 0.21 7.26
C ILE A 191 15.28 1.10 6.48
N GLY A 192 14.21 0.49 5.95
CA GLY A 192 13.14 1.25 5.34
C GLY A 192 12.35 1.95 6.44
N VAL A 193 11.65 3.03 6.06
CA VAL A 193 10.87 3.79 7.01
C VAL A 193 9.48 4.06 6.44
N GLY A 194 8.52 4.22 7.34
CA GLY A 194 7.10 4.30 6.99
C GLY A 194 6.70 5.74 6.77
N THR A 195 7.17 6.30 5.65
CA THR A 195 6.87 7.68 5.31
C THR A 195 5.84 7.71 4.19
N LYS A 196 5.49 6.53 3.68
CA LYS A 196 4.39 6.35 2.75
C LYS A 196 3.20 5.74 3.51
N SER A 197 1.99 5.98 3.00
CA SER A 197 0.81 5.47 3.65
C SER A 197 0.81 5.91 5.12
N VAL A 198 0.65 7.21 5.35
CA VAL A 198 0.60 7.77 6.70
C VAL A 198 -0.63 8.65 6.84
N SER A 199 -0.93 8.98 8.09
CA SER A 199 -1.97 9.92 8.46
C SER A 199 -1.74 10.37 9.89
N GLU A 200 -2.22 11.59 10.21
CA GLU A 200 -1.95 12.25 11.47
C GLU A 200 -2.97 11.82 12.54
N VAL A 201 -2.46 11.21 13.61
CA VAL A 201 -3.23 10.85 14.79
C VAL A 201 -3.58 12.11 15.58
N SER A 202 -2.55 12.95 15.73
CA SER A 202 -2.56 14.12 16.59
C SER A 202 -1.25 14.85 16.33
N PRO A 203 -1.16 16.19 16.56
CA PRO A 203 0.06 16.91 16.20
C PRO A 203 1.31 16.18 16.67
N GLY A 204 2.19 15.84 15.72
CA GLY A 204 3.47 15.23 16.04
C GLY A 204 3.37 13.75 16.40
N LYS A 205 2.21 13.13 16.09
CA LYS A 205 2.03 11.69 16.20
C LYS A 205 1.53 11.16 14.87
N ILE A 206 2.39 10.42 14.16
CA ILE A 206 2.07 9.97 12.82
C ILE A 206 1.87 8.47 12.86
N MET A 207 0.84 8.02 12.14
CA MET A 207 0.51 6.61 12.03
C MET A 207 0.99 6.08 10.69
N ALA A 208 1.86 5.07 10.73
CA ALA A 208 2.33 4.39 9.54
C ALA A 208 1.60 3.06 9.45
N HIS A 209 0.81 2.88 8.37
CA HIS A 209 -0.15 1.80 8.27
C HIS A 209 0.51 0.51 7.74
N HIS A 210 1.61 0.63 6.99
CA HIS A 210 2.25 -0.53 6.39
C HIS A 210 3.74 -0.53 6.72
N TRP A 211 4.06 -0.59 8.01
CA TRP A 211 5.45 -0.61 8.46
C TRP A 211 5.65 -1.80 9.40
N LYS A 212 6.41 -2.80 8.95
CA LYS A 212 6.59 -4.02 9.72
C LYS A 212 8.06 -4.16 10.08
N ASN A 213 8.36 -4.07 11.38
CA ASN A 213 9.72 -4.20 11.86
C ASN A 213 9.67 -4.50 13.36
N LYS A 214 9.95 -5.74 13.73
CA LYS A 214 9.88 -6.18 15.12
C LYS A 214 10.97 -5.53 15.97
N LYS A 215 11.95 -4.91 15.33
CA LYS A 215 13.11 -4.37 16.02
C LYS A 215 12.80 -3.02 16.63
N LEU A 216 11.90 -2.26 15.99
CA LEU A 216 11.56 -0.91 16.41
C LEU A 216 10.63 -0.97 17.62
N VAL A 217 11.17 -1.44 18.75
CA VAL A 217 10.43 -1.53 20.01
C VAL A 217 10.09 -0.12 20.47
N PRO A 218 8.98 0.08 21.23
CA PRO A 218 8.70 1.37 21.86
C PRO A 218 9.98 1.91 22.48
N GLY A 219 10.22 3.21 22.28
CA GLY A 219 11.39 3.87 22.84
C GLY A 219 12.43 4.17 21.77
N THR A 220 12.50 3.31 20.75
CA THR A 220 13.53 3.40 19.72
C THR A 220 13.41 4.76 19.03
N VAL A 221 14.57 5.38 18.79
CA VAL A 221 14.66 6.68 18.15
C VAL A 221 15.18 6.45 16.75
N ILE A 222 14.57 7.11 15.76
CA ILE A 222 14.87 6.82 14.37
C ILE A 222 15.25 8.12 13.68
N ALA A 223 16.39 8.10 12.98
CA ALA A 223 16.81 9.22 12.17
C ALA A 223 16.42 8.95 10.72
N MET A 224 15.27 9.50 10.31
CA MET A 224 14.77 9.34 8.96
C MET A 224 15.47 10.32 8.03
N ARG A 225 15.85 9.83 6.84
CA ARG A 225 16.67 10.61 5.93
C ARG A 225 16.50 10.15 4.49
N SER A 226 17.06 10.96 3.57
CA SER A 226 17.22 10.56 2.18
C SER A 226 18.70 10.31 1.93
N TRP A 227 19.06 10.18 0.65
CA TRP A 227 20.43 9.87 0.27
C TRP A 227 21.14 11.14 -0.19
N GLN A 228 20.42 12.27 -0.13
CA GLN A 228 20.92 13.53 -0.65
C GLN A 228 22.02 14.07 0.27
N ARG A 229 23.08 14.59 -0.35
CA ARG A 229 24.20 15.17 0.38
C ARG A 229 24.81 16.29 -0.44
N PRO A 230 24.09 17.42 -0.65
CA PRO A 230 24.56 18.48 -1.55
C PRO A 230 25.64 19.42 -1.04
N ALA A 231 25.83 19.52 0.29
CA ALA A 231 26.78 20.48 0.83
C ALA A 231 27.31 20.04 2.20
N PRO A 232 28.65 20.11 2.42
CA PRO A 232 29.23 19.73 3.70
C PRO A 232 29.11 20.91 4.65
N GLY A 233 29.52 20.70 5.90
CA GLY A 233 29.55 21.76 6.89
C GLY A 233 30.67 22.76 6.58
N ILE A 234 31.89 22.23 6.45
CA ILE A 234 33.06 23.00 6.04
C ILE A 234 33.62 22.34 4.78
N PHE A 235 33.63 23.09 3.68
CA PHE A 235 34.25 22.68 2.43
C PHE A 235 35.60 23.39 2.30
N VAL A 236 36.66 22.63 2.03
CA VAL A 236 37.98 23.21 1.83
C VAL A 236 38.53 22.71 0.50
N HIS A 237 38.92 23.64 -0.38
CA HIS A 237 39.38 23.32 -1.72
C HIS A 237 40.67 24.09 -2.00
N LYS A 238 41.74 23.35 -2.32
CA LYS A 238 43.02 23.93 -2.75
C LYS A 238 43.59 24.82 -1.66
N GLY A 239 43.51 24.34 -0.42
CA GLY A 239 44.11 25.05 0.70
C GLY A 239 45.57 24.62 0.87
N LYS A 240 46.33 25.47 1.56
CA LYS A 240 47.61 25.11 2.11
C LYS A 240 47.62 25.53 3.58
N ASN A 241 48.13 24.67 4.46
CA ASN A 241 48.27 24.97 5.89
C ASN A 241 46.95 25.42 6.51
N ILE A 242 46.01 24.48 6.62
CA ILE A 242 44.68 24.76 7.15
C ILE A 242 44.58 24.17 8.55
N SER A 243 43.92 24.92 9.45
CA SER A 243 43.88 24.59 10.87
C SER A 243 42.43 24.65 11.38
N PHE A 244 42.05 23.66 12.19
CA PHE A 244 40.80 23.65 12.91
C PHE A 244 41.13 23.30 14.36
N GLU A 245 40.79 24.19 15.29
CA GLU A 245 41.08 23.94 16.69
C GLU A 245 39.85 24.26 17.52
N ASN A 246 39.34 23.21 18.19
CA ASN A 246 38.09 23.25 18.93
C ASN A 246 36.96 23.79 18.04
N VAL A 247 36.65 23.05 16.98
CA VAL A 247 35.56 23.37 16.06
C VAL A 247 34.66 22.14 15.92
N LYS A 248 33.37 22.32 16.25
CA LYS A 248 32.39 21.25 16.21
C LYS A 248 31.39 21.55 15.11
N VAL A 249 31.07 20.54 14.28
CA VAL A 249 29.95 20.61 13.38
C VAL A 249 28.90 19.62 13.86
N HIS A 250 27.73 20.15 14.25
CA HIS A 250 26.70 19.35 14.87
C HIS A 250 25.78 18.76 13.80
N TYR A 251 25.64 19.44 12.66
CA TYR A 251 24.87 18.85 11.58
C TYR A 251 25.14 19.61 10.29
N ALA A 252 25.09 18.88 9.16
CA ALA A 252 25.11 19.47 7.83
C ALA A 252 24.56 18.47 6.83
N GLU A 253 24.08 18.95 5.68
CA GLU A 253 23.39 18.11 4.72
C GLU A 253 24.42 17.47 3.78
N GLY A 254 25.32 16.69 4.37
CA GLY A 254 26.57 16.31 3.72
C GLY A 254 27.61 16.06 4.81
N MET A 255 28.88 16.20 4.47
CA MET A 255 29.91 15.81 5.40
C MET A 255 30.23 16.98 6.34
N GLY A 256 30.77 16.65 7.52
CA GLY A 256 31.19 17.68 8.46
C GLY A 256 32.27 18.56 7.84
N LEU A 257 33.39 17.93 7.52
CA LEU A 257 34.53 18.57 6.88
C LEU A 257 34.88 17.77 5.64
N LEU A 258 34.80 18.42 4.47
CA LEU A 258 35.31 17.85 3.23
C LEU A 258 36.44 18.73 2.71
N ALA A 259 37.66 18.17 2.69
CA ALA A 259 38.84 18.87 2.21
C ALA A 259 39.40 18.13 0.99
N GLN A 260 39.67 18.87 -0.10
CA GLN A 260 40.16 18.27 -1.32
C GLN A 260 41.26 19.13 -1.94
N LEU A 261 42.21 18.49 -2.63
CA LEU A 261 43.32 19.18 -3.28
C LEU A 261 44.00 20.16 -2.32
N THR A 262 44.14 19.74 -1.05
CA THR A 262 44.65 20.63 -0.01
C THR A 262 45.94 20.05 0.55
N GLU A 263 46.95 20.90 0.73
CA GLU A 263 48.22 20.46 1.31
C GLU A 263 48.30 20.89 2.78
N ASN A 264 48.53 19.93 3.69
CA ASN A 264 48.74 20.16 5.12
C ASN A 264 47.46 20.61 5.81
N ILE A 265 46.97 19.78 6.74
CA ILE A 265 45.74 20.03 7.46
C ILE A 265 45.98 19.64 8.92
N TYR A 266 45.64 20.57 9.82
CA TYR A 266 45.90 20.37 11.24
C TYR A 266 44.59 20.54 12.00
N MET A 267 44.24 19.52 12.80
CA MET A 267 42.98 19.50 13.50
C MET A 267 43.20 19.00 14.94
N ASP A 268 43.00 19.90 15.90
CA ASP A 268 43.00 19.54 17.31
C ASP A 268 41.68 19.98 17.90
N GLY A 269 40.90 19.03 18.45
CA GLY A 269 39.65 19.33 19.10
C GLY A 269 38.48 19.38 18.13
N PHE A 270 38.70 18.96 16.88
CA PHE A 270 37.63 18.91 15.91
C PHE A 270 36.60 17.91 16.43
N GLY A 271 35.33 18.30 16.38
CA GLY A 271 34.26 17.38 16.71
C GLY A 271 33.20 17.39 15.61
N VAL A 272 32.63 16.21 15.34
CA VAL A 272 31.31 16.15 14.74
C VAL A 272 30.46 15.35 15.71
N CYS A 273 29.67 16.05 16.52
CA CYS A 273 29.19 15.43 17.75
C CYS A 273 27.97 16.15 18.29
N LEU A 274 27.41 15.56 19.35
CA LEU A 274 26.28 16.12 20.08
C LEU A 274 26.81 17.16 21.06
N ARG A 275 25.88 17.95 21.62
CA ARG A 275 26.22 19.02 22.55
C ARG A 275 26.38 18.52 23.98
N GLY A 276 26.47 17.20 24.18
CA GLY A 276 26.67 16.66 25.52
C GLY A 276 25.63 15.60 25.84
N LYS A 277 25.59 15.17 27.10
CA LYS A 277 24.72 14.08 27.52
C LYS A 277 23.25 14.53 27.47
N ASN A 278 23.01 15.83 27.40
CA ASN A 278 21.67 16.38 27.44
C ASN A 278 21.16 16.77 26.05
N ASP A 279 21.95 16.54 25.00
CA ASP A 279 21.47 16.86 23.66
C ASP A 279 20.27 15.97 23.37
N PRO A 280 19.10 16.55 23.01
CA PRO A 280 17.93 15.74 22.66
C PRO A 280 18.12 14.92 21.39
N ARG A 281 19.07 15.36 20.53
CA ARG A 281 19.31 14.73 19.25
C ARG A 281 20.13 13.45 19.45
N TYR A 282 19.98 12.51 18.52
CA TYR A 282 20.74 11.27 18.51
C TYR A 282 21.71 11.23 17.31
N PHE A 283 21.56 12.19 16.40
CA PHE A 283 22.22 12.15 15.10
C PHE A 283 23.06 13.41 14.91
N THR A 284 24.07 13.33 14.03
CA THR A 284 24.84 14.50 13.61
C THR A 284 24.78 14.61 12.09
N THR A 285 25.92 14.46 11.42
CA THR A 285 26.01 14.80 10.01
C THR A 285 25.29 13.77 9.16
N GLN A 286 24.76 14.23 8.03
CA GLN A 286 24.06 13.41 7.06
C GLN A 286 25.04 12.52 6.30
N ALA A 287 26.34 12.83 6.35
CA ALA A 287 27.35 11.97 5.76
C ALA A 287 28.56 11.88 6.70
N ASP A 288 29.76 11.62 6.12
CA ASP A 288 31.00 11.46 6.88
C ASP A 288 31.27 12.68 7.74
N ALA A 289 31.95 12.47 8.87
CA ALA A 289 32.34 13.58 9.73
C ALA A 289 33.46 14.39 9.06
N THR A 290 34.60 13.74 8.77
CA THR A 290 35.74 14.35 8.10
C THR A 290 36.11 13.49 6.91
N HIS A 291 36.53 14.15 5.82
CA HIS A 291 36.78 13.48 4.55
C HIS A 291 37.85 14.24 3.78
N PHE A 292 38.82 13.50 3.23
CA PHE A 292 40.01 14.06 2.61
C PHE A 292 40.26 13.42 1.25
N SER A 293 39.81 14.10 0.20
CA SER A 293 39.87 13.59 -1.15
C SER A 293 41.03 14.26 -1.89
N GLY A 294 42.10 13.50 -2.12
CA GLY A 294 43.19 13.95 -2.98
C GLY A 294 43.99 15.07 -2.35
N CYS A 295 44.27 14.91 -1.04
CA CYS A 295 45.08 15.85 -0.31
C CYS A 295 46.53 15.39 -0.31
N LYS A 296 47.42 16.19 0.31
CA LYS A 296 48.82 15.83 0.40
C LYS A 296 49.44 16.55 1.58
N GLY A 297 50.76 16.45 1.70
CA GLY A 297 51.42 16.96 2.88
C GLY A 297 51.03 16.11 4.08
N GLU A 298 50.93 16.76 5.24
CA GLU A 298 50.70 16.07 6.50
C GLU A 298 49.27 16.39 6.97
N ILE A 299 48.56 15.36 7.42
CA ILE A 299 47.25 15.51 8.04
C ILE A 299 47.34 15.04 9.49
N VAL A 300 47.12 15.97 10.41
CA VAL A 300 46.98 15.66 11.82
C VAL A 300 45.50 15.81 12.18
N SER A 301 44.90 14.75 12.72
CA SER A 301 43.55 14.77 13.26
C SER A 301 43.56 14.16 14.66
N LYS A 302 43.60 14.99 15.71
CA LYS A 302 43.76 14.49 17.06
C LYS A 302 42.74 15.10 18.04
N ASN A 303 42.54 14.35 19.13
CA ASN A 303 41.71 14.74 20.25
C ASN A 303 40.34 15.22 19.77
N GLY A 304 39.71 14.42 18.91
CA GLY A 304 38.40 14.75 18.38
C GLY A 304 37.31 13.85 18.96
N LEU A 305 36.06 14.31 18.85
CA LEU A 305 34.91 13.50 19.20
C LEU A 305 33.97 13.43 18.00
N TYR A 306 33.72 12.20 17.51
CA TYR A 306 32.80 11.97 16.42
C TYR A 306 31.71 11.00 16.87
N GLU A 307 30.44 11.44 16.83
CA GLU A 307 29.37 10.58 17.29
C GLU A 307 28.10 10.80 16.47
N GLY A 308 27.39 9.70 16.22
CA GLY A 308 26.05 9.75 15.67
C GLY A 308 26.01 10.15 14.20
N MET A 309 27.14 10.11 13.50
CA MET A 309 27.14 10.51 12.11
C MET A 309 26.42 9.45 11.29
N MET A 310 25.87 9.87 10.14
CA MET A 310 25.30 8.96 9.17
C MET A 310 26.39 8.37 8.26
N ASP A 311 27.64 8.30 8.74
CA ASP A 311 28.70 7.65 7.99
C ASP A 311 29.95 7.54 8.85
N ASP A 312 31.12 7.48 8.20
CA ASP A 312 32.39 7.25 8.88
C ASP A 312 32.86 8.54 9.54
N ALA A 313 33.78 8.39 10.48
CA ALA A 313 34.39 9.53 11.15
C ALA A 313 35.42 10.20 10.22
N ILE A 314 36.31 9.39 9.65
CA ILE A 314 37.30 9.90 8.72
C ILE A 314 37.35 8.98 7.51
N ASN A 315 37.59 9.57 6.33
CA ASN A 315 37.86 8.82 5.12
C ASN A 315 38.92 9.55 4.31
N ILE A 316 40.07 8.89 4.08
CA ILE A 316 41.23 9.50 3.45
C ILE A 316 41.57 8.72 2.18
N HIS A 317 41.37 9.33 1.00
CA HIS A 317 41.44 8.57 -0.23
C HIS A 317 41.70 9.50 -1.42
N GLY A 318 42.10 8.91 -2.55
CA GLY A 318 42.21 9.63 -3.82
C GLY A 318 41.16 9.12 -4.81
N THR A 319 41.31 9.51 -6.08
CA THR A 319 40.39 9.13 -7.14
C THR A 319 41.16 8.50 -8.29
N TYR A 320 40.83 7.24 -8.61
CA TYR A 320 41.29 6.58 -9.84
C TYR A 320 40.48 7.12 -11.01
N LEU A 321 41.14 7.77 -11.99
CA LEU A 321 40.51 8.00 -13.27
C LEU A 321 40.48 6.67 -14.03
N LYS A 322 39.56 6.54 -14.97
CA LYS A 322 39.58 5.40 -15.89
C LYS A 322 39.99 5.89 -17.27
N ILE A 323 40.95 5.18 -17.88
CA ILE A 323 41.40 5.49 -19.23
C ILE A 323 40.33 5.04 -20.22
N THR A 324 39.86 5.95 -21.07
CA THR A 324 38.81 5.63 -22.03
C THR A 324 39.37 5.55 -23.44
N LYS A 325 40.56 6.12 -23.67
CA LYS A 325 41.13 6.17 -25.01
C LYS A 325 42.63 6.37 -24.88
N LYS A 326 43.40 5.76 -25.79
CA LYS A 326 44.84 5.98 -25.91
C LYS A 326 45.11 6.60 -27.28
N LEU A 327 45.58 7.85 -27.28
CA LEU A 327 45.73 8.60 -28.52
C LEU A 327 47.07 8.30 -29.18
N ASP A 328 48.11 8.05 -28.37
CA ASP A 328 49.45 7.71 -28.85
C ASP A 328 50.24 7.09 -27.70
N ASP A 329 51.58 7.00 -27.87
CA ASP A 329 52.44 6.32 -26.92
C ASP A 329 52.52 7.05 -25.57
N HIS A 330 52.25 8.36 -25.61
CA HIS A 330 52.44 9.24 -24.47
C HIS A 330 51.12 9.82 -23.95
N THR A 331 50.05 9.78 -24.76
CA THR A 331 48.84 10.54 -24.46
C THR A 331 47.63 9.63 -24.31
N VAL A 332 46.86 9.84 -23.24
CA VAL A 332 45.62 9.12 -23.04
C VAL A 332 44.51 10.13 -22.72
N ILE A 333 43.26 9.70 -22.89
CA ILE A 333 42.10 10.39 -22.34
C ILE A 333 41.58 9.55 -21.18
N ALA A 334 41.33 10.22 -20.04
CA ALA A 334 40.90 9.58 -18.81
C ALA A 334 39.72 10.33 -18.20
N ASN A 335 38.86 9.60 -17.50
CA ASN A 335 37.55 10.10 -17.11
C ASN A 335 37.30 9.87 -15.63
N TYR A 336 36.58 10.83 -15.02
CA TYR A 336 35.94 10.65 -13.72
C TYR A 336 34.70 9.78 -13.92
N MET A 337 34.49 8.79 -13.05
CA MET A 337 33.55 7.73 -13.35
C MET A 337 32.35 7.71 -12.40
N HIS A 338 32.52 8.19 -11.17
CA HIS A 338 31.45 8.16 -10.18
C HIS A 338 30.63 9.43 -10.30
N GLU A 339 29.36 9.39 -9.89
CA GLU A 339 28.48 10.54 -10.03
C GLU A 339 28.80 11.62 -8.98
N GLN A 340 29.46 11.22 -7.88
CA GLN A 340 29.60 12.10 -6.73
C GLN A 340 31.01 12.70 -6.67
N SER A 341 31.94 12.25 -7.51
CA SER A 341 33.26 12.85 -7.54
C SER A 341 33.65 13.21 -8.97
N TYR A 342 33.32 14.44 -9.37
CA TYR A 342 33.79 15.00 -10.64
C TYR A 342 33.82 16.53 -10.50
N GLY A 343 34.44 17.20 -11.48
CA GLY A 343 34.26 18.64 -11.67
C GLY A 343 35.44 19.47 -11.16
N PHE A 344 36.41 18.80 -10.54
CA PHE A 344 37.59 19.45 -9.99
C PHE A 344 38.86 18.79 -10.54
N ASP A 345 39.98 19.51 -10.43
CA ASP A 345 41.25 19.07 -11.00
C ASP A 345 41.71 17.77 -10.34
N TRP A 346 42.57 17.04 -11.05
CA TRP A 346 43.02 15.72 -10.63
C TRP A 346 44.54 15.69 -10.45
N GLY A 347 45.26 16.49 -11.24
CA GLY A 347 46.71 16.52 -11.14
C GLY A 347 47.33 17.75 -11.81
N ASN A 348 48.64 17.88 -11.64
CA ASN A 348 49.43 18.94 -12.25
C ASN A 348 50.68 18.33 -12.89
N ILE A 349 51.38 19.15 -13.68
CA ILE A 349 52.64 18.76 -14.29
C ILE A 349 53.60 18.31 -13.20
N ARG A 350 54.29 17.20 -13.45
CA ARG A 350 55.34 16.66 -12.59
C ARG A 350 54.77 15.71 -11.54
N ASP A 351 53.45 15.50 -11.54
CA ASP A 351 52.87 14.54 -10.62
C ASP A 351 53.33 13.15 -11.01
N THR A 352 53.66 12.32 -10.00
CA THR A 352 53.91 10.90 -10.19
C THR A 352 52.57 10.17 -10.31
N VAL A 353 52.44 9.31 -11.33
CA VAL A 353 51.25 8.49 -11.53
C VAL A 353 51.68 7.03 -11.62
N GLN A 354 50.76 6.12 -11.29
CA GLN A 354 50.91 4.71 -11.58
C GLN A 354 49.60 4.21 -12.19
N PHE A 355 49.67 3.09 -12.91
CA PHE A 355 48.50 2.54 -13.58
C PHE A 355 48.10 1.22 -12.94
N ILE A 356 46.78 0.94 -12.98
CA ILE A 356 46.20 -0.22 -12.34
C ILE A 356 45.36 -1.01 -13.34
N GLN A 357 45.53 -2.34 -13.29
CA GLN A 357 44.68 -3.26 -14.02
C GLN A 357 43.41 -3.47 -13.23
N SER A 358 42.36 -2.73 -13.60
CA SER A 358 41.15 -2.60 -12.80
C SER A 358 40.59 -3.97 -12.43
N LYS A 359 40.67 -4.95 -13.34
CA LYS A 359 39.91 -6.19 -13.16
C LYS A 359 40.51 -7.06 -12.06
N THR A 360 41.84 -7.12 -11.95
CA THR A 360 42.49 -7.91 -10.92
C THR A 360 43.15 -7.03 -9.85
N MET A 361 42.98 -5.70 -9.97
CA MET A 361 43.54 -4.71 -9.05
C MET A 361 45.05 -4.95 -8.87
N GLU A 362 45.73 -4.92 -10.00
CA GLU A 362 47.17 -5.12 -10.06
C GLU A 362 47.80 -3.85 -10.61
N LEU A 363 48.85 -3.41 -9.94
CA LEU A 363 49.62 -2.26 -10.37
C LEU A 363 50.65 -2.70 -11.40
N TRP A 364 50.87 -1.85 -12.40
CA TRP A 364 52.11 -1.88 -13.16
C TRP A 364 53.19 -1.12 -12.37
N ASP A 365 54.38 -1.75 -12.31
CA ASP A 365 55.53 -1.22 -11.59
C ASP A 365 56.04 0.03 -12.29
N ALA A 366 55.84 0.09 -13.61
CA ALA A 366 56.22 1.23 -14.44
C ALA A 366 55.39 2.44 -14.05
N LYS A 367 56.04 3.38 -13.37
CA LYS A 367 55.42 4.65 -13.00
C LYS A 367 55.66 5.66 -14.11
N ASN A 368 54.95 6.78 -14.04
CA ASN A 368 55.08 7.80 -15.05
C ASN A 368 54.98 9.18 -14.39
N THR A 369 54.92 10.22 -15.22
CA THR A 369 54.97 11.59 -14.76
C THR A 369 54.13 12.41 -15.73
N ILE A 370 53.29 13.30 -15.20
CA ILE A 370 52.41 14.08 -16.05
C ILE A 370 53.21 15.21 -16.67
N ALA A 371 53.25 15.24 -18.00
CA ALA A 371 53.95 16.27 -18.76
C ALA A 371 52.99 17.41 -19.10
N SER A 372 51.74 17.03 -19.36
CA SER A 372 50.67 17.96 -19.69
C SER A 372 49.35 17.37 -19.17
N ILE A 373 48.41 18.24 -18.78
CA ILE A 373 47.08 17.78 -18.41
C ILE A 373 46.09 18.93 -18.59
N LYS A 374 45.05 18.68 -19.39
CA LYS A 374 44.08 19.69 -19.76
C LYS A 374 42.69 19.05 -19.76
N PRO A 375 41.69 19.61 -19.06
CA PRO A 375 40.33 19.07 -19.15
C PRO A 375 39.75 19.28 -20.55
N ILE A 376 38.92 18.34 -21.02
CA ILE A 376 38.30 18.42 -22.32
C ILE A 376 36.86 18.91 -22.13
N LEU A 377 36.50 20.00 -22.83
CA LEU A 377 35.27 20.73 -22.59
C LEU A 377 34.70 21.22 -23.92
N ARG A 378 33.45 20.86 -24.24
CA ARG A 378 32.76 21.35 -25.42
C ARG A 378 32.46 22.84 -25.28
N ASN A 379 31.88 23.21 -24.13
CA ASN A 379 31.65 24.60 -23.74
C ASN A 379 32.52 24.93 -22.54
N SER A 380 32.97 26.18 -22.43
CA SER A 380 33.87 26.62 -21.37
C SER A 380 33.25 26.39 -19.98
N THR A 381 31.94 26.59 -19.89
CA THR A 381 31.20 26.51 -18.64
C THR A 381 31.04 25.07 -18.15
N ASP A 382 31.15 24.08 -19.05
CA ASP A 382 30.96 22.68 -18.70
C ASP A 382 31.85 22.30 -17.52
N PRO A 383 31.46 21.27 -16.74
CA PRO A 383 32.28 20.77 -15.64
C PRO A 383 33.30 19.72 -16.09
N ILE A 384 34.38 19.61 -15.32
CA ILE A 384 35.48 18.72 -15.61
C ILE A 384 35.04 17.28 -15.36
N LYS A 385 34.82 16.53 -16.45
CA LYS A 385 34.51 15.10 -16.37
C LYS A 385 35.64 14.27 -17.00
N GLU A 386 36.47 14.89 -17.86
CA GLU A 386 37.31 14.19 -18.81
C GLU A 386 38.60 14.97 -19.04
N PHE A 387 39.76 14.32 -18.85
CA PHE A 387 41.04 14.95 -19.07
C PHE A 387 41.78 14.35 -20.27
N ARG A 388 42.76 15.11 -20.79
CA ARG A 388 43.76 14.62 -21.71
C ARG A 388 45.13 14.74 -21.05
N ILE A 389 45.68 13.59 -20.64
CA ILE A 389 46.91 13.55 -19.86
C ILE A 389 48.07 13.10 -20.77
N GLU A 390 49.21 13.80 -20.70
CA GLU A 390 50.42 13.45 -21.42
C GLU A 390 51.50 13.05 -20.42
N PHE A 391 52.15 11.90 -20.66
CA PHE A 391 53.17 11.42 -19.75
C PHE A 391 54.55 11.69 -20.37
N THR A 392 55.58 11.85 -19.53
CA THR A 392 56.92 12.11 -20.01
C THR A 392 57.46 10.83 -20.66
N LYS A 393 57.34 9.69 -19.96
CA LYS A 393 57.77 8.39 -20.49
C LYS A 393 56.67 7.79 -21.36
N ALA A 394 57.07 7.00 -22.36
CA ALA A 394 56.11 6.32 -23.21
C ALA A 394 55.53 5.12 -22.47
N LEU A 395 54.29 4.76 -22.84
CA LEU A 395 53.54 3.70 -22.20
C LEU A 395 53.78 2.38 -22.93
N ASP A 396 54.02 1.31 -22.17
CA ASP A 396 54.18 -0.02 -22.74
C ASP A 396 52.84 -0.43 -23.36
N PRO A 397 52.78 -0.86 -24.65
CA PRO A 397 51.49 -1.14 -25.30
C PRO A 397 50.47 -2.02 -24.55
N VAL A 398 50.90 -2.57 -23.40
CA VAL A 398 50.05 -3.39 -22.53
C VAL A 398 49.04 -2.47 -21.85
N ILE A 399 49.36 -1.17 -21.79
CA ILE A 399 48.47 -0.17 -21.24
C ILE A 399 47.68 0.45 -22.40
N ASP A 400 46.63 -0.27 -22.77
CA ASP A 400 45.71 0.15 -23.82
C ASP A 400 44.30 -0.16 -23.32
N PRO A 401 43.38 0.83 -23.31
CA PRO A 401 42.03 0.64 -22.78
C PRO A 401 41.18 -0.38 -23.53
N SER A 402 41.54 -0.66 -24.79
CA SER A 402 40.82 -1.63 -25.60
C SER A 402 41.28 -3.06 -25.30
N LYS A 403 42.32 -3.23 -24.47
CA LYS A 403 42.78 -4.55 -24.07
C LYS A 403 42.11 -4.94 -22.75
N GLN A 404 42.12 -4.04 -21.77
CA GLN A 404 41.45 -4.28 -20.50
C GLN A 404 41.05 -2.94 -19.86
N ASP A 405 40.42 -3.01 -18.68
CA ASP A 405 40.05 -1.82 -17.95
C ASP A 405 41.23 -1.33 -17.14
N ILE A 406 41.63 -0.06 -17.35
CA ILE A 406 42.85 0.50 -16.78
C ILE A 406 42.53 1.79 -16.03
N GLY A 407 43.08 1.90 -14.81
CA GLY A 407 42.88 3.07 -13.97
C GLY A 407 44.21 3.76 -13.65
N ILE A 408 44.14 5.03 -13.20
CA ILE A 408 45.30 5.85 -12.90
C ILE A 408 45.17 6.41 -11.48
N GLU A 409 46.16 6.14 -10.62
CA GLU A 409 46.26 6.72 -9.29
C GLU A 409 47.28 7.85 -9.36
N ASN A 410 46.99 8.99 -8.71
CA ASN A 410 47.92 10.09 -8.62
C ASN A 410 48.68 9.99 -7.29
N LEU A 411 49.90 9.47 -7.33
CA LEU A 411 50.70 9.19 -6.14
C LEU A 411 51.23 10.47 -5.51
N SER A 412 51.11 11.62 -6.18
CA SER A 412 51.63 12.86 -5.64
C SER A 412 50.62 13.48 -4.67
N TRP A 413 49.34 13.48 -5.05
CA TRP A 413 48.27 13.90 -4.16
C TRP A 413 47.91 12.77 -3.20
N THR A 414 48.80 12.47 -2.26
CA THR A 414 48.55 11.47 -1.23
C THR A 414 49.09 12.01 0.09
N PRO A 415 48.28 12.17 1.14
CA PRO A 415 48.76 12.73 2.40
C PRO A 415 49.26 11.68 3.39
N SER A 416 50.21 12.08 4.24
CA SER A 416 50.58 11.30 5.41
C SER A 416 49.61 11.63 6.52
N VAL A 417 49.45 10.71 7.49
CA VAL A 417 48.31 10.80 8.39
C VAL A 417 48.75 10.47 9.82
N VAL A 418 48.26 11.30 10.75
CA VAL A 418 48.31 11.02 12.16
C VAL A 418 46.89 11.20 12.69
N PHE A 419 46.29 10.09 13.14
CA PHE A 419 44.93 10.07 13.64
C PHE A 419 44.98 9.50 15.04
N THR A 420 45.15 10.37 16.05
CA THR A 420 45.43 9.93 17.41
C THR A 420 44.46 10.58 18.40
N GLY A 421 44.11 9.79 19.41
CA GLY A 421 43.42 10.29 20.60
C GLY A 421 41.99 10.74 20.32
N ASN A 422 41.37 10.21 19.25
CA ASN A 422 39.99 10.55 18.92
C ASN A 422 39.06 9.56 19.61
N THR A 423 37.76 9.92 19.65
CA THR A 423 36.70 9.01 20.07
C THR A 423 35.68 8.93 18.95
N ILE A 424 35.42 7.72 18.44
CA ILE A 424 34.34 7.50 17.48
C ILE A 424 33.32 6.55 18.10
N ARG A 425 32.04 6.90 17.93
CA ARG A 425 31.00 6.06 18.51
C ARG A 425 29.64 6.31 17.88
N ASN A 426 28.79 5.27 17.98
CA ASN A 426 27.38 5.34 17.68
C ASN A 426 27.16 5.97 16.31
N ASN A 427 27.81 5.43 15.27
CA ASN A 427 27.70 6.01 13.94
C ASN A 427 27.44 4.91 12.92
N ARG A 428 26.82 5.32 11.81
CA ARG A 428 26.52 4.42 10.72
C ARG A 428 27.79 4.05 9.97
N ALA A 429 27.75 2.88 9.33
CA ALA A 429 28.83 2.40 8.48
C ALA A 429 30.08 2.17 9.34
N ARG A 430 31.26 2.31 8.71
CA ARG A 430 32.52 2.01 9.36
C ARG A 430 32.95 3.17 10.26
N GLY A 431 34.00 2.95 11.05
CA GLY A 431 34.57 3.97 11.90
C GLY A 431 35.48 4.91 11.11
N ALA A 432 36.48 4.32 10.45
CA ALA A 432 37.55 5.07 9.81
C ALA A 432 38.04 4.34 8.54
N LEU A 433 38.21 5.10 7.46
CA LEU A 433 38.73 4.58 6.20
C LEU A 433 40.08 5.22 5.91
N PHE A 434 41.09 4.39 5.62
CA PHE A 434 42.41 4.87 5.25
C PHE A 434 42.85 4.22 3.94
N SER A 435 43.29 5.05 3.00
CA SER A 435 43.65 4.62 1.67
C SER A 435 44.82 5.46 1.16
N THR A 436 45.93 5.45 1.89
CA THR A 436 47.05 6.27 1.46
C THR A 436 48.34 5.46 1.54
N PRO A 437 49.14 5.50 0.46
CA PRO A 437 50.45 4.84 0.43
C PRO A 437 51.43 5.46 1.42
N LYS A 438 51.17 6.71 1.82
CA LYS A 438 52.06 7.46 2.70
C LYS A 438 51.97 6.91 4.13
N PRO A 439 52.95 7.23 5.00
CA PRO A 439 52.94 6.71 6.37
C PRO A 439 51.70 7.19 7.12
N THR A 440 51.11 6.27 7.89
CA THR A 440 49.85 6.52 8.58
C THR A 440 49.96 6.00 10.01
N LEU A 441 49.60 6.83 10.99
CA LEU A 441 49.53 6.39 12.37
C LEU A 441 48.10 6.55 12.87
N VAL A 442 47.55 5.45 13.40
CA VAL A 442 46.21 5.39 13.94
C VAL A 442 46.35 4.86 15.37
N ALA A 443 46.32 5.75 16.37
CA ALA A 443 46.73 5.38 17.71
C ALA A 443 45.88 6.05 18.79
N ASN A 444 45.81 5.38 19.94
CA ASN A 444 45.07 5.83 21.12
C ASN A 444 43.70 6.38 20.75
N ASN A 445 42.99 5.71 19.85
CA ASN A 445 41.62 6.05 19.54
C ASN A 445 40.68 5.11 20.29
N LEU A 446 39.45 5.59 20.54
CA LEU A 446 38.39 4.79 21.13
C LEU A 446 37.28 4.63 20.10
N PHE A 447 37.05 3.37 19.70
CA PHE A 447 35.94 3.02 18.82
C PHE A 447 34.82 2.37 19.66
N ASP A 448 34.00 3.22 20.28
CA ASP A 448 32.97 2.79 21.21
C ASP A 448 31.66 2.60 20.44
N HIS A 449 31.30 1.34 20.17
CA HIS A 449 30.04 1.02 19.53
C HIS A 449 29.87 1.75 18.20
N THR A 450 30.83 1.56 17.29
CA THR A 450 30.59 1.82 15.88
C THR A 450 29.59 0.79 15.38
N SER A 451 28.74 1.16 14.42
CA SER A 451 27.70 0.25 13.98
C SER A 451 28.35 -0.86 13.16
N GLY A 452 29.19 -0.44 12.21
CA GLY A 452 29.91 -1.36 11.33
C GLY A 452 31.28 -1.73 11.89
N CYS A 453 32.27 -1.82 10.99
CA CYS A 453 33.61 -2.19 11.39
C CYS A 453 34.37 -0.93 11.82
N ALA A 454 35.38 -1.13 12.67
CA ALA A 454 36.12 -0.02 13.22
C ALA A 454 36.96 0.67 12.14
N ILE A 455 37.73 -0.14 11.38
CA ILE A 455 38.68 0.40 10.41
C ILE A 455 38.53 -0.36 9.09
N LEU A 456 38.59 0.38 7.99
CA LEU A 456 38.51 -0.20 6.66
C LEU A 456 39.59 0.37 5.74
N LEU A 457 40.50 -0.52 5.28
CA LEU A 457 41.42 -0.21 4.20
C LEU A 457 40.87 -0.86 2.93
N CYS A 458 40.39 -0.03 1.99
CA CYS A 458 39.65 -0.53 0.84
C CYS A 458 40.50 -0.33 -0.42
N GLY A 459 40.03 0.50 -1.37
CA GLY A 459 40.62 0.57 -2.70
C GLY A 459 39.72 -0.12 -3.72
N ASP A 460 39.29 0.63 -4.73
CA ASP A 460 38.25 0.19 -5.66
C ASP A 460 38.35 1.02 -6.93
N SER A 461 38.62 0.37 -8.08
CA SER A 461 38.68 1.02 -9.38
C SER A 461 37.59 0.50 -10.31
N ASN A 462 36.40 0.24 -9.76
CA ASN A 462 35.29 -0.31 -10.53
C ASN A 462 33.97 0.34 -10.08
N GLY A 463 33.78 0.46 -8.77
CA GLY A 463 32.56 1.02 -8.21
C GLY A 463 32.75 2.46 -7.75
N TRP A 464 33.44 2.61 -6.61
CA TRP A 464 33.64 3.89 -5.95
C TRP A 464 34.73 4.74 -6.60
N TYR A 465 35.68 4.07 -7.28
CA TYR A 465 36.81 4.73 -7.94
C TYR A 465 37.61 5.53 -6.94
N GLU A 466 37.85 4.95 -5.76
CA GLU A 466 38.60 5.59 -4.68
C GLU A 466 39.93 4.87 -4.47
N THR A 467 41.04 5.63 -4.58
CA THR A 467 42.37 5.03 -4.55
C THR A 467 42.74 4.73 -3.09
N GLY A 468 43.71 3.81 -2.96
CA GLY A 468 44.40 3.60 -1.71
C GLY A 468 45.00 2.22 -1.60
N SER A 469 45.96 1.89 -2.46
CA SER A 469 46.92 0.87 -2.10
C SER A 469 47.75 1.43 -0.93
N CYS A 470 47.67 0.77 0.23
CA CYS A 470 48.39 1.16 1.43
C CYS A 470 49.77 0.51 1.45
N ARG A 471 50.76 1.22 1.99
CA ARG A 471 52.13 0.75 1.99
C ARG A 471 52.76 0.82 3.38
N ASP A 472 52.14 1.57 4.29
CA ASP A 472 52.80 1.92 5.52
C ASP A 472 51.77 2.49 6.48
N ILE A 473 51.38 1.69 7.49
CA ILE A 473 50.28 2.04 8.37
C ILE A 473 50.40 1.24 9.66
N THR A 474 50.37 1.96 10.79
CA THR A 474 50.43 1.37 12.10
C THR A 474 49.12 1.69 12.82
N ILE A 475 48.39 0.64 13.21
CA ILE A 475 47.18 0.74 14.01
C ILE A 475 47.53 0.21 15.40
N ARG A 476 47.81 1.12 16.33
CA ARG A 476 48.35 0.72 17.62
C ARG A 476 47.64 1.44 18.78
N ASP A 477 47.63 0.75 19.93
CA ASP A 477 47.16 1.28 21.20
C ASP A 477 45.75 1.85 21.08
N ASN A 478 44.90 1.21 20.27
CA ASN A 478 43.51 1.61 20.15
C ASN A 478 42.64 0.69 21.01
N LYS A 479 41.39 1.10 21.18
CA LYS A 479 40.43 0.30 21.91
C LYS A 479 39.19 0.19 21.04
N PHE A 480 38.77 -1.06 20.81
CA PHE A 480 37.62 -1.36 19.97
C PHE A 480 36.58 -2.06 20.83
N VAL A 481 35.47 -1.37 21.10
CA VAL A 481 34.42 -1.94 21.93
C VAL A 481 33.20 -2.25 21.06
N ASN A 482 32.75 -3.50 21.13
CA ASN A 482 31.55 -4.00 20.47
C ASN A 482 31.29 -3.30 19.14
N ALA A 483 32.30 -3.37 18.26
CA ALA A 483 32.15 -3.01 16.87
C ALA A 483 31.40 -4.12 16.12
N LEU A 484 30.77 -3.73 15.01
CA LEU A 484 30.05 -4.62 14.11
C LEU A 484 28.81 -5.20 14.77
N THR A 485 27.88 -4.33 15.16
CA THR A 485 26.55 -4.79 15.55
C THR A 485 25.61 -4.75 14.35
N SER A 486 26.09 -4.22 13.21
CA SER A 486 25.26 -4.08 12.02
C SER A 486 26.13 -4.19 10.79
N MET A 487 25.60 -4.81 9.72
CA MET A 487 26.34 -5.00 8.50
C MET A 487 26.18 -3.78 7.58
N TYR A 488 27.30 -3.41 6.94
CA TYR A 488 27.34 -2.47 5.83
C TYR A 488 28.38 -2.99 4.84
N GLN A 489 28.46 -2.38 3.65
CA GLN A 489 29.44 -2.79 2.66
C GLN A 489 30.80 -2.94 3.37
N PHE A 490 31.41 -4.12 3.20
CA PHE A 490 32.80 -4.36 3.56
C PHE A 490 33.01 -4.69 5.04
N THR A 491 31.94 -4.78 5.84
CA THR A 491 32.13 -4.96 7.27
C THR A 491 32.24 -6.45 7.61
N SER A 492 33.44 -7.00 7.41
CA SER A 492 33.68 -8.43 7.53
C SER A 492 34.34 -8.79 8.88
N ALA A 493 35.02 -7.82 9.50
CA ALA A 493 35.58 -7.97 10.84
C ALA A 493 35.85 -6.59 11.43
N ILE A 494 36.20 -6.56 12.72
CA ILE A 494 36.40 -5.28 13.39
C ILE A 494 37.37 -4.43 12.58
N ILE A 495 38.54 -5.01 12.24
CA ILE A 495 39.43 -4.43 11.24
C ILE A 495 39.27 -5.21 9.95
N SER A 496 38.79 -4.53 8.90
CA SER A 496 38.58 -5.15 7.60
C SER A 496 39.54 -4.55 6.58
N ILE A 497 40.38 -5.41 5.98
CA ILE A 497 41.24 -4.97 4.89
C ILE A 497 40.66 -5.58 3.62
N TYR A 498 39.78 -4.82 2.96
CA TYR A 498 38.89 -5.33 1.94
C TYR A 498 38.95 -4.41 0.71
N PRO A 499 39.94 -4.61 -0.17
CA PRO A 499 39.90 -4.00 -1.50
C PRO A 499 38.85 -4.64 -2.40
N GLU A 500 38.22 -3.81 -3.25
CA GLU A 500 37.26 -4.29 -4.24
C GLU A 500 37.98 -4.88 -5.44
N ILE A 501 38.02 -6.21 -5.47
CA ILE A 501 38.70 -7.00 -6.49
C ILE A 501 37.69 -7.89 -7.21
N PRO A 502 37.27 -7.53 -8.46
CA PRO A 502 36.40 -8.39 -9.27
C PRO A 502 36.91 -9.82 -9.45
N ASP A 503 38.16 -9.95 -9.89
CA ASP A 503 38.75 -11.24 -10.20
C ASP A 503 39.93 -11.51 -9.27
N LEU A 504 39.68 -12.17 -8.13
CA LEU A 504 40.72 -12.43 -7.15
C LEU A 504 41.51 -13.70 -7.52
N THR A 505 40.86 -14.69 -8.14
CA THR A 505 41.53 -15.96 -8.37
C THR A 505 42.77 -15.76 -9.25
N ASN A 506 42.68 -14.83 -10.21
CA ASN A 506 43.73 -14.59 -11.19
C ASN A 506 44.77 -13.54 -10.76
N GLN A 507 44.60 -12.97 -9.56
CA GLN A 507 45.50 -11.94 -9.08
C GLN A 507 46.82 -12.58 -8.66
N LYS A 508 47.93 -11.98 -9.13
CA LYS A 508 49.28 -12.41 -8.81
C LYS A 508 49.94 -11.44 -7.81
N LYS A 509 49.62 -10.15 -7.94
CA LYS A 509 50.25 -9.09 -7.18
C LYS A 509 49.35 -8.69 -6.00
N TYR A 510 49.99 -8.44 -4.85
CA TYR A 510 49.27 -8.05 -3.64
C TYR A 510 49.02 -6.56 -3.68
N PHE A 511 47.80 -6.14 -3.28
CA PHE A 511 47.36 -4.76 -3.44
C PHE A 511 47.87 -3.86 -2.31
N HIS A 512 47.76 -4.35 -1.06
CA HIS A 512 48.22 -3.63 0.11
C HIS A 512 49.49 -4.27 0.65
N SER A 513 50.29 -3.46 1.35
CA SER A 513 51.50 -3.95 2.01
C SER A 513 51.83 -3.07 3.21
N GLY A 514 52.62 -3.64 4.13
CA GLY A 514 53.20 -2.90 5.24
C GLY A 514 52.14 -2.46 6.22
N ILE A 515 51.32 -3.41 6.68
CA ILE A 515 50.28 -3.13 7.64
C ILE A 515 50.68 -3.74 8.98
N ARG A 516 50.75 -2.90 10.00
CA ARG A 516 51.11 -3.32 11.35
C ARG A 516 49.97 -3.02 12.32
N ILE A 517 49.54 -4.05 13.05
CA ILE A 517 48.46 -3.96 14.00
C ILE A 517 49.01 -4.44 15.35
N LEU A 518 49.36 -3.47 16.21
CA LEU A 518 50.15 -3.77 17.40
C LEU A 518 49.46 -3.17 18.63
N ASN A 519 49.34 -4.01 19.67
CA ASN A 519 48.98 -3.56 21.01
C ASN A 519 47.63 -2.86 21.02
N ASN A 520 46.60 -3.53 20.49
CA ASN A 520 45.24 -3.01 20.55
C ASN A 520 44.45 -3.86 21.54
N GLN A 521 43.29 -3.33 21.92
CA GLN A 521 42.35 -4.06 22.75
C GLN A 521 41.03 -4.19 22.00
N PHE A 522 40.57 -5.43 21.85
CA PHE A 522 39.31 -5.74 21.19
C PHE A 522 38.35 -6.32 22.21
N ASP A 523 37.39 -5.50 22.66
CA ASP A 523 36.25 -6.00 23.41
C ASP A 523 35.17 -6.35 22.38
N THR A 524 34.83 -7.63 22.29
CA THR A 524 33.85 -8.09 21.32
C THR A 524 33.01 -9.23 21.91
N PHE A 525 31.77 -9.29 21.40
CA PHE A 525 30.78 -10.30 21.72
C PHE A 525 30.79 -11.40 20.67
N ASP A 526 31.36 -11.09 19.50
CA ASP A 526 31.31 -11.95 18.32
C ASP A 526 32.68 -12.60 18.09
N GLN A 527 32.91 -13.07 16.85
CA GLN A 527 34.14 -13.75 16.46
C GLN A 527 35.07 -12.87 15.63
N PRO A 528 34.69 -12.34 14.44
CA PRO A 528 35.65 -11.76 13.50
C PRO A 528 36.42 -10.54 13.98
N ILE A 529 37.76 -10.65 13.99
CA ILE A 529 38.66 -9.62 14.51
C ILE A 529 39.36 -8.92 13.35
N LEU A 530 39.96 -9.72 12.46
CA LEU A 530 40.71 -9.24 11.32
C LEU A 530 40.31 -10.00 10.07
N TYR A 531 39.93 -9.27 9.02
CA TYR A 531 39.74 -9.81 7.69
C TYR A 531 40.73 -9.12 6.76
N ALA A 532 41.43 -9.90 5.93
CA ALA A 532 42.51 -9.37 5.12
C ALA A 532 42.53 -10.03 3.75
N LYS A 533 42.37 -9.20 2.72
CA LYS A 533 42.34 -9.66 1.34
C LYS A 533 43.39 -8.89 0.53
N SER A 534 44.36 -9.63 -0.04
CA SER A 534 45.36 -9.12 -0.97
C SER A 534 46.37 -8.24 -0.26
N VAL A 535 47.10 -8.84 0.68
CA VAL A 535 48.08 -8.13 1.47
C VAL A 535 49.42 -8.87 1.41
N ASP A 536 50.49 -8.10 1.21
CA ASP A 536 51.85 -8.60 1.38
C ASP A 536 52.49 -7.85 2.56
N GLY A 537 52.58 -8.53 3.71
CA GLY A 537 53.10 -7.92 4.93
C GLY A 537 51.97 -7.48 5.86
N LEU A 538 51.74 -8.27 6.92
CA LEU A 538 50.64 -8.04 7.83
C LEU A 538 51.07 -8.46 9.23
N VAL A 539 51.44 -7.48 10.05
CA VAL A 539 51.87 -7.73 11.42
C VAL A 539 50.67 -7.60 12.35
N PHE A 540 50.49 -8.61 13.20
CA PHE A 540 49.46 -8.61 14.22
C PHE A 540 50.08 -9.11 15.51
N THR A 541 50.50 -8.18 16.39
CA THR A 541 51.26 -8.56 17.57
C THR A 541 50.81 -7.76 18.79
N GLY A 542 50.85 -8.45 19.94
CA GLY A 542 50.67 -7.83 21.25
C GLY A 542 49.22 -7.39 21.51
N ASN A 543 48.26 -7.97 20.77
CA ASN A 543 46.87 -7.55 20.84
C ASN A 543 46.11 -8.41 21.85
N LYS A 544 45.12 -7.79 22.48
CA LYS A 544 44.33 -8.41 23.53
C LYS A 544 42.87 -8.45 23.08
N ILE A 545 42.28 -9.65 23.16
CA ILE A 545 40.90 -9.82 22.78
C ILE A 545 40.14 -10.30 24.00
N GLN A 546 39.11 -9.53 24.37
CA GLN A 546 38.30 -9.80 25.55
C GLN A 546 36.86 -10.04 25.08
N THR A 547 36.30 -11.19 25.48
CA THR A 547 34.96 -11.58 25.06
C THR A 547 33.95 -11.02 26.06
N ASN A 548 32.78 -10.64 25.55
CA ASN A 548 31.66 -10.21 26.37
C ASN A 548 30.37 -10.75 25.76
N LYS A 549 29.23 -10.51 26.41
CA LYS A 549 27.96 -11.03 25.92
C LYS A 549 26.89 -9.94 25.86
N GLU A 550 27.30 -8.69 25.61
CA GLU A 550 26.38 -7.56 25.55
C GLU A 550 25.40 -7.75 24.39
N TYR A 551 25.80 -8.52 23.38
CA TYR A 551 24.91 -8.90 22.29
C TYR A 551 25.17 -10.33 21.86
N PRO A 552 24.22 -10.97 21.13
CA PRO A 552 24.46 -12.29 20.53
C PRO A 552 25.45 -12.24 19.36
N ALA A 553 26.37 -13.22 19.30
CA ALA A 553 27.15 -13.45 18.11
C ALA A 553 26.21 -13.66 16.92
N PHE A 554 26.59 -13.20 15.71
CA PHE A 554 25.70 -13.34 14.57
C PHE A 554 26.41 -13.33 13.22
N HIS A 555 27.64 -12.82 13.14
CA HIS A 555 28.31 -12.55 11.88
C HIS A 555 28.51 -13.86 11.13
N SER A 556 28.30 -13.82 9.80
CA SER A 556 28.44 -15.00 8.96
C SER A 556 29.88 -15.52 9.03
N ASN A 557 30.85 -14.63 8.89
CA ASN A 557 32.25 -14.93 9.15
C ASN A 557 32.41 -15.31 10.62
N LYS A 558 32.70 -16.60 10.90
CA LYS A 558 32.81 -17.10 12.26
C LYS A 558 34.26 -17.33 12.65
N LYS A 559 35.18 -16.69 11.94
CA LYS A 559 36.61 -16.87 12.16
C LYS A 559 37.22 -15.57 12.66
N ARG A 560 37.94 -15.67 13.78
CA ARG A 560 38.66 -14.51 14.29
C ARG A 560 39.56 -13.93 13.19
N PHE A 561 40.36 -14.79 12.55
CA PHE A 561 41.24 -14.35 11.47
C PHE A 561 40.82 -15.04 10.17
N LEU A 562 40.65 -14.23 9.12
CA LEU A 562 40.25 -14.69 7.80
C LEU A 562 41.15 -14.01 6.77
N PHE A 563 42.04 -14.79 6.15
CA PHE A 563 42.99 -14.26 5.16
C PHE A 563 42.66 -14.82 3.78
N GLU A 564 42.74 -13.95 2.76
CA GLU A 564 42.53 -14.32 1.37
C GLU A 564 43.58 -13.62 0.51
N ARG A 565 44.53 -14.41 -0.02
CA ARG A 565 45.64 -13.89 -0.80
C ARG A 565 46.48 -12.97 0.08
N VAL A 566 46.97 -13.54 1.19
CA VAL A 566 47.77 -12.82 2.17
C VAL A 566 49.06 -13.59 2.41
N ILE A 567 50.19 -12.96 2.09
CA ILE A 567 51.47 -13.45 2.54
C ILE A 567 52.05 -12.43 3.53
N GLY A 568 53.11 -12.85 4.22
CA GLY A 568 53.92 -11.96 5.03
C GLY A 568 53.33 -11.78 6.43
N VAL A 569 52.71 -12.83 6.97
CA VAL A 569 51.99 -12.70 8.22
C VAL A 569 52.93 -12.96 9.38
N ASP A 570 52.97 -11.99 10.30
CA ASP A 570 53.71 -12.10 11.55
C ASP A 570 52.70 -11.96 12.68
N PHE A 571 52.66 -12.98 13.55
CA PHE A 571 51.57 -13.10 14.50
C PHE A 571 52.08 -13.67 15.83
N SER A 572 52.25 -12.79 16.82
CA SER A 572 52.84 -13.19 18.09
C SER A 572 52.37 -12.30 19.23
N ASP A 573 52.32 -12.89 20.43
CA ASP A 573 52.06 -12.19 21.68
C ASP A 573 50.62 -11.68 21.73
N ASN A 574 49.72 -12.35 20.99
CA ASN A 574 48.29 -12.06 21.04
C ASN A 574 47.63 -12.96 22.07
N LYS A 575 46.50 -12.50 22.63
CA LYS A 575 45.78 -13.25 23.64
C LYS A 575 44.27 -13.16 23.39
N VAL A 576 43.54 -14.16 23.88
CA VAL A 576 42.09 -14.12 23.90
C VAL A 576 41.63 -14.52 25.30
N ASP A 577 41.05 -13.57 26.02
CA ASP A 577 40.62 -13.76 27.40
C ASP A 577 41.83 -14.15 28.25
N GLY A 578 42.98 -13.53 27.96
CA GLY A 578 44.19 -13.71 28.76
C GLY A 578 44.91 -15.02 28.46
N LYS A 579 44.48 -15.75 27.43
CA LYS A 579 45.15 -16.98 27.03
C LYS A 579 45.78 -16.76 25.66
N PRO A 580 47.03 -17.22 25.42
CA PRO A 580 47.70 -17.03 24.13
C PRO A 580 47.03 -17.76 22.98
N ILE A 581 47.13 -17.18 21.78
CA ILE A 581 46.70 -17.79 20.53
C ILE A 581 47.87 -17.66 19.55
N GLU A 582 48.50 -18.79 19.19
CA GLU A 582 49.62 -18.78 18.26
C GLU A 582 49.21 -19.45 16.95
N MET A 583 49.90 -19.12 15.84
CA MET A 583 49.68 -19.76 14.55
C MET A 583 50.30 -21.14 14.54
N LEU A 584 51.53 -21.21 15.04
CA LEU A 584 52.18 -22.51 15.24
C LEU A 584 51.76 -23.02 16.63
N SER B 1 -19.96 -55.44 -38.00
CA SER B 1 -21.37 -55.59 -37.52
C SER B 1 -21.77 -57.06 -37.51
N GLU B 2 -21.17 -57.87 -38.38
CA GLU B 2 -21.19 -59.32 -38.26
C GLU B 2 -20.08 -59.76 -37.31
N PHE B 3 -19.29 -58.78 -36.83
CA PHE B 3 -18.18 -58.95 -35.93
C PHE B 3 -18.47 -58.23 -34.62
N ASN B 4 -17.98 -58.76 -33.50
CA ASN B 4 -18.09 -58.06 -32.22
C ASN B 4 -17.11 -56.91 -32.22
N VAL B 5 -15.86 -57.20 -32.63
CA VAL B 5 -14.83 -56.19 -32.81
C VAL B 5 -14.31 -56.28 -34.23
N LYS B 6 -14.14 -55.13 -34.90
CA LYS B 6 -13.47 -55.10 -36.19
C LYS B 6 -12.00 -54.78 -35.98
N ILE B 7 -11.12 -55.76 -36.26
CA ILE B 7 -9.71 -55.61 -35.96
C ILE B 7 -8.98 -55.29 -37.27
N TYR B 8 -8.27 -54.16 -37.30
CA TYR B 8 -7.48 -53.77 -38.47
C TYR B 8 -6.01 -53.97 -38.12
N LYS B 9 -5.44 -55.09 -38.60
CA LYS B 9 -4.01 -55.26 -38.61
C LYS B 9 -3.45 -54.25 -39.62
N LEU B 10 -2.54 -53.38 -39.17
CA LEU B 10 -2.14 -52.23 -39.98
C LEU B 10 -1.40 -52.70 -41.24
N SER B 11 -0.60 -53.77 -41.09
CA SER B 11 0.20 -54.30 -42.18
C SER B 11 -0.67 -54.80 -43.34
N ALA B 12 -1.92 -55.15 -43.06
CA ALA B 12 -2.85 -55.53 -44.10
C ALA B 12 -3.37 -54.31 -44.86
N TYR B 13 -3.09 -53.10 -44.35
CA TYR B 13 -3.61 -51.88 -44.94
C TYR B 13 -2.46 -50.94 -45.29
N GLY B 14 -1.31 -51.51 -45.66
CA GLY B 14 -0.24 -50.77 -46.31
C GLY B 14 0.68 -50.02 -45.33
N ILE B 15 0.69 -50.45 -44.06
CA ILE B 15 1.42 -49.75 -43.01
C ILE B 15 2.27 -50.76 -42.22
N LYS B 16 3.55 -50.81 -42.60
CA LYS B 16 4.45 -51.88 -42.18
C LYS B 16 5.50 -51.32 -41.22
N PRO B 17 6.04 -52.15 -40.28
CA PRO B 17 7.14 -51.74 -39.42
C PRO B 17 8.48 -51.78 -40.12
N ASN B 18 9.41 -50.92 -39.70
CA ASN B 18 10.79 -50.93 -40.15
C ASN B 18 10.89 -50.58 -41.63
N SER B 19 9.89 -49.87 -42.16
CA SER B 19 9.90 -49.42 -43.54
C SER B 19 10.75 -48.15 -43.65
N GLY B 20 10.82 -47.40 -42.55
CA GLY B 20 11.50 -46.11 -42.55
C GLY B 20 10.75 -45.05 -43.35
N LYS B 21 9.50 -45.32 -43.75
CA LYS B 21 8.72 -44.34 -44.50
C LYS B 21 7.79 -43.58 -43.55
N ASN B 22 7.28 -42.46 -44.05
CA ASN B 22 6.43 -41.55 -43.29
C ASN B 22 5.08 -42.22 -43.07
N THR B 23 4.81 -42.61 -41.82
CA THR B 23 3.59 -43.34 -41.48
C THR B 23 2.43 -42.36 -41.27
N THR B 24 2.74 -41.06 -41.17
CA THR B 24 1.76 -40.07 -40.73
C THR B 24 0.62 -39.96 -41.73
N PRO B 25 0.87 -39.70 -43.03
CA PRO B 25 -0.23 -39.48 -43.99
C PRO B 25 -1.08 -40.72 -44.25
N LEU B 26 -0.45 -41.91 -44.06
CA LEU B 26 -1.09 -43.21 -44.27
C LEU B 26 -2.08 -43.51 -43.15
N LEU B 27 -1.60 -43.46 -41.90
CA LEU B 27 -2.44 -43.78 -40.76
C LEU B 27 -3.55 -42.74 -40.62
N THR B 28 -3.25 -41.48 -40.99
CA THR B 28 -4.22 -40.41 -40.98
C THR B 28 -5.35 -40.72 -41.97
N SER B 29 -5.00 -40.97 -43.23
CA SER B 29 -5.97 -41.29 -44.25
C SER B 29 -6.79 -42.53 -43.86
N LEU B 30 -6.15 -43.51 -43.22
CA LEU B 30 -6.77 -44.79 -42.90
C LEU B 30 -7.83 -44.64 -41.81
N LEU B 31 -7.45 -44.04 -40.66
CA LEU B 31 -8.37 -43.77 -39.56
C LEU B 31 -9.58 -43.00 -40.06
N LYS B 32 -9.35 -42.01 -40.94
CA LYS B 32 -10.42 -41.22 -41.48
C LYS B 32 -11.46 -42.12 -42.15
N GLU B 33 -10.97 -43.15 -42.86
CA GLU B 33 -11.84 -44.08 -43.57
C GLU B 33 -12.55 -44.98 -42.57
N ILE B 34 -11.80 -45.61 -41.65
CA ILE B 34 -12.36 -46.51 -40.65
C ILE B 34 -13.44 -45.79 -39.85
N LYS B 35 -13.24 -44.48 -39.61
CA LYS B 35 -14.23 -43.68 -38.91
C LYS B 35 -15.49 -43.57 -39.75
N SER B 36 -15.34 -43.21 -41.03
CA SER B 36 -16.47 -42.88 -41.89
C SER B 36 -17.37 -44.11 -42.11
N LYS B 37 -16.87 -45.30 -41.78
CA LYS B 37 -17.64 -46.52 -41.94
C LYS B 37 -18.23 -46.99 -40.63
N THR B 38 -17.43 -47.03 -39.56
CA THR B 38 -17.92 -47.52 -38.28
C THR B 38 -18.95 -46.54 -37.71
N SER B 39 -20.18 -47.04 -37.52
CA SER B 39 -21.19 -46.35 -36.74
C SER B 39 -20.73 -46.25 -35.28
N ASP B 40 -21.61 -45.82 -34.37
CA ASP B 40 -21.12 -45.36 -33.08
C ASP B 40 -20.84 -46.54 -32.14
N LEU B 41 -21.83 -47.42 -31.93
CA LEU B 41 -21.66 -48.50 -30.97
C LEU B 41 -20.71 -49.58 -31.51
N ASP B 42 -20.40 -49.52 -32.81
CA ASP B 42 -19.37 -50.34 -33.43
C ASP B 42 -18.04 -50.20 -32.69
N LYS B 43 -17.35 -51.34 -32.48
CA LYS B 43 -16.07 -51.37 -31.80
C LYS B 43 -14.93 -51.63 -32.79
N VAL B 44 -13.80 -50.96 -32.57
CA VAL B 44 -12.67 -50.94 -33.48
C VAL B 44 -11.39 -51.27 -32.71
N ILE B 45 -10.45 -51.94 -33.36
CA ILE B 45 -9.08 -52.04 -32.87
C ILE B 45 -8.14 -51.74 -34.04
N ILE B 46 -7.09 -50.95 -33.76
CA ILE B 46 -6.02 -50.66 -34.71
C ILE B 46 -4.75 -51.31 -34.17
N GLN B 47 -4.13 -52.21 -34.96
CA GLN B 47 -3.08 -53.07 -34.43
C GLN B 47 -1.76 -52.91 -35.19
N PHE B 48 -0.73 -52.44 -34.45
CA PHE B 48 0.64 -52.34 -34.91
C PHE B 48 1.39 -53.64 -34.60
N GLU B 49 2.50 -53.89 -35.33
CA GLU B 49 3.32 -55.08 -35.15
C GLU B 49 4.63 -54.72 -34.46
N LYS B 50 5.45 -55.73 -34.15
CA LYS B 50 6.82 -55.57 -33.69
C LYS B 50 7.62 -54.75 -34.70
N GLY B 51 8.44 -53.85 -34.15
CA GLY B 51 9.30 -53.00 -34.95
C GLY B 51 8.89 -51.54 -34.85
N ARG B 52 9.39 -50.74 -35.79
CA ARG B 52 9.46 -49.30 -35.65
C ARG B 52 8.66 -48.62 -36.76
N TYR B 53 7.78 -47.69 -36.36
CA TYR B 53 7.06 -46.83 -37.28
C TYR B 53 7.55 -45.39 -37.05
N ASP B 54 7.99 -44.73 -38.12
CA ASP B 54 8.43 -43.34 -38.05
C ASP B 54 7.28 -42.44 -38.51
N PHE B 55 7.08 -41.33 -37.78
CA PHE B 55 6.10 -40.30 -38.12
C PHE B 55 6.83 -38.98 -38.30
N TYR B 56 6.56 -38.31 -39.42
CA TYR B 56 7.13 -36.99 -39.67
C TYR B 56 6.00 -35.95 -39.72
N PRO B 57 6.31 -34.65 -39.58
CA PRO B 57 5.31 -33.61 -39.75
C PRO B 57 4.52 -33.66 -41.06
N GLU B 58 5.15 -34.10 -42.14
CA GLU B 58 4.53 -34.03 -43.46
C GLU B 58 3.29 -34.92 -43.48
N GLY B 59 2.15 -34.33 -43.87
CA GLY B 59 0.90 -35.06 -44.03
C GLY B 59 0.11 -35.19 -42.73
N ALA B 60 0.63 -34.58 -41.65
CA ALA B 60 -0.04 -34.55 -40.36
C ALA B 60 -1.23 -33.60 -40.41
N ILE B 61 -2.19 -33.85 -39.52
CA ILE B 61 -3.29 -32.91 -39.33
C ILE B 61 -2.74 -31.72 -38.55
N LYS B 62 -3.30 -30.54 -38.81
CA LYS B 62 -2.95 -29.34 -38.05
C LYS B 62 -4.17 -28.87 -37.27
N ARG B 63 -4.17 -29.19 -35.96
CA ARG B 63 -5.24 -28.82 -35.05
C ARG B 63 -4.79 -27.63 -34.17
N GLU B 64 -5.73 -26.70 -33.97
CA GLU B 64 -5.58 -25.67 -32.95
C GLU B 64 -6.09 -26.23 -31.62
N TYR B 65 -5.17 -26.55 -30.72
CA TYR B 65 -5.52 -27.07 -29.40
C TYR B 65 -5.06 -26.11 -28.31
N TYR B 66 -5.89 -25.97 -27.27
CA TYR B 66 -5.46 -25.32 -26.04
C TYR B 66 -5.24 -26.40 -25.00
N ILE B 67 -4.04 -26.38 -24.42
CA ILE B 67 -3.55 -27.47 -23.60
C ILE B 67 -3.16 -26.91 -22.24
N SER B 68 -3.74 -27.47 -21.18
CA SER B 68 -3.44 -27.03 -19.83
C SER B 68 -1.96 -27.26 -19.54
N ASN B 69 -1.34 -26.23 -18.96
CA ASN B 69 -0.02 -26.26 -18.34
C ASN B 69 1.07 -26.38 -19.41
N HIS B 70 0.83 -25.76 -20.57
CA HIS B 70 1.71 -25.84 -21.73
C HIS B 70 1.70 -24.51 -22.48
N ASP B 71 2.71 -24.28 -23.31
CA ASP B 71 2.73 -23.14 -24.22
C ASP B 71 1.61 -23.27 -25.25
N GLN B 72 0.96 -22.14 -25.55
CA GLN B 72 -0.19 -22.11 -26.45
C GLN B 72 0.26 -21.71 -27.84
N ASP B 73 1.20 -22.47 -28.41
CA ASP B 73 1.67 -22.22 -29.76
C ASP B 73 0.78 -23.01 -30.72
N ASN B 74 0.23 -22.34 -31.74
CA ASN B 74 -0.70 -22.99 -32.66
C ASN B 74 -0.33 -22.66 -34.10
N PRO B 75 -0.65 -23.54 -35.08
CA PRO B 75 -1.32 -24.82 -34.82
C PRO B 75 -0.38 -25.84 -34.17
N LYS B 76 -0.94 -26.96 -33.71
CA LYS B 76 -0.14 -28.10 -33.30
C LYS B 76 -0.05 -29.07 -34.47
N THR B 77 1.14 -29.65 -34.68
CA THR B 77 1.34 -30.69 -35.68
C THR B 77 1.10 -32.05 -35.02
N VAL B 78 -0.03 -32.69 -35.38
CA VAL B 78 -0.55 -33.84 -34.65
C VAL B 78 -0.26 -35.10 -35.46
N GLY B 79 0.43 -36.05 -34.81
CA GLY B 79 0.81 -37.30 -35.43
C GLY B 79 -0.40 -38.20 -35.66
N ILE B 80 -1.07 -38.57 -34.56
CA ILE B 80 -2.25 -39.42 -34.62
C ILE B 80 -3.41 -38.69 -33.94
N GLY B 81 -4.47 -38.40 -34.71
CA GLY B 81 -5.64 -37.69 -34.23
C GLY B 81 -6.85 -38.60 -34.09
N ILE B 82 -7.07 -39.10 -32.86
CA ILE B 82 -8.31 -39.75 -32.48
C ILE B 82 -9.26 -38.63 -32.03
N GLU B 83 -10.23 -38.28 -32.89
CA GLU B 83 -11.14 -37.16 -32.64
C GLU B 83 -12.59 -37.58 -32.85
N LYS B 84 -13.40 -37.53 -31.79
CA LYS B 84 -14.82 -37.83 -31.86
C LYS B 84 -15.02 -39.25 -32.40
N PHE B 85 -14.30 -40.19 -31.78
CA PHE B 85 -14.14 -41.54 -32.29
C PHE B 85 -14.13 -42.47 -31.07
N ASN B 86 -15.18 -43.28 -30.92
CA ASN B 86 -15.37 -44.02 -29.67
C ASN B 86 -15.12 -45.51 -29.87
N ASN B 87 -14.86 -46.18 -28.74
CA ASN B 87 -14.74 -47.63 -28.64
C ASN B 87 -13.58 -48.11 -29.50
N ILE B 88 -12.51 -47.32 -29.49
CA ILE B 88 -11.36 -47.55 -30.35
C ILE B 88 -10.17 -47.88 -29.45
N THR B 89 -9.43 -48.92 -29.83
CA THR B 89 -8.23 -49.32 -29.10
C THR B 89 -7.05 -49.30 -30.07
N LEU B 90 -6.00 -48.56 -29.73
CA LEU B 90 -4.72 -48.67 -30.41
C LEU B 90 -3.85 -49.64 -29.61
N ILE B 91 -3.41 -50.72 -30.27
CA ILE B 91 -2.61 -51.73 -29.61
C ILE B 91 -1.39 -52.02 -30.46
N GLY B 92 -0.30 -52.41 -29.80
CA GLY B 92 0.92 -52.84 -30.48
C GLY B 92 1.43 -54.15 -29.90
N LYS B 93 2.66 -54.52 -30.31
CA LYS B 93 3.34 -55.72 -29.86
C LYS B 93 4.83 -55.39 -29.74
N GLY B 94 5.24 -54.87 -28.58
CA GLY B 94 6.52 -54.19 -28.46
C GLY B 94 6.73 -53.24 -29.64
N THR B 95 5.84 -52.26 -29.79
CA THR B 95 5.86 -51.35 -30.93
C THR B 95 6.59 -50.06 -30.54
N ASP B 96 7.28 -49.49 -31.52
CA ASP B 96 8.07 -48.28 -31.32
C ASP B 96 7.58 -47.23 -32.32
N LEU B 97 6.72 -46.34 -31.83
CA LEU B 97 6.28 -45.18 -32.60
C LEU B 97 7.34 -44.10 -32.43
N MET B 98 8.01 -43.74 -33.52
CA MET B 98 9.12 -42.82 -33.50
C MET B 98 8.72 -41.54 -34.22
N PHE B 99 8.86 -40.38 -33.57
CA PHE B 99 8.41 -39.12 -34.15
C PHE B 99 9.60 -38.25 -34.50
N HIS B 100 9.36 -37.30 -35.41
CA HIS B 100 10.39 -36.43 -35.94
C HIS B 100 9.90 -34.98 -35.89
N GLY B 101 10.82 -34.04 -35.62
CA GLY B 101 10.50 -32.63 -35.66
C GLY B 101 9.74 -32.19 -34.40
N ARG B 102 8.85 -31.20 -34.59
CA ARG B 102 7.99 -30.73 -33.53
C ARG B 102 6.57 -31.26 -33.77
N MET B 103 6.19 -32.28 -32.99
CA MET B 103 4.91 -32.93 -33.18
C MET B 103 4.26 -33.17 -31.82
N LEU B 104 2.92 -33.22 -31.86
CA LEU B 104 2.12 -33.82 -30.82
C LEU B 104 1.83 -35.27 -31.22
N PRO B 105 2.51 -36.27 -30.63
CA PRO B 105 2.36 -37.67 -31.05
C PRO B 105 0.89 -38.11 -31.18
N LEU B 106 0.19 -38.16 -30.04
CA LEU B 106 -1.14 -38.76 -29.95
C LEU B 106 -2.09 -37.80 -29.24
N ALA B 107 -3.24 -37.54 -29.88
CA ALA B 107 -4.25 -36.63 -29.35
C ALA B 107 -5.61 -37.33 -29.31
N LEU B 108 -6.20 -37.38 -28.11
CA LEU B 108 -7.50 -38.00 -27.88
C LEU B 108 -8.51 -36.91 -27.54
N ILE B 109 -9.34 -36.54 -28.51
CA ILE B 109 -10.22 -35.39 -28.44
C ILE B 109 -11.68 -35.85 -28.42
N GLU B 110 -12.40 -35.54 -27.33
CA GLU B 110 -13.84 -35.70 -27.28
C GLU B 110 -14.22 -37.12 -27.67
N SER B 111 -13.54 -38.09 -27.06
CA SER B 111 -13.74 -39.49 -27.37
C SER B 111 -13.97 -40.29 -26.08
N SER B 112 -14.87 -41.26 -26.15
CA SER B 112 -15.19 -42.13 -25.02
C SER B 112 -14.72 -43.55 -25.30
N ASN B 113 -14.38 -44.27 -24.22
CA ASN B 113 -14.00 -45.67 -24.28
C ASN B 113 -12.85 -45.89 -25.25
N VAL B 114 -11.77 -45.14 -25.02
CA VAL B 114 -10.54 -45.26 -25.80
C VAL B 114 -9.50 -45.95 -24.94
N LYS B 115 -8.82 -46.94 -25.53
CA LYS B 115 -7.79 -47.70 -24.84
C LYS B 115 -6.51 -47.64 -25.67
N ILE B 116 -5.36 -47.44 -25.02
CA ILE B 116 -4.07 -47.43 -25.67
C ILE B 116 -3.21 -48.46 -24.96
N LYS B 117 -2.53 -49.35 -25.72
CA LYS B 117 -2.01 -50.58 -25.12
C LYS B 117 -0.77 -51.12 -25.85
N ASP B 118 0.26 -51.46 -25.05
CA ASP B 118 1.40 -52.26 -25.47
C ASP B 118 2.22 -51.52 -26.53
N LEU B 119 2.60 -50.27 -26.25
CA LEU B 119 3.03 -49.35 -27.31
C LEU B 119 3.87 -48.20 -26.75
N ASN B 120 4.95 -47.82 -27.45
CA ASN B 120 5.91 -46.84 -26.96
C ASN B 120 5.97 -45.61 -27.87
N ILE B 121 6.19 -44.44 -27.26
CA ILE B 121 6.29 -43.19 -27.99
C ILE B 121 7.64 -42.54 -27.67
N ASP B 122 8.39 -42.17 -28.71
CA ASP B 122 9.69 -41.52 -28.57
C ASP B 122 9.92 -40.62 -29.79
N PHE B 123 10.83 -39.65 -29.64
CA PHE B 123 11.34 -38.87 -30.75
C PHE B 123 12.78 -39.30 -31.02
N GLU B 124 13.19 -39.27 -32.30
CA GLU B 124 14.56 -39.63 -32.66
C GLU B 124 15.52 -38.53 -32.23
N LYS B 125 15.11 -37.27 -32.42
CA LYS B 125 15.91 -36.10 -32.05
C LYS B 125 15.20 -35.30 -30.95
N PRO B 126 15.37 -35.69 -29.66
CA PRO B 126 14.87 -34.88 -28.55
C PRO B 126 15.41 -33.46 -28.55
N GLN B 127 14.54 -32.50 -28.19
CA GLN B 127 14.90 -31.10 -28.14
C GLN B 127 15.86 -30.87 -26.97
N ILE B 128 15.75 -31.73 -25.95
CA ILE B 128 16.74 -31.78 -24.89
C ILE B 128 18.06 -32.30 -25.46
N THR B 129 19.16 -31.62 -25.10
CA THR B 129 20.49 -31.95 -25.58
C THR B 129 21.28 -32.62 -24.46
N GLN B 130 21.66 -33.88 -24.68
CA GLN B 130 22.52 -34.58 -23.73
C GLN B 130 23.98 -34.26 -24.05
N VAL B 131 24.75 -33.94 -23.01
CA VAL B 131 26.18 -33.69 -23.13
C VAL B 131 26.88 -34.32 -21.92
N LYS B 132 28.19 -34.50 -22.03
CA LYS B 132 28.99 -35.13 -21.00
C LYS B 132 30.22 -34.27 -20.75
N ILE B 133 30.47 -33.94 -19.48
CA ILE B 133 31.63 -33.15 -19.12
C ILE B 133 32.88 -33.97 -19.40
N ILE B 134 33.79 -33.36 -20.17
CA ILE B 134 35.06 -33.98 -20.57
C ILE B 134 36.15 -33.42 -19.67
N SER B 135 36.27 -32.08 -19.64
CA SER B 135 37.22 -31.41 -18.78
C SER B 135 36.58 -30.13 -18.23
N ASN B 136 36.83 -29.89 -16.94
CA ASN B 136 36.37 -28.71 -16.24
C ASN B 136 37.55 -28.07 -15.54
N ASP B 137 38.02 -26.94 -16.10
CA ASP B 137 39.06 -26.10 -15.53
C ASP B 137 38.39 -25.02 -14.69
N THR B 138 38.37 -25.25 -13.37
CA THR B 138 37.52 -24.45 -12.48
C THR B 138 38.07 -23.03 -12.39
N THR B 139 39.40 -22.88 -12.44
CA THR B 139 40.07 -21.59 -12.33
C THR B 139 39.73 -20.70 -13.53
N ALA B 140 39.94 -21.21 -14.74
CA ALA B 140 39.72 -20.41 -15.94
C ALA B 140 38.24 -20.35 -16.29
N GLY B 141 37.47 -21.31 -15.77
CA GLY B 141 36.07 -21.46 -16.15
C GLY B 141 35.94 -21.95 -17.58
N ASN B 142 36.74 -22.96 -17.93
CA ASN B 142 36.67 -23.61 -19.22
C ASN B 142 36.13 -25.02 -19.02
N ILE B 143 35.00 -25.30 -19.69
CA ILE B 143 34.42 -26.63 -19.69
C ILE B 143 34.38 -27.13 -21.13
N VAL B 144 34.93 -28.32 -21.35
CA VAL B 144 34.74 -29.02 -22.61
C VAL B 144 33.67 -30.09 -22.37
N PHE B 145 32.61 -30.06 -23.18
CA PHE B 145 31.54 -31.05 -23.08
C PHE B 145 31.44 -31.80 -24.40
N GLU B 146 31.01 -33.07 -24.31
CA GLU B 146 30.84 -33.96 -25.45
C GLU B 146 29.36 -34.13 -25.73
N THR B 147 28.92 -33.79 -26.95
CA THR B 147 27.56 -34.09 -27.36
C THR B 147 27.44 -35.61 -27.50
N ALA B 148 26.29 -36.15 -27.09
CA ALA B 148 25.99 -37.55 -27.26
C ALA B 148 25.83 -37.89 -28.74
N PRO B 149 25.98 -39.18 -29.14
CA PRO B 149 26.08 -39.57 -30.55
C PRO B 149 24.95 -39.12 -31.46
N TRP B 150 23.73 -39.07 -30.90
CA TRP B 150 22.53 -38.83 -31.67
C TRP B 150 22.22 -37.33 -31.81
N VAL B 151 23.07 -36.48 -31.22
CA VAL B 151 22.82 -35.05 -31.20
C VAL B 151 23.36 -34.42 -32.47
N LYS B 152 22.51 -33.64 -33.15
CA LYS B 152 22.94 -32.81 -34.26
C LYS B 152 22.85 -31.34 -33.86
N TYR B 153 24.00 -30.65 -33.80
CA TYR B 153 24.06 -29.27 -33.35
C TYR B 153 24.57 -28.36 -34.48
N LYS B 154 24.37 -27.05 -34.28
CA LYS B 154 25.01 -26.00 -35.06
C LYS B 154 25.60 -24.97 -34.10
N LEU B 155 26.76 -24.42 -34.47
CA LEU B 155 27.25 -23.20 -33.84
C LEU B 155 26.98 -22.04 -34.79
N LYS B 156 26.34 -20.98 -34.29
CA LYS B 156 26.24 -19.72 -35.02
C LYS B 156 26.54 -18.58 -34.06
N ASP B 157 27.53 -17.74 -34.40
CA ASP B 157 27.98 -16.65 -33.56
C ASP B 157 28.30 -17.16 -32.16
N SER B 158 29.11 -18.21 -32.09
CA SER B 158 29.61 -18.76 -30.82
C SER B 158 28.46 -19.19 -29.90
N THR B 159 27.29 -19.50 -30.48
CA THR B 159 26.13 -19.93 -29.73
C THR B 159 25.81 -21.37 -30.12
N PHE B 160 25.52 -22.21 -29.13
CA PHE B 160 25.27 -23.62 -29.34
C PHE B 160 23.79 -23.86 -29.56
N TYR B 161 23.41 -24.23 -30.79
CA TYR B 161 22.05 -24.63 -31.09
C TYR B 161 21.96 -26.15 -31.13
N ASN B 162 20.82 -26.70 -30.68
CA ASN B 162 20.47 -28.08 -30.94
C ASN B 162 19.44 -28.08 -32.08
N THR B 163 19.51 -29.10 -32.96
CA THR B 163 18.67 -29.12 -34.15
C THR B 163 17.96 -30.47 -34.28
N GLY B 164 16.81 -30.39 -34.94
CA GLY B 164 16.14 -31.54 -35.53
C GLY B 164 15.39 -31.11 -36.79
N GLU B 165 14.43 -31.93 -37.19
CA GLU B 165 13.74 -31.75 -38.46
C GLU B 165 12.87 -30.50 -38.34
N GLY B 166 13.33 -29.40 -38.97
CA GLY B 166 12.55 -28.18 -39.06
C GLY B 166 12.60 -27.32 -37.80
N TRP B 167 13.46 -27.68 -36.83
CA TRP B 167 13.63 -26.88 -35.63
C TRP B 167 15.10 -26.69 -35.29
N GLU B 168 15.36 -25.59 -34.56
CA GLU B 168 16.67 -25.19 -34.08
C GLU B 168 16.44 -24.44 -32.77
N MET B 169 17.00 -24.94 -31.65
CA MET B 169 16.70 -24.36 -30.35
C MET B 169 17.97 -24.24 -29.51
N GLN B 170 18.23 -23.03 -29.00
CA GLN B 170 19.35 -22.77 -28.11
C GLN B 170 18.96 -23.12 -26.67
N PRO B 171 19.62 -24.11 -26.04
CA PRO B 171 19.41 -24.40 -24.61
C PRO B 171 19.91 -23.28 -23.69
N THR B 172 19.14 -23.01 -22.63
CA THR B 172 19.39 -21.91 -21.72
C THR B 172 19.56 -22.41 -20.28
N SER B 173 19.06 -23.61 -19.94
CA SER B 173 19.29 -24.17 -18.62
C SER B 173 19.61 -25.66 -18.74
N GLY B 174 19.87 -26.33 -17.62
CA GLY B 174 20.09 -27.76 -17.66
C GLY B 174 19.89 -28.45 -16.32
N ILE B 175 19.92 -29.79 -16.38
CA ILE B 175 19.93 -30.66 -15.21
C ILE B 175 21.15 -31.55 -15.30
N ALA B 176 21.99 -31.52 -14.25
CA ALA B 176 23.17 -32.37 -14.19
C ALA B 176 22.85 -33.68 -13.50
N PHE B 177 23.46 -34.77 -13.97
CA PHE B 177 23.23 -36.10 -13.42
C PHE B 177 24.55 -36.75 -13.06
N GLU B 178 24.57 -37.42 -11.91
CA GLU B 178 25.65 -38.32 -11.53
C GLU B 178 25.88 -39.32 -12.67
N ASN B 179 27.14 -39.58 -13.01
CA ASN B 179 27.47 -40.66 -13.91
C ASN B 179 27.09 -41.97 -13.24
N GLY B 180 26.50 -42.89 -13.99
CA GLY B 180 26.23 -44.23 -13.47
C GLY B 180 24.87 -44.30 -12.78
N THR B 181 24.78 -43.75 -11.56
CA THR B 181 23.56 -43.84 -10.76
C THR B 181 22.40 -43.18 -11.50
N LYS B 182 22.71 -42.10 -12.22
CA LYS B 182 21.75 -41.30 -12.97
C LYS B 182 20.92 -40.44 -12.00
N HIS B 183 21.39 -40.31 -10.75
CA HIS B 183 20.78 -39.40 -9.80
C HIS B 183 21.00 -37.97 -10.32
N ILE B 184 20.35 -36.98 -9.69
CA ILE B 184 20.63 -35.59 -10.03
C ILE B 184 21.60 -35.02 -8.98
N ILE B 185 22.63 -34.33 -9.51
CA ILE B 185 23.76 -33.87 -8.72
C ILE B 185 23.28 -33.06 -7.52
N PHE B 186 23.82 -33.42 -6.35
CA PHE B 186 23.47 -32.83 -5.06
C PHE B 186 23.59 -31.30 -5.11
N ASN B 187 22.50 -30.63 -4.71
CA ASN B 187 22.44 -29.19 -4.65
C ASN B 187 22.61 -28.57 -6.02
N SER B 188 22.09 -29.20 -7.08
CA SER B 188 22.21 -28.62 -8.40
C SER B 188 20.94 -27.85 -8.73
N GLY B 189 19.83 -28.60 -8.82
CA GLY B 189 18.59 -28.11 -9.41
C GLY B 189 18.83 -27.59 -10.81
N ASP B 190 18.06 -26.57 -11.19
CA ASP B 190 18.28 -25.84 -12.42
C ASP B 190 19.58 -25.06 -12.30
N ILE B 191 20.44 -25.23 -13.33
CA ILE B 191 21.73 -24.57 -13.41
C ILE B 191 21.82 -23.88 -14.76
N GLY B 192 22.65 -22.83 -14.84
CA GLY B 192 22.95 -22.21 -16.11
C GLY B 192 23.87 -23.13 -16.90
N VAL B 193 23.89 -22.96 -18.23
CA VAL B 193 24.71 -23.80 -19.08
C VAL B 193 25.48 -22.93 -20.07
N GLY B 194 26.62 -23.45 -20.51
CA GLY B 194 27.57 -22.69 -21.31
C GLY B 194 27.28 -22.88 -22.79
N THR B 195 26.18 -22.30 -23.26
CA THR B 195 25.78 -22.42 -24.65
C THR B 195 26.06 -21.11 -25.37
N LYS B 196 26.53 -20.12 -24.63
CA LYS B 196 27.03 -18.87 -25.19
C LYS B 196 28.55 -18.90 -25.08
N SER B 197 29.21 -18.12 -25.95
CA SER B 197 30.67 -18.10 -25.95
C SER B 197 31.21 -19.53 -26.05
N VAL B 198 30.97 -20.16 -27.22
CA VAL B 198 31.45 -21.51 -27.47
C VAL B 198 32.20 -21.53 -28.80
N SER B 199 32.94 -22.62 -29.00
CA SER B 199 33.63 -22.91 -30.24
C SER B 199 34.00 -24.40 -30.26
N GLU B 200 34.12 -24.95 -31.47
CA GLU B 200 34.29 -26.37 -31.69
C GLU B 200 35.76 -26.77 -31.60
N VAL B 201 36.06 -27.66 -30.64
CA VAL B 201 37.36 -28.28 -30.48
C VAL B 201 37.59 -29.31 -31.58
N SER B 202 36.54 -30.10 -31.81
CA SER B 202 36.54 -31.27 -32.67
C SER B 202 35.10 -31.77 -32.73
N PRO B 203 34.67 -32.49 -33.79
CA PRO B 203 33.26 -32.84 -33.91
C PRO B 203 32.70 -33.41 -32.61
N GLY B 204 31.67 -32.76 -32.06
CA GLY B 204 31.00 -33.25 -30.86
C GLY B 204 31.78 -32.99 -29.58
N LYS B 205 32.78 -32.12 -29.63
CA LYS B 205 33.49 -31.62 -28.46
C LYS B 205 33.44 -30.09 -28.48
N ILE B 206 32.66 -29.51 -27.57
CA ILE B 206 32.42 -28.08 -27.58
C ILE B 206 33.13 -27.49 -26.37
N MET B 207 33.79 -26.34 -26.59
CA MET B 207 34.49 -25.62 -25.55
C MET B 207 33.62 -24.43 -25.11
N ALA B 208 33.29 -24.41 -23.82
CA ALA B 208 32.59 -23.28 -23.22
C ALA B 208 33.60 -22.47 -22.44
N HIS B 209 33.78 -21.20 -22.86
CA HIS B 209 34.88 -20.37 -22.40
C HIS B 209 34.55 -19.66 -21.07
N HIS B 210 33.26 -19.44 -20.80
CA HIS B 210 32.86 -18.72 -19.59
C HIS B 210 31.81 -19.53 -18.84
N TRP B 211 32.18 -20.73 -18.39
CA TRP B 211 31.28 -21.59 -17.63
C TRP B 211 31.98 -22.00 -16.34
N LYS B 212 31.49 -21.49 -15.20
CA LYS B 212 32.11 -21.75 -13.91
C LYS B 212 31.16 -22.53 -13.04
N ASN B 213 31.52 -23.77 -12.73
CA ASN B 213 30.71 -24.62 -11.90
C ASN B 213 31.56 -25.79 -11.41
N LYS B 214 31.97 -25.74 -10.13
CA LYS B 214 32.85 -26.74 -9.54
C LYS B 214 32.15 -28.10 -9.44
N LYS B 215 30.83 -28.12 -9.60
CA LYS B 215 30.02 -29.31 -9.37
C LYS B 215 30.07 -30.24 -10.57
N LEU B 216 30.23 -29.66 -11.77
CA LEU B 216 30.23 -30.41 -13.02
C LEU B 216 31.58 -31.13 -13.20
N VAL B 217 31.82 -32.11 -12.34
CA VAL B 217 33.06 -32.89 -12.37
C VAL B 217 33.09 -33.70 -13.67
N PRO B 218 34.28 -34.03 -14.23
CA PRO B 218 34.36 -34.96 -15.37
C PRO B 218 33.44 -36.13 -15.11
N GLY B 219 32.71 -36.53 -16.16
CA GLY B 219 31.80 -37.67 -16.08
C GLY B 219 30.34 -37.23 -16.06
N THR B 220 30.09 -36.06 -15.46
CA THR B 220 28.74 -35.56 -15.23
C THR B 220 28.04 -35.42 -16.58
N VAL B 221 26.78 -35.85 -16.61
CA VAL B 221 25.94 -35.81 -17.80
C VAL B 221 24.93 -34.70 -17.60
N ILE B 222 24.73 -33.89 -18.63
CA ILE B 222 23.92 -32.69 -18.50
C ILE B 222 22.84 -32.71 -19.57
N ALA B 223 21.59 -32.48 -19.14
CA ALA B 223 20.47 -32.33 -20.04
C ALA B 223 20.20 -30.85 -20.25
N MET B 224 20.75 -30.31 -21.35
CA MET B 224 20.55 -28.91 -21.69
C MET B 224 19.20 -28.72 -22.35
N ARG B 225 18.49 -27.65 -21.96
CA ARG B 225 17.12 -27.44 -22.40
C ARG B 225 16.73 -25.96 -22.34
N SER B 226 15.55 -25.67 -22.92
CA SER B 226 14.89 -24.39 -22.75
C SER B 226 13.67 -24.59 -21.87
N TRP B 227 12.81 -23.57 -21.81
CA TRP B 227 11.63 -23.62 -20.96
C TRP B 227 10.39 -23.95 -21.79
N GLN B 228 10.61 -24.16 -23.10
CA GLN B 228 9.51 -24.36 -24.04
C GLN B 228 8.88 -25.74 -23.82
N ARG B 229 7.55 -25.77 -23.87
CA ARG B 229 6.80 -27.00 -23.71
C ARG B 229 5.53 -26.92 -24.55
N PRO B 230 5.62 -26.89 -25.90
CA PRO B 230 4.45 -26.66 -26.74
C PRO B 230 3.50 -27.85 -26.96
N ALA B 231 3.95 -29.10 -26.73
CA ALA B 231 3.11 -30.26 -27.00
C ALA B 231 3.48 -31.45 -26.12
N PRO B 232 2.50 -32.13 -25.50
CA PRO B 232 2.78 -33.30 -24.67
C PRO B 232 2.91 -34.51 -25.58
N GLY B 233 3.26 -35.65 -24.98
CA GLY B 233 3.33 -36.91 -25.71
C GLY B 233 1.94 -37.41 -26.09
N ILE B 234 1.07 -37.52 -25.08
CA ILE B 234 -0.32 -37.88 -25.24
C ILE B 234 -1.16 -36.74 -24.64
N PHE B 235 -1.97 -36.08 -25.49
CA PHE B 235 -2.92 -35.08 -25.05
C PHE B 235 -4.31 -35.71 -25.03
N VAL B 236 -5.03 -35.56 -23.92
CA VAL B 236 -6.40 -36.08 -23.83
C VAL B 236 -7.30 -34.93 -23.39
N HIS B 237 -8.36 -34.67 -24.16
CA HIS B 237 -9.26 -33.55 -23.90
C HIS B 237 -10.70 -34.04 -24.01
N LYS B 238 -11.47 -33.87 -22.91
CA LYS B 238 -12.89 -34.16 -22.88
C LYS B 238 -13.15 -35.63 -23.18
N GLY B 239 -12.33 -36.49 -22.59
CA GLY B 239 -12.53 -37.92 -22.73
C GLY B 239 -13.46 -38.43 -21.64
N LYS B 240 -14.05 -39.61 -21.89
CA LYS B 240 -14.69 -40.40 -20.87
C LYS B 240 -14.14 -41.83 -20.98
N ASN B 241 -13.82 -42.44 -19.83
CA ASN B 241 -13.36 -43.82 -19.76
C ASN B 241 -12.16 -44.06 -20.68
N ILE B 242 -11.01 -43.48 -20.30
CA ILE B 242 -9.80 -43.58 -21.09
C ILE B 242 -8.83 -44.52 -20.37
N SER B 243 -8.11 -45.33 -21.16
CA SER B 243 -7.28 -46.40 -20.65
C SER B 243 -5.90 -46.35 -21.28
N PHE B 244 -4.86 -46.56 -20.46
CA PHE B 244 -3.50 -46.76 -20.93
C PHE B 244 -2.98 -47.98 -20.21
N GLU B 245 -2.54 -48.99 -20.97
CA GLU B 245 -2.03 -50.21 -20.38
C GLU B 245 -0.72 -50.58 -21.08
N ASN B 246 0.37 -50.60 -20.29
CA ASN B 246 1.72 -50.81 -20.80
C ASN B 246 2.00 -49.86 -21.96
N VAL B 247 2.01 -48.55 -21.66
CA VAL B 247 2.33 -47.51 -22.62
C VAL B 247 3.41 -46.61 -22.00
N LYS B 248 4.55 -46.52 -22.71
CA LYS B 248 5.69 -45.73 -22.26
C LYS B 248 5.87 -44.55 -23.19
N VAL B 249 6.06 -43.36 -22.62
CA VAL B 249 6.51 -42.20 -23.38
C VAL B 249 7.94 -41.88 -22.94
N HIS B 250 8.88 -42.00 -23.87
CA HIS B 250 10.29 -41.87 -23.56
C HIS B 250 10.70 -40.40 -23.67
N TYR B 251 10.05 -39.64 -24.54
CA TYR B 251 10.34 -38.21 -24.60
C TYR B 251 9.26 -37.48 -25.37
N ALA B 252 9.01 -36.23 -24.96
CA ALA B 252 8.16 -35.31 -25.69
C ALA B 252 8.48 -33.89 -25.24
N GLU B 253 8.13 -32.91 -26.09
CA GLU B 253 8.53 -31.53 -25.86
C GLU B 253 7.48 -30.84 -24.99
N GLY B 254 7.30 -31.39 -23.80
CA GLY B 254 6.12 -31.13 -22.98
C GLY B 254 5.88 -32.32 -22.08
N MET B 255 4.65 -32.54 -21.65
CA MET B 255 4.40 -33.55 -20.66
C MET B 255 4.18 -34.90 -21.35
N GLY B 256 4.42 -35.98 -20.61
CA GLY B 256 4.19 -37.31 -21.14
C GLY B 256 2.71 -37.48 -21.49
N LEU B 257 1.87 -37.38 -20.46
CA LEU B 257 0.43 -37.47 -20.59
C LEU B 257 -0.19 -36.23 -19.96
N LEU B 258 -0.90 -35.43 -20.75
CA LEU B 258 -1.71 -34.34 -20.24
C LEU B 258 -3.18 -34.62 -20.55
N ALA B 259 -3.97 -34.81 -19.50
CA ALA B 259 -5.41 -35.07 -19.61
C ALA B 259 -6.17 -33.94 -18.94
N GLN B 260 -7.18 -33.38 -19.64
CA GLN B 260 -7.96 -32.29 -19.09
C GLN B 260 -9.44 -32.46 -19.44
N LEU B 261 -10.32 -31.97 -18.56
CA LEU B 261 -11.76 -32.06 -18.73
C LEU B 261 -12.18 -33.49 -19.08
N THR B 262 -11.54 -34.46 -18.44
CA THR B 262 -11.75 -35.86 -18.78
C THR B 262 -12.33 -36.59 -17.57
N GLU B 263 -13.36 -37.41 -17.80
CA GLU B 263 -13.93 -38.20 -16.72
C GLU B 263 -13.46 -39.65 -16.79
N ASN B 264 -12.88 -40.15 -15.70
CA ASN B 264 -12.42 -41.53 -15.55
C ASN B 264 -11.22 -41.84 -16.43
N ILE B 265 -10.10 -42.16 -15.77
CA ILE B 265 -8.85 -42.45 -16.44
C ILE B 265 -8.21 -43.63 -15.73
N TYR B 266 -7.83 -44.64 -16.52
CA TYR B 266 -7.28 -45.87 -15.98
C TYR B 266 -5.91 -46.12 -16.60
N MET B 267 -4.90 -46.30 -15.76
CA MET B 267 -3.53 -46.47 -16.21
C MET B 267 -2.85 -47.58 -15.43
N ASP B 268 -2.53 -48.68 -16.11
CA ASP B 268 -1.75 -49.77 -15.55
C ASP B 268 -0.55 -49.99 -16.45
N GLY B 269 0.66 -49.84 -15.90
CA GLY B 269 1.89 -50.08 -16.63
C GLY B 269 2.35 -48.84 -17.41
N PHE B 270 1.71 -47.69 -17.17
CA PHE B 270 2.13 -46.46 -17.81
C PHE B 270 3.55 -46.18 -17.35
N GLY B 271 4.42 -45.84 -18.29
CA GLY B 271 5.75 -45.37 -17.94
C GLY B 271 6.08 -44.07 -18.65
N VAL B 272 6.82 -43.20 -17.97
CA VAL B 272 7.62 -42.19 -18.65
C VAL B 272 9.04 -42.42 -18.17
N CYS B 273 9.84 -43.10 -19.00
CA CYS B 273 11.02 -43.76 -18.47
C CYS B 273 12.01 -44.06 -19.58
N LEU B 274 13.17 -44.56 -19.15
CA LEU B 274 14.24 -44.98 -20.05
C LEU B 274 13.92 -46.39 -20.51
N ARG B 275 14.66 -46.84 -21.54
CA ARG B 275 14.46 -48.15 -22.14
C ARG B 275 15.21 -49.24 -21.38
N GLY B 276 15.69 -48.95 -20.17
CA GLY B 276 16.31 -49.97 -19.34
C GLY B 276 17.71 -49.55 -18.89
N LYS B 277 18.45 -50.51 -18.38
CA LYS B 277 19.78 -50.29 -17.82
C LYS B 277 20.75 -49.87 -18.92
N ASN B 278 20.40 -50.13 -20.18
CA ASN B 278 21.32 -49.90 -21.29
C ASN B 278 20.97 -48.62 -22.06
N ASP B 279 19.93 -47.88 -21.63
CA ASP B 279 19.57 -46.67 -22.34
C ASP B 279 20.72 -45.68 -22.20
N PRO B 280 21.29 -45.17 -23.33
CA PRO B 280 22.35 -44.17 -23.24
C PRO B 280 21.86 -42.85 -22.67
N ARG B 281 20.54 -42.60 -22.76
CA ARG B 281 19.94 -41.35 -22.32
C ARG B 281 19.82 -41.34 -20.79
N TYR B 282 19.83 -40.13 -20.22
CA TYR B 282 19.64 -39.93 -18.80
C TYR B 282 18.31 -39.22 -18.52
N PHE B 283 17.66 -38.73 -19.58
CA PHE B 283 16.52 -37.84 -19.46
C PHE B 283 15.31 -38.44 -20.17
N THR B 284 14.09 -38.01 -19.77
CA THR B 284 12.87 -38.35 -20.48
C THR B 284 12.16 -37.05 -20.87
N THR B 285 10.96 -36.81 -20.31
CA THR B 285 10.10 -35.76 -20.82
C THR B 285 10.64 -34.40 -20.42
N GLN B 286 10.35 -33.41 -21.27
CA GLN B 286 10.74 -32.03 -21.08
C GLN B 286 9.90 -31.39 -19.98
N ALA B 287 8.77 -32.00 -19.61
CA ALA B 287 7.96 -31.53 -18.49
C ALA B 287 7.48 -32.73 -17.67
N ASP B 288 6.33 -32.56 -16.98
CA ASP B 288 5.75 -33.58 -16.12
C ASP B 288 5.51 -34.87 -16.90
N ALA B 289 5.58 -36.01 -16.20
CA ALA B 289 5.29 -37.30 -16.82
C ALA B 289 3.80 -37.41 -17.11
N THR B 290 2.96 -37.32 -16.07
CA THR B 290 1.51 -37.38 -16.17
C THR B 290 0.92 -36.17 -15.46
N HIS B 291 -0.16 -35.62 -16.02
CA HIS B 291 -0.73 -34.37 -15.54
C HIS B 291 -2.23 -34.37 -15.83
N PHE B 292 -3.02 -33.96 -14.83
CA PHE B 292 -4.48 -34.06 -14.85
C PHE B 292 -5.13 -32.75 -14.42
N SER B 293 -5.50 -31.93 -15.40
CA SER B 293 -6.03 -30.60 -15.17
C SER B 293 -7.54 -30.62 -15.32
N GLY B 294 -8.25 -30.52 -14.20
CA GLY B 294 -9.69 -30.31 -14.24
C GLY B 294 -10.43 -31.55 -14.72
N CYS B 295 -9.99 -32.72 -14.21
CA CYS B 295 -10.61 -33.99 -14.52
C CYS B 295 -11.61 -34.33 -13.42
N LYS B 296 -12.30 -35.46 -13.59
CA LYS B 296 -13.26 -35.91 -12.60
C LYS B 296 -13.43 -37.41 -12.72
N GLY B 297 -14.41 -37.94 -12.01
CA GLY B 297 -14.56 -39.38 -11.91
C GLY B 297 -13.37 -39.95 -11.15
N GLU B 298 -12.95 -41.14 -11.56
CA GLU B 298 -11.92 -41.89 -10.85
C GLU B 298 -10.66 -41.91 -11.71
N ILE B 299 -9.51 -41.67 -11.07
CA ILE B 299 -8.22 -41.79 -11.71
C ILE B 299 -7.43 -42.89 -11.01
N VAL B 300 -7.12 -43.95 -11.77
CA VAL B 300 -6.23 -44.99 -11.31
C VAL B 300 -4.92 -44.84 -12.08
N SER B 301 -3.80 -44.69 -11.35
CA SER B 301 -2.46 -44.71 -11.91
C SER B 301 -1.60 -45.68 -11.11
N LYS B 302 -1.42 -46.91 -11.64
CA LYS B 302 -0.74 -47.95 -10.88
C LYS B 302 0.34 -48.65 -11.71
N ASN B 303 1.28 -49.24 -10.96
CA ASN B 303 2.36 -50.07 -11.49
C ASN B 303 3.07 -49.36 -12.63
N GLY B 304 3.45 -48.09 -12.40
CA GLY B 304 4.12 -47.31 -13.42
C GLY B 304 5.59 -47.08 -13.06
N LEU B 305 6.38 -46.71 -14.07
CA LEU B 305 7.76 -46.32 -13.86
C LEU B 305 7.97 -44.93 -14.46
N TYR B 306 8.37 -43.98 -13.59
CA TYR B 306 8.66 -42.62 -14.03
C TYR B 306 10.10 -42.28 -13.63
N GLU B 307 10.96 -41.97 -14.61
CA GLU B 307 12.33 -41.65 -14.30
C GLU B 307 12.89 -40.59 -15.24
N GLY B 308 13.71 -39.72 -14.67
CA GLY B 308 14.53 -38.79 -15.44
C GLY B 308 13.72 -37.66 -16.08
N MET B 309 12.49 -37.42 -15.61
CA MET B 309 11.68 -36.37 -16.21
C MET B 309 12.24 -35.04 -15.78
N MET B 310 11.98 -34.01 -16.60
CA MET B 310 12.30 -32.63 -16.26
C MET B 310 11.20 -32.01 -15.39
N ASP B 311 10.45 -32.84 -14.65
CA ASP B 311 9.46 -32.32 -13.72
C ASP B 311 8.88 -33.46 -12.89
N ASP B 312 7.65 -33.29 -12.40
CA ASP B 312 7.03 -34.24 -11.49
C ASP B 312 6.52 -35.44 -12.26
N ALA B 313 6.27 -36.53 -11.53
CA ALA B 313 5.71 -37.74 -12.11
C ALA B 313 4.21 -37.56 -12.36
N ILE B 314 3.49 -37.08 -11.34
CA ILE B 314 2.07 -36.83 -11.47
C ILE B 314 1.76 -35.45 -10.86
N ASN B 315 0.79 -34.76 -11.47
CA ASN B 315 0.27 -33.52 -10.91
C ASN B 315 -1.24 -33.47 -11.18
N ILE B 316 -2.04 -33.46 -10.11
CA ILE B 316 -3.50 -33.55 -10.19
C ILE B 316 -4.12 -32.30 -9.58
N HIS B 317 -4.73 -31.45 -10.40
CA HIS B 317 -5.12 -30.13 -9.92
C HIS B 317 -6.21 -29.54 -10.80
N GLY B 318 -6.88 -28.50 -10.30
CA GLY B 318 -7.83 -27.71 -11.08
C GLY B 318 -7.29 -26.29 -11.32
N THR B 319 -8.15 -25.40 -11.80
CA THR B 319 -7.79 -24.03 -12.10
C THR B 319 -8.74 -23.07 -11.38
N TYR B 320 -8.19 -22.22 -10.51
CA TYR B 320 -8.91 -21.09 -9.96
C TYR B 320 -9.02 -20.00 -11.01
N LEU B 321 -10.24 -19.64 -11.43
CA LEU B 321 -10.43 -18.39 -12.15
C LEU B 321 -10.30 -17.25 -11.16
N LYS B 322 -9.95 -16.06 -11.65
CA LYS B 322 -10.03 -14.86 -10.83
C LYS B 322 -11.20 -14.00 -11.31
N ILE B 323 -12.03 -13.55 -10.35
CA ILE B 323 -13.15 -12.67 -10.64
C ILE B 323 -12.61 -11.28 -10.94
N THR B 324 -12.96 -10.73 -12.10
CA THR B 324 -12.45 -9.42 -12.50
C THR B 324 -13.55 -8.36 -12.41
N LYS B 325 -14.82 -8.79 -12.39
CA LYS B 325 -15.92 -7.85 -12.38
C LYS B 325 -17.15 -8.56 -11.82
N LYS B 326 -17.99 -7.83 -11.08
CA LYS B 326 -19.27 -8.32 -10.62
C LYS B 326 -20.37 -7.45 -11.23
N LEU B 327 -21.20 -8.07 -12.07
CA LEU B 327 -22.17 -7.34 -12.87
C LEU B 327 -23.46 -7.13 -12.09
N ASP B 328 -23.82 -8.09 -11.23
CA ASP B 328 -25.00 -8.03 -10.38
C ASP B 328 -24.88 -9.06 -9.25
N ASP B 329 -26.00 -9.36 -8.58
CA ASP B 329 -26.00 -10.22 -7.39
C ASP B 329 -25.68 -11.67 -7.75
N HIS B 330 -25.93 -12.04 -9.02
CA HIS B 330 -25.84 -13.41 -9.46
C HIS B 330 -24.74 -13.62 -10.52
N THR B 331 -24.26 -12.53 -11.15
CA THR B 331 -23.42 -12.66 -12.34
C THR B 331 -22.05 -12.02 -12.10
N VAL B 332 -20.99 -12.74 -12.47
CA VAL B 332 -19.64 -12.21 -12.42
C VAL B 332 -18.95 -12.48 -13.75
N ILE B 333 -17.87 -11.74 -14.02
CA ILE B 333 -16.92 -12.07 -15.08
C ILE B 333 -15.65 -12.59 -14.40
N ALA B 334 -15.14 -13.73 -14.88
CA ALA B 334 -13.97 -14.38 -14.31
C ALA B 334 -12.99 -14.79 -15.41
N ASN B 335 -11.70 -14.80 -15.06
CA ASN B 335 -10.64 -14.85 -16.05
C ASN B 335 -9.63 -15.96 -15.70
N TYR B 336 -9.07 -16.58 -16.75
CA TYR B 336 -7.87 -17.40 -16.68
C TYR B 336 -6.69 -16.45 -16.55
N MET B 337 -5.74 -16.75 -15.64
CA MET B 337 -4.76 -15.74 -15.24
C MET B 337 -3.34 -16.12 -15.64
N HIS B 338 -3.04 -17.42 -15.74
CA HIS B 338 -1.70 -17.90 -16.05
C HIS B 338 -1.53 -17.99 -17.56
N GLU B 339 -0.30 -17.88 -18.05
CA GLU B 339 -0.05 -17.87 -19.48
C GLU B 339 -0.18 -19.25 -20.08
N GLN B 340 -0.03 -20.30 -19.26
CA GLN B 340 0.10 -21.65 -19.75
C GLN B 340 -1.20 -22.44 -19.58
N SER B 341 -2.21 -21.88 -18.90
CA SER B 341 -3.48 -22.55 -18.77
C SER B 341 -4.62 -21.60 -19.15
N TYR B 342 -4.99 -21.62 -20.43
CA TYR B 342 -6.15 -20.90 -20.92
C TYR B 342 -6.63 -21.58 -22.19
N GLY B 343 -7.83 -21.21 -22.66
CA GLY B 343 -8.28 -21.52 -24.00
C GLY B 343 -9.26 -22.68 -24.08
N PHE B 344 -9.53 -23.30 -22.92
CA PHE B 344 -10.45 -24.43 -22.81
C PHE B 344 -11.52 -24.15 -21.76
N ASP B 345 -12.62 -24.89 -21.83
CA ASP B 345 -13.75 -24.71 -20.93
C ASP B 345 -13.36 -24.97 -19.48
N TRP B 346 -14.16 -24.39 -18.57
CA TRP B 346 -13.87 -24.43 -17.15
C TRP B 346 -15.01 -25.09 -16.37
N GLY B 347 -16.25 -24.95 -16.87
CA GLY B 347 -17.39 -25.55 -16.18
C GLY B 347 -18.63 -25.66 -17.07
N ASN B 348 -19.65 -26.33 -16.53
CA ASN B 348 -20.95 -26.48 -17.16
C ASN B 348 -22.06 -26.16 -16.17
N ILE B 349 -23.29 -26.05 -16.68
CA ILE B 349 -24.46 -25.80 -15.85
C ILE B 349 -24.54 -26.91 -14.80
N ARG B 350 -24.84 -26.51 -13.56
CA ARG B 350 -25.08 -27.42 -12.44
C ARG B 350 -23.79 -27.76 -11.72
N ASP B 351 -22.65 -27.21 -12.15
CA ASP B 351 -21.40 -27.46 -11.45
C ASP B 351 -21.48 -26.76 -10.09
N THR B 352 -20.97 -27.45 -9.05
CA THR B 352 -20.77 -26.85 -7.74
C THR B 352 -19.49 -25.99 -7.77
N VAL B 353 -19.58 -24.75 -7.26
CA VAL B 353 -18.43 -23.87 -7.17
C VAL B 353 -18.30 -23.40 -5.72
N GLN B 354 -17.09 -23.03 -5.31
CA GLN B 354 -16.86 -22.28 -4.08
C GLN B 354 -15.93 -21.11 -4.38
N PHE B 355 -15.93 -20.10 -3.51
CA PHE B 355 -15.12 -18.90 -3.70
C PHE B 355 -14.01 -18.83 -2.65
N ILE B 356 -12.90 -18.21 -3.04
CA ILE B 356 -11.71 -18.12 -2.21
C ILE B 356 -11.24 -16.66 -2.11
N GLN B 357 -10.88 -16.26 -0.89
CA GLN B 357 -10.23 -14.99 -0.62
C GLN B 357 -8.74 -15.15 -0.90
N SER B 358 -8.34 -14.73 -2.10
CA SER B 358 -7.01 -15.05 -2.64
C SER B 358 -5.91 -14.69 -1.66
N LYS B 359 -6.05 -13.58 -0.93
CA LYS B 359 -4.93 -13.02 -0.18
C LYS B 359 -4.59 -13.88 1.03
N THR B 360 -5.60 -14.41 1.74
CA THR B 360 -5.39 -15.23 2.92
C THR B 360 -5.70 -16.71 2.64
N MET B 361 -6.08 -17.03 1.38
CA MET B 361 -6.43 -18.38 0.97
C MET B 361 -7.48 -18.97 1.91
N GLU B 362 -8.59 -18.23 2.01
CA GLU B 362 -9.71 -18.62 2.85
C GLU B 362 -10.91 -18.82 1.96
N LEU B 363 -11.59 -19.94 2.20
CA LEU B 363 -12.82 -20.28 1.51
C LEU B 363 -13.98 -19.59 2.20
N TRP B 364 -14.94 -19.12 1.39
CA TRP B 364 -16.28 -18.88 1.88
C TRP B 364 -17.04 -20.20 1.88
N ASP B 365 -17.75 -20.45 3.00
CA ASP B 365 -18.51 -21.67 3.21
C ASP B 365 -19.69 -21.73 2.23
N ALA B 366 -20.18 -20.54 1.87
CA ALA B 366 -21.28 -20.38 0.92
C ALA B 366 -20.84 -20.88 -0.45
N LYS B 367 -21.36 -22.06 -0.81
CA LYS B 367 -21.15 -22.64 -2.13
C LYS B 367 -22.24 -22.17 -3.07
N ASN B 368 -22.01 -22.38 -4.36
CA ASN B 368 -22.96 -21.94 -5.36
C ASN B 368 -23.05 -22.97 -6.47
N THR B 369 -23.76 -22.63 -7.53
CA THR B 369 -24.07 -23.54 -8.61
C THR B 369 -24.13 -22.71 -9.89
N ILE B 370 -23.52 -23.22 -10.97
CA ILE B 370 -23.48 -22.46 -12.21
C ILE B 370 -24.83 -22.63 -12.91
N ALA B 371 -25.50 -21.49 -13.14
CA ALA B 371 -26.79 -21.47 -13.80
C ALA B 371 -26.57 -21.27 -15.30
N SER B 372 -25.57 -20.44 -15.62
CA SER B 372 -25.20 -20.11 -16.98
C SER B 372 -23.69 -19.90 -17.02
N ILE B 373 -23.06 -20.24 -18.15
CA ILE B 373 -21.66 -19.93 -18.34
C ILE B 373 -21.38 -19.85 -19.84
N LYS B 374 -20.82 -18.70 -20.26
CA LYS B 374 -20.53 -18.42 -21.64
C LYS B 374 -19.16 -17.76 -21.72
N PRO B 375 -18.19 -18.25 -22.53
CA PRO B 375 -16.96 -17.52 -22.77
C PRO B 375 -17.26 -16.20 -23.48
N ILE B 376 -16.44 -15.18 -23.21
CA ILE B 376 -16.55 -13.89 -23.88
C ILE B 376 -15.51 -13.87 -25.01
N LEU B 377 -16.00 -13.63 -26.24
CA LEU B 377 -15.34 -13.94 -27.49
C LEU B 377 -15.90 -12.99 -28.55
N ARG B 378 -15.04 -12.15 -29.15
CA ARG B 378 -15.44 -11.29 -30.25
C ARG B 378 -15.71 -12.13 -31.50
N ASN B 379 -14.78 -13.04 -31.82
CA ASN B 379 -14.95 -14.08 -32.82
C ASN B 379 -14.93 -15.44 -32.12
N SER B 380 -15.64 -16.42 -32.69
CA SER B 380 -15.70 -17.78 -32.17
C SER B 380 -14.31 -18.41 -32.09
N THR B 381 -13.46 -18.12 -33.09
CA THR B 381 -12.15 -18.72 -33.22
C THR B 381 -11.16 -18.16 -32.18
N ASP B 382 -11.43 -16.96 -31.63
CA ASP B 382 -10.60 -16.40 -30.56
C ASP B 382 -10.52 -17.40 -29.40
N PRO B 383 -9.46 -17.34 -28.58
CA PRO B 383 -9.29 -18.28 -27.48
C PRO B 383 -9.97 -17.86 -26.19
N ILE B 384 -10.43 -18.85 -25.43
CA ILE B 384 -11.17 -18.61 -24.20
C ILE B 384 -10.20 -18.12 -23.13
N LYS B 385 -10.30 -16.83 -22.78
CA LYS B 385 -9.55 -16.27 -21.66
C LYS B 385 -10.48 -15.83 -20.52
N GLU B 386 -11.77 -15.64 -20.83
CA GLU B 386 -12.67 -14.86 -19.99
C GLU B 386 -14.10 -15.42 -20.08
N PHE B 387 -14.71 -15.73 -18.94
CA PHE B 387 -16.08 -16.24 -18.90
C PHE B 387 -17.04 -15.23 -18.26
N ARG B 388 -18.34 -15.41 -18.53
CA ARG B 388 -19.42 -14.77 -17.81
C ARG B 388 -20.26 -15.85 -17.13
N ILE B 389 -20.10 -15.97 -15.81
CA ILE B 389 -20.70 -17.05 -15.03
C ILE B 389 -21.91 -16.50 -14.24
N GLU B 390 -23.04 -17.23 -14.29
CA GLU B 390 -24.23 -16.89 -13.53
C GLU B 390 -24.48 -17.98 -12.50
N PHE B 391 -24.71 -17.59 -11.23
CA PHE B 391 -24.94 -18.55 -10.18
C PHE B 391 -26.43 -18.59 -9.85
N THR B 392 -26.91 -19.74 -9.36
CA THR B 392 -28.32 -19.88 -9.01
C THR B 392 -28.61 -19.03 -7.76
N LYS B 393 -27.78 -19.16 -6.72
CA LYS B 393 -27.91 -18.38 -5.49
C LYS B 393 -27.23 -17.03 -5.66
N ALA B 394 -27.75 -16.02 -4.95
CA ALA B 394 -27.17 -14.69 -4.98
C ALA B 394 -25.93 -14.66 -4.09
N LEU B 395 -24.99 -13.77 -4.43
CA LEU B 395 -23.71 -13.63 -3.76
C LEU B 395 -23.84 -12.56 -2.68
N ASP B 396 -23.34 -12.83 -1.47
CA ASP B 396 -23.32 -11.80 -0.45
C ASP B 396 -22.30 -10.73 -0.87
N PRO B 397 -22.67 -9.42 -0.85
CA PRO B 397 -21.78 -8.35 -1.29
C PRO B 397 -20.32 -8.37 -0.81
N VAL B 398 -19.97 -9.30 0.08
CA VAL B 398 -18.60 -9.51 0.55
C VAL B 398 -17.77 -10.09 -0.60
N ILE B 399 -18.47 -10.74 -1.54
CA ILE B 399 -17.83 -11.29 -2.73
C ILE B 399 -17.95 -10.26 -3.84
N ASP B 400 -17.03 -9.29 -3.81
CA ASP B 400 -16.94 -8.25 -4.81
C ASP B 400 -15.46 -8.06 -5.13
N PRO B 401 -15.06 -8.12 -6.43
CA PRO B 401 -13.65 -8.02 -6.81
C PRO B 401 -13.00 -6.68 -6.49
N SER B 402 -13.82 -5.63 -6.30
CA SER B 402 -13.31 -4.30 -5.97
C SER B 402 -13.04 -4.17 -4.47
N LYS B 403 -13.40 -5.19 -3.67
CA LYS B 403 -13.03 -5.20 -2.26
C LYS B 403 -11.71 -5.93 -2.06
N GLN B 404 -11.58 -7.14 -2.63
CA GLN B 404 -10.35 -7.91 -2.51
C GLN B 404 -10.20 -8.82 -3.73
N ASP B 405 -9.10 -9.58 -3.77
CA ASP B 405 -8.87 -10.55 -4.84
C ASP B 405 -9.60 -11.85 -4.51
N ILE B 406 -10.48 -12.28 -5.45
CA ILE B 406 -11.37 -13.41 -5.22
C ILE B 406 -11.21 -14.42 -6.35
N GLY B 407 -11.11 -15.70 -5.96
CA GLY B 407 -10.98 -16.80 -6.91
C GLY B 407 -12.13 -17.79 -6.82
N ILE B 408 -12.29 -18.62 -7.86
CA ILE B 408 -13.37 -19.60 -7.95
C ILE B 408 -12.78 -20.97 -8.26
N GLU B 409 -13.07 -21.95 -7.40
CA GLU B 409 -12.71 -23.35 -7.61
C GLU B 409 -13.96 -24.08 -8.12
N ASN B 410 -13.81 -24.94 -9.12
CA ASN B 410 -14.93 -25.76 -9.61
C ASN B 410 -14.84 -27.13 -8.94
N LEU B 411 -15.68 -27.33 -7.91
CA LEU B 411 -15.64 -28.53 -7.09
C LEU B 411 -16.22 -29.75 -7.82
N SER B 412 -16.85 -29.54 -8.99
CA SER B 412 -17.42 -30.65 -9.74
C SER B 412 -16.34 -31.35 -10.57
N TRP B 413 -15.50 -30.56 -11.24
CA TRP B 413 -14.35 -31.08 -11.97
C TRP B 413 -13.20 -31.36 -11.00
N THR B 414 -13.36 -32.38 -10.16
CA THR B 414 -12.32 -32.81 -9.24
C THR B 414 -12.31 -34.33 -9.22
N PRO B 415 -11.20 -35.01 -9.56
CA PRO B 415 -11.18 -36.48 -9.60
C PRO B 415 -10.76 -37.10 -8.27
N SER B 416 -11.26 -38.32 -8.03
CA SER B 416 -10.73 -39.17 -6.97
C SER B 416 -9.51 -39.90 -7.52
N VAL B 417 -8.60 -40.32 -6.63
CA VAL B 417 -7.28 -40.74 -7.07
C VAL B 417 -6.85 -42.01 -6.35
N VAL B 418 -6.29 -42.93 -7.13
CA VAL B 418 -5.56 -44.06 -6.62
C VAL B 418 -4.21 -44.06 -7.35
N PHE B 419 -3.14 -43.85 -6.59
CA PHE B 419 -1.80 -43.78 -7.11
C PHE B 419 -0.97 -44.80 -6.34
N THR B 420 -0.94 -46.05 -6.84
CA THR B 420 -0.35 -47.15 -6.09
C THR B 420 0.67 -47.90 -6.93
N GLY B 421 1.72 -48.37 -6.25
CA GLY B 421 2.67 -49.33 -6.80
C GLY B 421 3.55 -48.74 -7.90
N ASN B 422 3.71 -47.42 -7.93
CA ASN B 422 4.54 -46.77 -8.93
C ASN B 422 5.97 -46.66 -8.41
N THR B 423 6.91 -46.38 -9.32
CA THR B 423 8.28 -46.04 -8.98
C THR B 423 8.60 -44.69 -9.60
N ILE B 424 8.98 -43.72 -8.76
CA ILE B 424 9.47 -42.43 -9.25
C ILE B 424 10.92 -42.24 -8.81
N ARG B 425 11.76 -41.78 -9.74
CA ARG B 425 13.16 -41.61 -9.42
C ARG B 425 13.87 -40.67 -10.38
N ASN B 426 14.95 -40.09 -9.88
CA ASN B 426 15.93 -39.36 -10.66
C ASN B 426 15.24 -38.34 -11.55
N ASN B 427 14.41 -37.46 -10.96
CA ASN B 427 13.66 -36.49 -11.73
C ASN B 427 13.77 -35.11 -11.11
N ARG B 428 13.59 -34.09 -11.94
CA ARG B 428 13.63 -32.70 -11.49
C ARG B 428 12.38 -32.37 -10.70
N ALA B 429 12.50 -31.37 -9.82
CA ALA B 429 11.38 -30.86 -9.05
C ALA B 429 10.86 -31.94 -8.11
N ARG B 430 9.57 -31.88 -7.79
CA ARG B 430 8.95 -32.78 -6.82
C ARG B 430 8.65 -34.14 -7.46
N GLY B 431 8.26 -35.10 -6.63
CA GLY B 431 7.85 -36.41 -7.10
C GLY B 431 6.41 -36.39 -7.61
N ALA B 432 5.48 -35.94 -6.75
CA ALA B 432 4.05 -36.06 -7.00
C ALA B 432 3.30 -34.89 -6.36
N LEU B 433 2.38 -34.28 -7.11
CA LEU B 433 1.53 -33.19 -6.64
C LEU B 433 0.08 -33.66 -6.60
N PHE B 434 -0.58 -33.47 -5.47
CA PHE B 434 -1.99 -33.80 -5.31
C PHE B 434 -2.75 -32.59 -4.77
N SER B 435 -3.85 -32.25 -5.44
CA SER B 435 -4.62 -31.06 -5.14
C SER B 435 -6.10 -31.34 -5.39
N THR B 436 -6.65 -32.35 -4.71
CA THR B 436 -8.04 -32.68 -4.98
C THR B 436 -8.77 -32.91 -3.66
N PRO B 437 -9.96 -32.27 -3.50
CA PRO B 437 -10.80 -32.47 -2.33
C PRO B 437 -11.32 -33.89 -2.23
N LYS B 438 -11.33 -34.61 -3.36
CA LYS B 438 -11.90 -35.94 -3.45
C LYS B 438 -10.97 -36.93 -2.74
N PRO B 439 -11.44 -38.15 -2.41
CA PRO B 439 -10.61 -39.13 -1.73
C PRO B 439 -9.42 -39.51 -2.60
N THR B 440 -8.24 -39.64 -1.95
CA THR B 440 -6.99 -39.87 -2.63
C THR B 440 -6.22 -40.94 -1.87
N LEU B 441 -5.73 -41.96 -2.60
CA LEU B 441 -4.86 -42.96 -2.01
C LEU B 441 -3.52 -42.93 -2.73
N VAL B 442 -2.45 -42.80 -1.94
CA VAL B 442 -1.07 -42.78 -2.42
C VAL B 442 -0.33 -43.87 -1.65
N ALA B 443 -0.15 -45.04 -2.26
CA ALA B 443 0.29 -46.20 -1.49
C ALA B 443 1.27 -47.08 -2.29
N ASN B 444 2.11 -47.81 -1.53
CA ASN B 444 3.12 -48.72 -2.06
C ASN B 444 3.86 -48.12 -3.24
N ASN B 445 4.23 -46.85 -3.17
CA ASN B 445 5.07 -46.23 -4.17
C ASN B 445 6.51 -46.19 -3.68
N LEU B 446 7.46 -46.14 -4.62
CA LEU B 446 8.87 -45.97 -4.33
C LEU B 446 9.33 -44.64 -4.91
N PHE B 447 9.76 -43.75 -4.01
CA PHE B 447 10.35 -42.47 -4.39
C PHE B 447 11.86 -42.54 -4.21
N ASP B 448 12.55 -43.09 -5.22
CA ASP B 448 13.97 -43.37 -5.16
C ASP B 448 14.73 -42.20 -5.76
N HIS B 449 15.32 -41.36 -4.91
CA HIS B 449 16.16 -40.25 -5.34
C HIS B 449 15.41 -39.33 -6.29
N THR B 450 14.26 -38.81 -5.84
CA THR B 450 13.70 -37.61 -6.42
C THR B 450 14.62 -36.44 -6.09
N SER B 451 14.72 -35.45 -6.97
CA SER B 451 15.67 -34.37 -6.75
C SER B 451 15.13 -33.49 -5.63
N GLY B 452 13.86 -33.11 -5.75
CA GLY B 452 13.17 -32.27 -4.77
C GLY B 452 12.45 -33.11 -3.71
N CYS B 453 11.26 -32.66 -3.33
CA CYS B 453 10.49 -33.37 -2.31
C CYS B 453 9.66 -34.46 -2.97
N ALA B 454 9.32 -35.47 -2.18
CA ALA B 454 8.60 -36.63 -2.68
C ALA B 454 7.16 -36.24 -3.06
N ILE B 455 6.46 -35.57 -2.14
CA ILE B 455 5.05 -35.27 -2.32
C ILE B 455 4.80 -33.80 -1.96
N LEU B 456 3.96 -33.15 -2.77
CA LEU B 456 3.59 -31.77 -2.53
C LEU B 456 2.07 -31.58 -2.66
N LEU B 457 1.42 -31.17 -1.56
CA LEU B 457 0.05 -30.70 -1.56
C LEU B 457 0.10 -29.18 -1.50
N CYS B 458 -0.25 -28.51 -2.60
CA CYS B 458 -0.04 -27.07 -2.72
C CYS B 458 -1.39 -26.36 -2.70
N GLY B 459 -1.74 -25.69 -3.82
CA GLY B 459 -2.87 -24.77 -3.84
C GLY B 459 -2.39 -23.32 -3.85
N ASP B 460 -2.79 -22.58 -4.88
CA ASP B 460 -2.26 -21.25 -5.16
C ASP B 460 -3.22 -20.49 -6.07
N SER B 461 -3.76 -19.36 -5.59
CA SER B 461 -4.65 -18.50 -6.34
C SER B 461 -4.02 -17.12 -6.57
N ASN B 462 -2.71 -17.09 -6.81
CA ASN B 462 -1.99 -15.85 -7.01
C ASN B 462 -0.94 -16.01 -8.11
N GLY B 463 -0.18 -17.13 -8.07
CA GLY B 463 0.86 -17.38 -9.04
C GLY B 463 0.43 -18.38 -10.12
N TRP B 464 0.36 -19.65 -9.72
CA TRP B 464 0.06 -20.77 -10.61
C TRP B 464 -1.43 -20.90 -10.93
N TYR B 465 -2.29 -20.40 -10.03
CA TYR B 465 -3.74 -20.46 -10.17
C TYR B 465 -4.19 -21.91 -10.30
N GLU B 466 -3.62 -22.79 -9.48
CA GLU B 466 -3.93 -24.20 -9.48
C GLU B 466 -4.67 -24.57 -8.19
N THR B 467 -5.87 -25.15 -8.33
CA THR B 467 -6.72 -25.43 -7.17
C THR B 467 -6.22 -26.69 -6.48
N GLY B 468 -6.61 -26.79 -5.20
CA GLY B 468 -6.49 -28.05 -4.49
C GLY B 468 -6.44 -27.85 -2.98
N SER B 469 -7.53 -27.33 -2.40
CA SER B 469 -7.78 -27.61 -1.00
C SER B 469 -8.09 -29.10 -0.89
N CYS B 470 -7.25 -29.84 -0.16
CA CYS B 470 -7.38 -31.27 0.07
C CYS B 470 -8.27 -31.54 1.28
N ARG B 471 -9.06 -32.62 1.21
CA ARG B 471 -10.01 -32.92 2.28
C ARG B 471 -9.87 -34.36 2.76
N ASP B 472 -9.21 -35.21 1.98
CA ASP B 472 -9.26 -36.63 2.23
C ASP B 472 -8.16 -37.29 1.41
N ILE B 473 -7.09 -37.70 2.09
CA ILE B 473 -5.90 -38.19 1.42
C ILE B 473 -5.08 -39.04 2.38
N THR B 474 -4.77 -40.27 1.94
CA THR B 474 -3.97 -41.20 2.71
C THR B 474 -2.69 -41.47 1.94
N ILE B 475 -1.55 -41.17 2.57
CA ILE B 475 -0.22 -41.47 2.06
C ILE B 475 0.34 -42.59 2.93
N ARG B 476 0.24 -43.83 2.45
CA ARG B 476 0.56 -44.98 3.27
C ARG B 476 1.44 -45.98 2.54
N ASP B 477 2.23 -46.73 3.32
CA ASP B 477 3.04 -47.84 2.87
C ASP B 477 3.92 -47.47 1.68
N ASN B 478 4.44 -46.23 1.69
CA ASN B 478 5.37 -45.80 0.65
C ASN B 478 6.79 -45.86 1.19
N LYS B 479 7.74 -45.70 0.27
CA LYS B 479 9.14 -45.72 0.63
C LYS B 479 9.77 -44.48 -0.01
N PHE B 480 10.44 -43.68 0.82
CA PHE B 480 11.06 -42.45 0.39
C PHE B 480 12.56 -42.54 0.65
N VAL B 481 13.34 -42.62 -0.43
CA VAL B 481 14.78 -42.77 -0.29
C VAL B 481 15.45 -41.48 -0.76
N ASN B 482 16.29 -40.93 0.13
CA ASN B 482 17.13 -39.76 -0.12
C ASN B 482 16.47 -38.77 -1.09
N ALA B 483 15.26 -38.33 -0.70
CA ALA B 483 14.59 -37.22 -1.33
C ALA B 483 15.23 -35.90 -0.86
N LEU B 484 15.06 -34.87 -1.70
CA LEU B 484 15.51 -33.51 -1.42
C LEU B 484 17.04 -33.43 -1.39
N THR B 485 17.67 -33.75 -2.52
CA THR B 485 19.08 -33.45 -2.68
C THR B 485 19.25 -32.09 -3.37
N SER B 486 18.13 -31.48 -3.81
CA SER B 486 18.19 -30.23 -4.53
C SER B 486 16.93 -29.42 -4.22
N MET B 487 17.07 -28.09 -4.15
CA MET B 487 15.94 -27.22 -3.83
C MET B 487 15.20 -26.83 -5.10
N TYR B 488 13.87 -26.81 -5.01
CA TYR B 488 12.97 -26.24 -6.01
C TYR B 488 11.82 -25.58 -5.23
N GLN B 489 10.99 -24.81 -5.93
CA GLN B 489 9.85 -24.16 -5.29
C GLN B 489 9.15 -25.19 -4.39
N PHE B 490 8.99 -24.83 -3.10
CA PHE B 490 8.12 -25.53 -2.17
C PHE B 490 8.80 -26.74 -1.52
N THR B 491 10.08 -27.02 -1.81
CA THR B 491 10.69 -28.26 -1.32
C THR B 491 11.27 -28.03 0.07
N SER B 492 10.38 -28.09 1.09
CA SER B 492 10.74 -27.77 2.46
C SER B 492 10.99 -29.02 3.31
N ALA B 493 10.39 -30.16 2.89
CA ALA B 493 10.64 -31.45 3.52
C ALA B 493 10.24 -32.56 2.55
N ILE B 494 10.56 -33.81 2.90
CA ILE B 494 10.28 -34.93 2.02
C ILE B 494 8.81 -34.88 1.61
N ILE B 495 7.91 -34.80 2.60
CA ILE B 495 6.51 -34.47 2.36
C ILE B 495 6.29 -33.01 2.72
N SER B 496 5.93 -32.19 1.73
CA SER B 496 5.69 -30.77 1.94
C SER B 496 4.22 -30.47 1.71
N ILE B 497 3.55 -29.94 2.73
CA ILE B 497 2.18 -29.49 2.59
C ILE B 497 2.23 -27.95 2.61
N TYR B 498 2.36 -27.36 1.42
CA TYR B 498 2.78 -25.98 1.26
C TYR B 498 1.84 -25.29 0.28
N PRO B 499 0.67 -24.80 0.76
CA PRO B 499 -0.14 -23.87 -0.03
C PRO B 499 0.52 -22.50 -0.13
N GLU B 500 0.34 -21.85 -1.29
CA GLU B 500 0.80 -20.49 -1.52
C GLU B 500 -0.15 -19.49 -0.87
N ILE B 501 0.28 -18.98 0.30
CA ILE B 501 -0.50 -18.05 1.12
C ILE B 501 0.28 -16.75 1.27
N PRO B 502 -0.10 -15.67 0.55
CA PRO B 502 0.51 -14.34 0.73
C PRO B 502 0.51 -13.84 2.18
N ASP B 503 -0.68 -13.85 2.82
CA ASP B 503 -0.86 -13.31 4.17
C ASP B 503 -1.28 -14.42 5.12
N LEU B 504 -0.32 -15.07 5.77
CA LEU B 504 -0.61 -16.17 6.66
C LEU B 504 -0.99 -15.67 8.07
N THR B 505 -0.43 -14.55 8.53
CA THR B 505 -0.66 -14.11 9.90
C THR B 505 -2.16 -13.88 10.13
N ASN B 506 -2.86 -13.36 9.11
CA ASN B 506 -4.26 -12.98 9.21
C ASN B 506 -5.22 -14.11 8.85
N GLN B 507 -4.71 -15.30 8.50
CA GLN B 507 -5.56 -16.40 8.13
C GLN B 507 -6.21 -16.99 9.39
N LYS B 508 -7.53 -17.19 9.31
CA LYS B 508 -8.33 -17.77 10.39
C LYS B 508 -8.71 -19.22 10.05
N LYS B 509 -8.96 -19.47 8.75
CA LYS B 509 -9.46 -20.76 8.29
C LYS B 509 -8.32 -21.60 7.71
N TYR B 510 -8.35 -22.90 8.00
CA TYR B 510 -7.34 -23.83 7.54
C TYR B 510 -7.67 -24.26 6.12
N PHE B 511 -6.64 -24.33 5.27
CA PHE B 511 -6.83 -24.54 3.83
C PHE B 511 -7.02 -26.02 3.49
N HIS B 512 -6.17 -26.89 4.08
CA HIS B 512 -6.22 -28.32 3.89
C HIS B 512 -6.78 -29.00 5.14
N SER B 513 -7.39 -30.17 4.94
CA SER B 513 -7.89 -30.97 6.04
C SER B 513 -7.88 -32.45 5.66
N GLY B 514 -7.89 -33.30 6.69
CA GLY B 514 -8.07 -34.74 6.52
C GLY B 514 -6.88 -35.37 5.82
N ILE B 515 -5.68 -35.12 6.35
CA ILE B 515 -4.47 -35.67 5.78
C ILE B 515 -3.95 -36.74 6.72
N ARG B 516 -3.78 -37.95 6.19
CA ARG B 516 -3.27 -39.08 6.96
C ARG B 516 -1.99 -39.62 6.32
N ILE B 517 -0.94 -39.71 7.14
CA ILE B 517 0.36 -40.18 6.72
C ILE B 517 0.73 -41.36 7.62
N LEU B 518 0.52 -42.58 7.12
CA LEU B 518 0.56 -43.77 7.95
C LEU B 518 1.51 -44.80 7.34
N ASN B 519 2.39 -45.34 8.18
CA ASN B 519 3.16 -46.54 7.87
C ASN B 519 4.02 -46.34 6.62
N ASN B 520 4.83 -45.28 6.62
CA ASN B 520 5.76 -45.04 5.55
C ASN B 520 7.17 -45.30 6.06
N GLN B 521 8.11 -45.41 5.12
CA GLN B 521 9.52 -45.53 5.44
C GLN B 521 10.26 -44.38 4.78
N PHE B 522 11.00 -43.63 5.61
CA PHE B 522 11.81 -42.51 5.17
C PHE B 522 13.29 -42.85 5.38
N ASP B 523 13.98 -43.18 4.30
CA ASP B 523 15.43 -43.21 4.32
C ASP B 523 15.91 -41.81 3.94
N THR B 524 16.60 -41.14 4.88
CA THR B 524 17.09 -39.80 4.64
C THR B 524 18.45 -39.60 5.31
N PHE B 525 19.22 -38.71 4.69
CA PHE B 525 20.53 -38.26 5.14
C PHE B 525 20.39 -36.95 5.89
N ASP B 526 19.27 -36.26 5.70
CA ASP B 526 19.03 -34.91 6.19
C ASP B 526 18.03 -34.98 7.36
N GLN B 527 17.43 -33.82 7.67
CA GLN B 527 16.50 -33.66 8.78
C GLN B 527 15.03 -33.60 8.33
N PRO B 528 14.59 -32.63 7.49
CA PRO B 528 13.16 -32.37 7.27
C PRO B 528 12.34 -33.52 6.67
N ILE B 529 11.31 -33.97 7.40
CA ILE B 529 10.48 -35.10 7.03
C ILE B 529 9.11 -34.62 6.56
N LEU B 530 8.48 -33.77 7.37
CA LEU B 530 7.15 -33.25 7.12
C LEU B 530 7.14 -31.75 7.38
N TYR B 531 6.70 -30.98 6.39
CA TYR B 531 6.39 -29.56 6.54
C TYR B 531 4.90 -29.38 6.25
N ALA B 532 4.21 -28.62 7.11
CA ALA B 532 2.78 -28.52 7.02
C ALA B 532 2.32 -27.11 7.36
N LYS B 533 1.67 -26.46 6.39
CA LYS B 533 1.19 -25.10 6.52
C LYS B 533 -0.31 -25.07 6.22
N SER B 534 -1.10 -24.64 7.21
CA SER B 534 -2.53 -24.37 7.07
C SER B 534 -3.33 -25.68 6.91
N VAL B 535 -3.26 -26.52 7.95
CA VAL B 535 -3.92 -27.81 7.94
C VAL B 535 -4.78 -27.94 9.20
N ASP B 536 -6.01 -28.44 9.01
CA ASP B 536 -6.84 -28.86 10.11
C ASP B 536 -7.08 -30.37 9.98
N GLY B 537 -6.38 -31.14 10.83
CA GLY B 537 -6.42 -32.60 10.77
C GLY B 537 -5.21 -33.16 10.02
N LEU B 538 -4.25 -33.71 10.77
CA LEU B 538 -2.99 -34.17 10.21
C LEU B 538 -2.52 -35.36 11.02
N VAL B 539 -2.75 -36.57 10.49
CA VAL B 539 -2.33 -37.80 11.13
C VAL B 539 -0.96 -38.21 10.60
N PHE B 540 -0.06 -38.50 11.54
CA PHE B 540 1.26 -39.01 11.23
C PHE B 540 1.56 -40.16 12.19
N THR B 541 1.33 -41.40 11.74
CA THR B 541 1.41 -42.54 12.65
C THR B 541 2.09 -43.72 11.97
N GLY B 542 2.86 -44.46 12.77
CA GLY B 542 3.43 -45.74 12.39
C GLY B 542 4.55 -45.62 11.37
N ASN B 543 5.17 -44.44 11.27
CA ASN B 543 6.19 -44.17 10.26
C ASN B 543 7.57 -44.46 10.83
N LYS B 544 8.46 -44.91 9.92
CA LYS B 544 9.81 -45.29 10.26
C LYS B 544 10.79 -44.37 9.54
N ILE B 545 11.72 -43.80 10.29
CA ILE B 545 12.72 -42.93 9.71
C ILE B 545 14.08 -43.55 10.00
N GLN B 546 14.81 -43.79 8.89
CA GLN B 546 16.12 -44.42 8.94
C GLN B 546 17.14 -43.43 8.38
N THR B 547 18.17 -43.15 9.17
CA THR B 547 19.18 -42.16 8.82
C THR B 547 20.29 -42.86 8.03
N ASN B 548 20.86 -42.13 7.06
CA ASN B 548 22.01 -42.61 6.31
C ASN B 548 22.95 -41.43 6.05
N LYS B 549 24.09 -41.67 5.41
CA LYS B 549 25.06 -40.61 5.17
C LYS B 549 25.51 -40.58 3.72
N GLU B 550 24.62 -40.98 2.78
CA GLU B 550 24.96 -41.01 1.36
C GLU B 550 25.25 -39.60 0.86
N TYR B 551 24.71 -38.58 1.55
CA TYR B 551 25.04 -37.20 1.26
C TYR B 551 25.11 -36.39 2.56
N PRO B 552 25.75 -35.19 2.55
CA PRO B 552 25.71 -34.29 3.69
C PRO B 552 24.33 -33.65 3.92
N ALA B 553 23.91 -33.56 5.18
CA ALA B 553 22.78 -32.71 5.53
C ALA B 553 23.05 -31.29 5.04
N PHE B 554 22.02 -30.55 4.62
CA PHE B 554 22.24 -29.19 4.13
C PHE B 554 21.01 -28.27 4.23
N HIS B 555 19.81 -28.84 4.33
CA HIS B 555 18.58 -28.08 4.22
C HIS B 555 18.50 -27.03 5.32
N SER B 556 18.02 -25.81 4.98
CA SER B 556 17.93 -24.72 5.94
C SER B 556 16.99 -25.11 7.08
N ASN B 557 15.82 -25.65 6.73
CA ASN B 557 14.92 -26.26 7.70
C ASN B 557 15.62 -27.46 8.34
N LYS B 558 15.99 -27.34 9.64
CA LYS B 558 16.73 -28.39 10.34
C LYS B 558 15.83 -29.14 11.30
N LYS B 559 14.51 -29.08 11.06
CA LYS B 559 13.54 -29.72 11.93
C LYS B 559 12.84 -30.84 11.17
N ARG B 560 12.80 -32.02 11.79
CA ARG B 560 12.08 -33.13 11.21
C ARG B 560 10.63 -32.70 10.95
N PHE B 561 9.98 -32.13 11.97
CA PHE B 561 8.62 -31.64 11.83
C PHE B 561 8.58 -30.12 11.98
N LEU B 562 7.91 -29.47 11.02
CA LEU B 562 7.72 -28.03 11.00
C LEU B 562 6.27 -27.74 10.67
N PHE B 563 5.50 -27.24 11.67
CA PHE B 563 4.09 -26.94 11.48
C PHE B 563 3.86 -25.43 11.59
N GLU B 564 3.03 -24.89 10.69
CA GLU B 564 2.65 -23.49 10.68
C GLU B 564 1.15 -23.38 10.40
N ARG B 565 0.39 -22.97 11.43
CA ARG B 565 -1.07 -22.87 11.36
C ARG B 565 -1.64 -24.26 11.11
N VAL B 566 -1.32 -25.18 12.03
CA VAL B 566 -1.73 -26.57 11.96
C VAL B 566 -2.39 -26.95 13.28
N ILE B 567 -3.68 -27.30 13.22
CA ILE B 567 -4.34 -27.96 14.32
C ILE B 567 -4.68 -29.38 13.90
N GLY B 568 -5.08 -30.19 14.89
CA GLY B 568 -5.63 -31.51 14.67
C GLY B 568 -4.54 -32.56 14.48
N VAL B 569 -3.42 -32.41 15.17
CA VAL B 569 -2.27 -33.27 14.92
C VAL B 569 -2.37 -34.51 15.80
N ASP B 570 -2.29 -35.66 15.14
CA ASP B 570 -2.25 -36.96 15.78
C ASP B 570 -0.94 -37.63 15.39
N PHE B 571 -0.14 -37.99 16.39
CA PHE B 571 1.25 -38.34 16.15
C PHE B 571 1.68 -39.45 17.11
N SER B 572 1.74 -40.69 16.62
CA SER B 572 2.02 -41.83 17.48
C SER B 572 2.66 -42.97 16.68
N ASP B 573 3.48 -43.77 17.39
CA ASP B 573 4.06 -45.00 16.87
C ASP B 573 5.06 -44.70 15.76
N ASN B 574 5.64 -43.50 15.77
CA ASN B 574 6.71 -43.15 14.86
C ASN B 574 8.05 -43.46 15.51
N LYS B 575 9.06 -43.74 14.67
CA LYS B 575 10.39 -44.08 15.16
C LYS B 575 11.45 -43.39 14.30
N VAL B 576 12.63 -43.20 14.91
CA VAL B 576 13.79 -42.72 14.18
C VAL B 576 14.97 -43.62 14.57
N ASP B 577 15.43 -44.43 13.61
CA ASP B 577 16.50 -45.40 13.83
C ASP B 577 16.08 -46.36 14.95
N GLY B 578 14.80 -46.74 14.92
CA GLY B 578 14.29 -47.76 15.84
C GLY B 578 14.01 -47.23 17.24
N LYS B 579 14.14 -45.91 17.46
CA LYS B 579 13.81 -45.31 18.73
C LYS B 579 12.56 -44.44 18.57
N PRO B 580 11.61 -44.48 19.54
CA PRO B 580 10.38 -43.69 19.45
C PRO B 580 10.63 -42.19 19.50
N ILE B 581 9.77 -41.44 18.83
CA ILE B 581 9.80 -39.99 18.78
C ILE B 581 8.38 -39.50 19.08
N GLU B 582 8.18 -38.87 20.25
CA GLU B 582 6.85 -38.52 20.71
C GLU B 582 6.70 -37.00 20.76
N MET B 583 5.45 -36.51 20.67
CA MET B 583 5.14 -35.12 20.94
C MET B 583 5.14 -34.87 22.44
N LEU B 584 4.60 -35.83 23.20
CA LEU B 584 4.71 -35.78 24.65
C LEU B 584 6.03 -36.43 25.09
N SER C 1 4.36 -1.61 -38.19
CA SER C 1 3.07 -2.04 -38.76
C SER C 1 3.19 -2.19 -40.28
N GLU C 2 2.56 -3.24 -40.83
CA GLU C 2 2.58 -3.48 -42.27
C GLU C 2 1.50 -2.64 -42.94
N PHE C 3 0.72 -1.92 -42.12
CA PHE C 3 -0.40 -1.09 -42.56
C PHE C 3 -0.11 0.37 -42.21
N ASN C 4 -0.55 1.29 -43.09
CA ASN C 4 -0.45 2.70 -42.81
C ASN C 4 -1.51 3.05 -41.76
N VAL C 5 -2.74 2.58 -41.98
CA VAL C 5 -3.83 2.69 -41.02
C VAL C 5 -4.33 1.30 -40.69
N LYS C 6 -4.56 1.01 -39.40
CA LYS C 6 -5.22 -0.21 -39.02
C LYS C 6 -6.72 0.03 -38.86
N ILE C 7 -7.53 -0.52 -39.76
CA ILE C 7 -8.96 -0.25 -39.75
C ILE C 7 -9.67 -1.44 -39.12
N TYR C 8 -10.43 -1.19 -38.05
CA TYR C 8 -11.22 -2.23 -37.39
C TYR C 8 -12.69 -2.00 -37.72
N LYS C 9 -13.21 -2.77 -38.68
CA LYS C 9 -14.64 -2.86 -38.88
C LYS C 9 -15.23 -3.56 -37.65
N LEU C 10 -16.17 -2.91 -36.96
CA LEU C 10 -16.61 -3.38 -35.66
C LEU C 10 -17.32 -4.73 -35.77
N SER C 11 -18.07 -4.91 -36.86
CA SER C 11 -18.84 -6.12 -37.10
C SER C 11 -17.94 -7.35 -37.24
N ALA C 12 -16.67 -7.14 -37.62
CA ALA C 12 -15.71 -8.23 -37.67
C ALA C 12 -15.25 -8.61 -36.27
N TYR C 13 -15.57 -7.80 -35.25
CA TYR C 13 -15.08 -8.02 -33.90
C TYR C 13 -16.26 -8.12 -32.93
N GLY C 14 -17.39 -8.65 -33.42
CA GLY C 14 -18.48 -9.08 -32.55
C GLY C 14 -19.41 -7.94 -32.10
N ILE C 15 -19.43 -6.84 -32.86
CA ILE C 15 -20.20 -5.66 -32.52
C ILE C 15 -21.03 -5.23 -33.73
N LYS C 16 -22.30 -5.66 -33.72
CA LYS C 16 -23.17 -5.58 -34.88
C LYS C 16 -24.25 -4.52 -34.65
N PRO C 17 -24.78 -3.88 -35.73
CA PRO C 17 -25.91 -2.96 -35.63
C PRO C 17 -27.23 -3.72 -35.50
N ASN C 18 -28.20 -3.10 -34.79
CA ASN C 18 -29.56 -3.58 -34.74
C ASN C 18 -29.64 -4.92 -33.98
N SER C 19 -28.63 -5.21 -33.15
CA SER C 19 -28.62 -6.41 -32.34
C SER C 19 -29.48 -6.20 -31.10
N GLY C 20 -29.60 -4.94 -30.69
CA GLY C 20 -30.31 -4.59 -29.47
C GLY C 20 -29.57 -5.05 -28.22
N LYS C 21 -28.29 -5.43 -28.34
CA LYS C 21 -27.51 -5.82 -27.18
C LYS C 21 -26.68 -4.64 -26.66
N ASN C 22 -26.22 -4.78 -25.43
CA ASN C 22 -25.44 -3.76 -24.74
C ASN C 22 -24.07 -3.69 -25.40
N THR C 23 -23.80 -2.58 -26.11
CA THR C 23 -22.57 -2.42 -26.89
C THR C 23 -21.45 -1.91 -25.98
N THR C 24 -21.80 -1.46 -24.77
CA THR C 24 -20.88 -0.73 -23.90
C THR C 24 -19.72 -1.62 -23.50
N PRO C 25 -19.94 -2.81 -22.89
CA PRO C 25 -18.82 -3.62 -22.38
C PRO C 25 -17.92 -4.19 -23.48
N LEU C 26 -18.51 -4.36 -24.67
CA LEU C 26 -17.83 -4.92 -25.85
C LEU C 26 -16.85 -3.88 -26.44
N LEU C 27 -17.36 -2.69 -26.77
CA LEU C 27 -16.54 -1.67 -27.37
C LEU C 27 -15.47 -1.21 -26.38
N THR C 28 -15.80 -1.22 -25.08
CA THR C 28 -14.87 -0.88 -24.01
C THR C 28 -13.72 -1.86 -23.99
N SER C 29 -14.03 -3.16 -23.89
CA SER C 29 -13.01 -4.20 -23.90
C SER C 29 -12.14 -4.12 -25.16
N LEU C 30 -12.75 -3.81 -26.31
CA LEU C 30 -12.08 -3.84 -27.60
C LEU C 30 -11.06 -2.70 -27.71
N LEU C 31 -11.51 -1.45 -27.49
CA LEU C 31 -10.64 -0.28 -27.49
C LEU C 31 -9.46 -0.49 -26.55
N LYS C 32 -9.72 -1.06 -25.38
CA LYS C 32 -8.67 -1.28 -24.40
C LYS C 32 -7.56 -2.13 -25.01
N GLU C 33 -7.96 -3.13 -25.81
CA GLU C 33 -6.99 -4.01 -26.44
C GLU C 33 -6.26 -3.28 -27.56
N ILE C 34 -7.01 -2.64 -28.47
CA ILE C 34 -6.44 -1.91 -29.60
C ILE C 34 -5.43 -0.86 -29.09
N LYS C 35 -5.73 -0.27 -27.93
CA LYS C 35 -4.83 0.71 -27.32
C LYS C 35 -3.54 0.02 -26.91
N SER C 36 -3.66 -1.11 -26.18
CA SER C 36 -2.52 -1.74 -25.55
C SER C 36 -1.52 -2.24 -26.58
N LYS C 37 -1.95 -2.32 -27.85
CA LYS C 37 -1.11 -2.82 -28.92
C LYS C 37 -0.54 -1.67 -29.75
N THR C 38 -1.39 -0.71 -30.13
CA THR C 38 -0.92 0.37 -30.98
C THR C 38 0.05 1.26 -30.19
N SER C 39 1.30 1.32 -30.68
CA SER C 39 2.27 2.31 -30.25
C SER C 39 1.78 3.71 -30.65
N ASP C 40 2.64 4.73 -30.53
CA ASP C 40 2.12 6.08 -30.52
C ASP C 40 1.85 6.57 -31.94
N LEU C 41 2.85 6.50 -32.84
CA LEU C 41 2.71 7.04 -34.18
C LEU C 41 1.74 6.21 -35.02
N ASP C 42 1.45 4.98 -34.54
CA ASP C 42 0.45 4.10 -35.13
C ASP C 42 -0.90 4.80 -35.26
N LYS C 43 -1.56 4.61 -36.41
CA LYS C 43 -2.87 5.20 -36.68
C LYS C 43 -3.95 4.11 -36.66
N VAL C 44 -5.14 4.48 -36.14
CA VAL C 44 -6.24 3.56 -35.91
C VAL C 44 -7.52 4.16 -36.51
N ILE C 45 -8.43 3.30 -36.96
CA ILE C 45 -9.80 3.69 -37.27
C ILE C 45 -10.73 2.62 -36.68
N ILE C 46 -11.82 3.08 -36.04
CA ILE C 46 -12.89 2.23 -35.55
C ILE C 46 -14.14 2.52 -36.37
N GLN C 47 -14.71 1.49 -37.03
CA GLN C 47 -15.75 1.72 -38.02
C GLN C 47 -17.07 1.01 -37.69
N PHE C 48 -18.12 1.81 -37.47
CA PHE C 48 -19.49 1.37 -37.28
C PHE C 48 -20.20 1.28 -38.64
N GLU C 49 -21.29 0.48 -38.71
CA GLU C 49 -22.08 0.29 -39.92
C GLU C 49 -23.42 1.01 -39.79
N LYS C 50 -24.21 0.98 -40.88
CA LYS C 50 -25.59 1.45 -40.89
C LYS C 50 -26.40 0.69 -39.85
N GLY C 51 -27.26 1.45 -39.15
CA GLY C 51 -28.15 0.90 -38.14
C GLY C 51 -27.79 1.41 -36.75
N ARG C 52 -28.29 0.71 -35.74
CA ARG C 52 -28.39 1.24 -34.40
C ARG C 52 -27.59 0.40 -33.40
N TYR C 53 -26.76 1.08 -32.61
CA TYR C 53 -26.04 0.48 -31.50
C TYR C 53 -26.58 1.09 -30.21
N ASP C 54 -27.02 0.24 -29.27
CA ASP C 54 -27.50 0.69 -27.97
C ASP C 54 -26.38 0.55 -26.96
N PHE C 55 -26.23 1.57 -26.09
CA PHE C 55 -25.28 1.55 -24.99
C PHE C 55 -26.05 1.73 -23.69
N TYR C 56 -25.79 0.84 -22.72
CA TYR C 56 -26.39 0.97 -21.40
C TYR C 56 -25.30 1.24 -20.37
N PRO C 57 -25.67 1.73 -19.17
CA PRO C 57 -24.70 1.90 -18.09
C PRO C 57 -23.87 0.68 -17.74
N GLU C 58 -24.46 -0.53 -17.89
CA GLU C 58 -23.82 -1.74 -17.41
C GLU C 58 -22.56 -1.98 -18.21
N GLY C 59 -21.43 -2.15 -17.49
CA GLY C 59 -20.14 -2.46 -18.09
C GLY C 59 -19.38 -1.22 -18.57
N ALA C 60 -19.95 -0.04 -18.31
CA ALA C 60 -19.32 1.23 -18.65
C ALA C 60 -18.17 1.51 -17.68
N ILE C 61 -17.21 2.31 -18.14
CA ILE C 61 -16.16 2.80 -17.27
C ILE C 61 -16.78 3.88 -16.38
N LYS C 62 -16.28 3.99 -15.14
CA LYS C 62 -16.68 5.06 -14.24
C LYS C 62 -15.51 5.98 -13.98
N ARG C 63 -15.51 7.15 -14.64
CA ARG C 63 -14.49 8.17 -14.50
C ARG C 63 -15.01 9.33 -13.65
N GLU C 64 -14.13 9.83 -12.77
CA GLU C 64 -14.36 11.08 -12.07
C GLU C 64 -13.87 12.22 -12.95
N TYR C 65 -14.79 12.96 -13.56
CA TYR C 65 -14.45 14.10 -14.41
C TYR C 65 -14.98 15.39 -13.81
N TYR C 66 -14.18 16.46 -13.93
CA TYR C 66 -14.66 17.80 -13.68
C TYR C 66 -14.86 18.49 -15.03
N ILE C 67 -16.07 19.00 -15.23
CA ILE C 67 -16.53 19.45 -16.52
C ILE C 67 -16.97 20.91 -16.40
N SER C 68 -16.38 21.76 -17.22
CA SER C 68 -16.72 23.17 -17.22
C SER C 68 -18.20 23.34 -17.57
N ASN C 69 -18.88 24.17 -16.77
CA ASN C 69 -20.20 24.71 -17.04
C ASN C 69 -21.26 23.62 -16.87
N HIS C 70 -21.01 22.70 -15.93
CA HIS C 70 -21.87 21.54 -15.71
C HIS C 70 -21.90 21.20 -14.21
N ASP C 71 -22.91 20.43 -13.78
CA ASP C 71 -22.96 19.90 -12.43
C ASP C 71 -21.81 18.91 -12.22
N GLN C 72 -21.21 18.96 -11.03
CA GLN C 72 -20.04 18.16 -10.70
C GLN C 72 -20.47 16.91 -9.95
N ASP C 73 -21.35 16.12 -10.55
CA ASP C 73 -21.82 14.89 -9.96
C ASP C 73 -20.90 13.76 -10.41
N ASN C 74 -20.38 12.98 -9.46
CA ASN C 74 -19.40 11.95 -9.78
C ASN C 74 -19.77 10.65 -9.08
N PRO C 75 -19.35 9.47 -9.61
CA PRO C 75 -18.62 9.39 -10.87
C PRO C 75 -19.52 9.68 -12.08
N LYS C 76 -18.91 9.81 -13.26
CA LYS C 76 -19.66 9.85 -14.51
C LYS C 76 -19.68 8.43 -15.09
N THR C 77 -20.84 8.03 -15.63
CA THR C 77 -20.97 6.77 -16.34
C THR C 77 -20.69 7.03 -17.83
N VAL C 78 -19.53 6.55 -18.29
CA VAL C 78 -18.99 6.93 -19.58
C VAL C 78 -19.21 5.78 -20.57
N GLY C 79 -19.87 6.11 -21.69
CA GLY C 79 -20.17 5.16 -22.73
C GLY C 79 -18.92 4.72 -23.48
N ILE C 80 -18.27 5.69 -24.12
CA ILE C 80 -17.06 5.45 -24.87
C ILE C 80 -15.94 6.34 -24.33
N GLY C 81 -14.88 5.72 -23.81
CA GLY C 81 -13.75 6.43 -23.23
C GLY C 81 -12.50 6.36 -24.11
N ILE C 82 -12.32 7.41 -24.92
CA ILE C 82 -11.06 7.64 -25.62
C ILE C 82 -10.16 8.41 -24.66
N GLU C 83 -9.19 7.73 -24.05
CA GLU C 83 -8.33 8.32 -23.02
C GLU C 83 -6.86 8.05 -23.33
N LYS C 84 -6.07 9.11 -23.56
CA LYS C 84 -4.64 9.00 -23.79
C LYS C 84 -4.39 8.09 -24.99
N PHE C 85 -5.08 8.39 -26.08
CA PHE C 85 -5.19 7.51 -27.24
C PHE C 85 -5.21 8.39 -28.49
N ASN C 86 -4.14 8.35 -29.28
CA ASN C 86 -3.94 9.34 -30.34
C ASN C 86 -4.13 8.71 -31.72
N ASN C 87 -4.39 9.59 -32.69
CA ASN C 87 -4.46 9.26 -34.11
C ASN C 87 -5.57 8.26 -34.37
N ILE C 88 -6.67 8.45 -33.64
CA ILE C 88 -7.79 7.52 -33.64
C ILE C 88 -8.98 8.22 -34.27
N THR C 89 -9.68 7.52 -35.17
CA THR C 89 -10.86 8.06 -35.82
C THR C 89 -12.01 7.09 -35.56
N LEU C 90 -13.11 7.60 -34.96
CA LEU C 90 -14.36 6.87 -34.92
C LEU C 90 -15.22 7.33 -36.09
N ILE C 91 -15.60 6.39 -36.96
CA ILE C 91 -16.38 6.71 -38.13
C ILE C 91 -17.56 5.77 -38.21
N GLY C 92 -18.67 6.26 -38.81
CA GLY C 92 -19.86 5.46 -39.04
C GLY C 92 -20.35 5.61 -40.48
N LYS C 93 -21.56 5.11 -40.74
CA LYS C 93 -22.22 5.19 -42.03
C LYS C 93 -23.72 5.35 -41.79
N GLY C 94 -24.17 6.60 -41.62
CA GLY C 94 -25.47 6.86 -41.04
C GLY C 94 -25.69 5.99 -39.81
N THR C 95 -24.82 6.16 -38.79
CA THR C 95 -24.85 5.32 -37.60
C THR C 95 -25.63 6.02 -36.50
N ASP C 96 -26.32 5.22 -35.68
CA ASP C 96 -27.14 5.73 -34.59
C ASP C 96 -26.66 5.10 -33.29
N LEU C 97 -25.83 5.84 -32.55
CA LEU C 97 -25.42 5.45 -31.22
C LEU C 97 -26.53 5.90 -30.27
N MET C 98 -27.18 4.92 -29.62
CA MET C 98 -28.34 5.18 -28.79
C MET C 98 -27.97 4.85 -27.34
N PHE C 99 -28.17 5.81 -26.43
CA PHE C 99 -27.75 5.63 -25.05
C PHE C 99 -28.95 5.49 -24.14
N HIS C 100 -28.72 4.90 -22.97
CA HIS C 100 -29.77 4.61 -22.02
C HIS C 100 -29.34 5.08 -20.63
N GLY C 101 -30.30 5.58 -19.84
CA GLY C 101 -30.04 5.94 -18.46
C GLY C 101 -29.32 7.28 -18.36
N ARG C 102 -28.45 7.40 -17.33
CA ARG C 102 -27.63 8.59 -17.16
C ARG C 102 -26.19 8.27 -17.57
N MET C 103 -25.80 8.74 -18.75
CA MET C 103 -24.51 8.41 -19.30
C MET C 103 -23.88 9.66 -19.91
N LEU C 104 -22.55 9.66 -19.91
CA LEU C 104 -21.73 10.53 -20.74
C LEU C 104 -21.38 9.74 -22.00
N PRO C 105 -22.03 10.00 -23.15
CA PRO C 105 -21.81 9.20 -24.36
C PRO C 105 -20.34 9.01 -24.71
N LEU C 106 -19.66 10.10 -25.06
CA LEU C 106 -18.32 10.08 -25.62
C LEU C 106 -17.42 11.05 -24.87
N ALA C 107 -16.26 10.56 -24.39
CA ALA C 107 -15.30 11.35 -23.65
C ALA C 107 -13.92 11.24 -24.28
N LEU C 108 -13.35 12.41 -24.66
CA LEU C 108 -12.04 12.50 -25.28
C LEU C 108 -11.10 13.18 -24.29
N ILE C 109 -10.24 12.38 -23.66
CA ILE C 109 -9.41 12.81 -22.54
C ILE C 109 -7.93 12.75 -22.96
N GLU C 110 -7.26 13.90 -22.97
CA GLU C 110 -5.81 13.97 -23.09
C GLU C 110 -5.37 13.19 -24.33
N SER C 111 -6.04 13.47 -25.46
CA SER C 111 -5.78 12.77 -26.70
C SER C 111 -5.56 13.78 -27.82
N SER C 112 -4.61 13.47 -28.71
CA SER C 112 -4.30 14.31 -29.86
C SER C 112 -4.71 13.62 -31.15
N ASN C 113 -5.06 14.43 -32.16
CA ASN C 113 -5.37 13.96 -33.50
C ASN C 113 -6.50 12.94 -33.47
N VAL C 114 -7.62 13.32 -32.83
CA VAL C 114 -8.80 12.49 -32.77
C VAL C 114 -9.85 13.08 -33.72
N LYS C 115 -10.46 12.20 -34.52
CA LYS C 115 -11.46 12.61 -35.48
C LYS C 115 -12.72 11.78 -35.24
N ILE C 116 -13.89 12.42 -35.25
CA ILE C 116 -15.17 11.76 -35.09
C ILE C 116 -16.02 12.12 -36.30
N LYS C 117 -16.64 11.13 -36.95
CA LYS C 117 -17.13 11.31 -38.31
C LYS C 117 -18.34 10.43 -38.65
N ASP C 118 -19.37 11.07 -39.23
CA ASP C 118 -20.49 10.40 -39.91
C ASP C 118 -21.30 9.56 -38.91
N LEU C 119 -21.74 10.18 -37.80
CA LEU C 119 -22.16 9.42 -36.63
C LEU C 119 -23.05 10.25 -35.72
N ASN C 120 -24.13 9.66 -35.18
CA ASN C 120 -25.14 10.38 -34.40
C ASN C 120 -25.21 9.86 -32.97
N ILE C 121 -25.49 10.78 -32.03
CA ILE C 121 -25.63 10.44 -30.63
C ILE C 121 -27.02 10.90 -30.14
N ASP C 122 -27.75 9.97 -29.50
CA ASP C 122 -29.07 10.24 -28.96
C ASP C 122 -29.30 9.33 -27.75
N PHE C 123 -30.26 9.73 -26.90
CA PHE C 123 -30.77 8.85 -25.85
C PHE C 123 -32.19 8.42 -26.21
N GLU C 124 -32.57 7.18 -25.84
CA GLU C 124 -33.91 6.68 -26.12
C GLU C 124 -34.92 7.39 -25.21
N LYS C 125 -34.55 7.57 -23.93
CA LYS C 125 -35.41 8.22 -22.96
C LYS C 125 -34.74 9.52 -22.48
N PRO C 126 -34.92 10.64 -23.22
CA PRO C 126 -34.47 11.96 -22.75
C PRO C 126 -35.06 12.34 -21.39
N GLN C 127 -34.24 12.98 -20.55
CA GLN C 127 -34.66 13.42 -19.23
C GLN C 127 -35.65 14.56 -19.37
N ILE C 128 -35.54 15.30 -20.49
CA ILE C 128 -36.54 16.27 -20.87
C ILE C 128 -37.82 15.53 -21.22
N THR C 129 -38.95 16.05 -20.71
CA THR C 129 -40.26 15.45 -20.91
C THR C 129 -41.06 16.30 -21.90
N GLN C 130 -41.38 15.72 -23.06
CA GLN C 130 -42.24 16.39 -24.02
C GLN C 130 -43.71 16.12 -23.67
N VAL C 131 -44.52 17.19 -23.68
CA VAL C 131 -45.96 17.10 -23.44
C VAL C 131 -46.67 18.05 -24.38
N LYS C 132 -47.96 17.83 -24.57
CA LYS C 132 -48.76 18.62 -25.48
C LYS C 132 -50.04 19.05 -24.76
N ILE C 133 -50.33 20.35 -24.82
CA ILE C 133 -51.52 20.88 -24.17
C ILE C 133 -52.74 20.35 -24.90
N ILE C 134 -53.65 19.75 -24.12
CA ILE C 134 -54.89 19.16 -24.62
C ILE C 134 -56.02 20.15 -24.36
N SER C 135 -56.17 20.52 -23.09
CA SER C 135 -57.15 21.52 -22.70
C SER C 135 -56.55 22.44 -21.63
N ASN C 136 -56.85 23.73 -21.78
CA ASN C 136 -56.44 24.75 -20.83
C ASN C 136 -57.67 25.56 -20.44
N ASP C 137 -58.15 25.32 -19.21
CA ASP C 137 -59.23 26.07 -18.58
C ASP C 137 -58.62 27.21 -17.78
N THR C 138 -58.62 28.41 -18.37
CA THR C 138 -57.83 29.52 -17.83
C THR C 138 -58.43 29.98 -16.50
N THR C 139 -59.76 29.93 -16.38
CA THR C 139 -60.47 30.37 -15.19
C THR C 139 -60.12 29.49 -13.99
N ALA C 140 -60.28 28.17 -14.14
CA ALA C 140 -60.06 27.25 -13.03
C ALA C 140 -58.56 27.00 -12.84
N GLY C 141 -57.77 27.26 -13.89
CA GLY C 141 -56.36 26.91 -13.88
C GLY C 141 -56.17 25.39 -13.95
N ASN C 142 -56.94 24.75 -14.85
CA ASN C 142 -56.81 23.33 -15.09
C ASN C 142 -56.23 23.14 -16.49
N ILE C 143 -55.08 22.46 -16.56
CA ILE C 143 -54.46 22.10 -17.82
C ILE C 143 -54.36 20.58 -17.89
N VAL C 144 -54.87 20.02 -18.97
CA VAL C 144 -54.65 18.62 -19.29
C VAL C 144 -53.56 18.57 -20.36
N PHE C 145 -52.49 17.82 -20.10
CA PHE C 145 -51.40 17.68 -21.04
C PHE C 145 -51.25 16.20 -21.40
N GLU C 146 -50.78 15.96 -22.62
CA GLU C 146 -50.55 14.62 -23.15
C GLU C 146 -49.05 14.37 -23.20
N THR C 147 -48.59 13.30 -22.52
CA THR C 147 -47.21 12.89 -22.65
C THR C 147 -47.03 12.32 -24.06
N ALA C 148 -45.87 12.59 -24.66
CA ALA C 148 -45.52 12.03 -25.95
C ALA C 148 -45.31 10.51 -25.83
N PRO C 149 -45.38 9.76 -26.97
CA PRO C 149 -45.43 8.30 -26.95
C PRO C 149 -44.29 7.60 -26.21
N TRP C 150 -43.10 8.20 -26.28
CA TRP C 150 -41.88 7.58 -25.78
C TRP C 150 -41.66 7.88 -24.30
N VAL C 151 -42.56 8.64 -23.68
CA VAL C 151 -42.38 9.08 -22.31
C VAL C 151 -42.92 8.03 -21.36
N LYS C 152 -42.08 7.61 -20.40
CA LYS C 152 -42.54 6.78 -19.29
C LYS C 152 -42.47 7.60 -18.01
N TYR C 153 -43.64 7.84 -17.38
CA TYR C 153 -43.74 8.64 -16.17
C TYR C 153 -44.26 7.79 -15.01
N LYS C 154 -44.09 8.34 -13.79
CA LYS C 154 -44.74 7.86 -12.58
C LYS C 154 -45.36 9.05 -11.88
N LEU C 155 -46.52 8.83 -11.27
CA LEU C 155 -47.06 9.77 -10.30
C LEU C 155 -46.80 9.19 -8.90
N LYS C 156 -46.22 9.99 -8.02
CA LYS C 156 -46.15 9.65 -6.61
C LYS C 156 -46.55 10.89 -5.80
N ASP C 157 -47.59 10.75 -4.97
CA ASP C 157 -48.11 11.84 -4.17
C ASP C 157 -48.39 13.06 -5.04
N SER C 158 -49.17 12.83 -6.10
CA SER C 158 -49.66 13.88 -6.97
C SER C 158 -48.52 14.66 -7.62
N THR C 159 -47.34 14.05 -7.71
CA THR C 159 -46.17 14.69 -8.32
C THR C 159 -45.79 13.90 -9.57
N PHE C 160 -45.50 14.62 -10.67
CA PHE C 160 -45.21 14.02 -11.95
C PHE C 160 -43.71 13.79 -12.08
N TYR C 161 -43.30 12.52 -12.06
CA TYR C 161 -41.91 12.16 -12.33
C TYR C 161 -41.78 11.70 -13.78
N ASN C 162 -40.65 12.03 -14.41
CA ASN C 162 -40.24 11.40 -15.66
C ASN C 162 -39.21 10.34 -15.30
N THR C 163 -39.22 9.21 -16.03
CA THR C 163 -38.35 8.10 -15.71
C THR C 163 -37.60 7.63 -16.95
N GLY C 164 -36.43 7.04 -16.68
CA GLY C 164 -35.72 6.18 -17.59
C GLY C 164 -34.95 5.12 -16.81
N GLU C 165 -33.95 4.54 -17.45
CA GLU C 165 -33.23 3.39 -16.91
C GLU C 165 -32.42 3.89 -15.71
N GLY C 166 -32.90 3.57 -14.50
CA GLY C 166 -32.15 3.85 -13.29
C GLY C 166 -32.27 5.30 -12.80
N TRP C 167 -33.13 6.10 -13.45
CA TRP C 167 -33.36 7.48 -13.03
C TRP C 167 -34.84 7.80 -12.97
N GLU C 168 -35.15 8.79 -12.11
CA GLU C 168 -36.47 9.36 -11.88
C GLU C 168 -36.26 10.85 -11.57
N MET C 169 -36.85 11.74 -12.37
CA MET C 169 -36.60 13.17 -12.20
C MET C 169 -37.90 13.95 -12.33
N GLN C 170 -38.21 14.78 -11.32
CA GLN C 170 -39.35 15.67 -11.37
C GLN C 170 -38.98 16.97 -12.10
N PRO C 171 -39.62 17.28 -13.25
CA PRO C 171 -39.43 18.56 -13.92
C PRO C 171 -39.99 19.75 -13.14
N THR C 172 -39.25 20.88 -13.17
CA THR C 172 -39.57 22.07 -12.41
C THR C 172 -39.77 23.29 -13.30
N SER C 173 -39.26 23.28 -14.54
CA SER C 173 -39.51 24.38 -15.47
C SER C 173 -39.77 23.82 -16.87
N GLY C 174 -40.04 24.70 -17.84
CA GLY C 174 -40.20 24.24 -19.21
C GLY C 174 -39.99 25.34 -20.24
N ILE C 175 -39.98 24.91 -21.52
CA ILE C 175 -39.99 25.78 -22.68
C ILE C 175 -41.18 25.39 -23.55
N ALA C 176 -42.06 26.36 -23.85
CA ALA C 176 -43.22 26.12 -24.68
C ALA C 176 -42.89 26.42 -26.14
N PHE C 177 -43.44 25.63 -27.05
CA PHE C 177 -43.17 25.77 -28.47
C PHE C 177 -44.48 25.89 -29.25
N GLU C 178 -44.50 26.80 -30.22
CA GLU C 178 -45.56 26.86 -31.22
C GLU C 178 -45.72 25.48 -31.85
N ASN C 179 -46.98 25.05 -32.03
CA ASN C 179 -47.24 23.85 -32.82
C ASN C 179 -46.82 24.12 -34.26
N GLY C 180 -46.15 23.16 -34.89
CA GLY C 180 -45.84 23.27 -36.31
C GLY C 180 -44.52 23.96 -36.56
N THR C 181 -44.48 25.30 -36.39
CA THR C 181 -43.29 26.08 -36.68
C THR C 181 -42.13 25.61 -35.79
N LYS C 182 -42.46 25.22 -34.55
CA LYS C 182 -41.50 24.78 -33.55
C LYS C 182 -40.73 25.97 -32.99
N HIS C 183 -41.24 27.19 -33.24
CA HIS C 183 -40.71 28.39 -32.62
C HIS C 183 -40.95 28.28 -31.12
N ILE C 184 -40.37 29.19 -30.33
CA ILE C 184 -40.68 29.28 -28.91
C ILE C 184 -41.70 30.39 -28.70
N ILE C 185 -42.75 30.06 -27.92
CA ILE C 185 -43.91 30.90 -27.73
C ILE C 185 -43.49 32.31 -27.29
N PHE C 186 -44.05 33.30 -27.99
CA PHE C 186 -43.74 34.71 -27.80
C PHE C 186 -43.91 35.11 -26.34
N ASN C 187 -42.86 35.71 -25.78
CA ASN C 187 -42.84 36.20 -24.41
C ASN C 187 -43.01 35.05 -23.42
N SER C 188 -42.44 33.88 -23.71
CA SER C 188 -42.54 32.78 -22.77
C SER C 188 -41.29 32.75 -21.90
N GLY C 189 -40.14 32.49 -22.55
CA GLY C 189 -38.91 32.12 -21.88
C GLY C 189 -39.13 30.90 -20.98
N ASP C 190 -38.39 30.86 -19.88
CA ASP C 190 -38.60 29.90 -18.82
C ASP C 190 -39.94 30.16 -18.15
N ILE C 191 -40.75 29.11 -18.04
CA ILE C 191 -42.08 29.16 -17.42
C ILE C 191 -42.15 28.05 -16.39
N GLY C 192 -42.99 28.23 -15.37
CA GLY C 192 -43.26 27.17 -14.42
C GLY C 192 -44.13 26.12 -15.09
N VAL C 193 -44.11 24.90 -14.53
CA VAL C 193 -44.88 23.80 -15.10
C VAL C 193 -45.64 23.08 -14.00
N GLY C 194 -46.76 22.46 -14.39
CA GLY C 194 -47.70 21.89 -13.44
C GLY C 194 -47.38 20.44 -13.17
N THR C 195 -46.29 20.20 -12.44
CA THR C 195 -45.85 18.85 -12.17
C THR C 195 -46.16 18.50 -10.71
N LYS C 196 -46.66 19.49 -9.96
CA LYS C 196 -47.19 19.27 -8.63
C LYS C 196 -48.72 19.34 -8.72
N SER C 197 -49.40 18.71 -7.75
CA SER C 197 -50.85 18.67 -7.77
C SER C 197 -51.33 18.14 -9.12
N VAL C 198 -51.05 16.86 -9.39
CA VAL C 198 -51.48 16.21 -10.62
C VAL C 198 -52.20 14.90 -10.28
N SER C 199 -52.89 14.37 -11.29
CA SER C 199 -53.54 13.07 -11.23
C SER C 199 -53.86 12.61 -12.66
N GLU C 200 -53.92 11.28 -12.83
CA GLU C 200 -54.02 10.67 -14.14
C GLU C 200 -55.47 10.57 -14.58
N VAL C 201 -55.78 11.23 -15.71
CA VAL C 201 -57.07 11.17 -16.38
C VAL C 201 -57.23 9.80 -17.06
N SER C 202 -56.15 9.40 -17.74
CA SER C 202 -56.10 8.26 -18.61
C SER C 202 -54.64 8.11 -19.05
N PRO C 203 -54.16 6.91 -19.44
CA PRO C 203 -52.73 6.75 -19.72
C PRO C 203 -52.21 7.86 -20.63
N GLY C 204 -51.22 8.60 -20.15
CA GLY C 204 -50.57 9.63 -20.94
C GLY C 204 -51.39 10.91 -21.07
N LYS C 205 -52.42 11.07 -20.22
CA LYS C 205 -53.17 12.30 -20.09
C LYS C 205 -53.15 12.72 -18.62
N ILE C 206 -52.43 13.79 -18.31
CA ILE C 206 -52.25 14.20 -16.92
C ILE C 206 -53.01 15.50 -16.72
N MET C 207 -53.69 15.59 -15.57
CA MET C 207 -54.44 16.77 -15.18
C MET C 207 -53.63 17.55 -14.15
N ALA C 208 -53.33 18.80 -14.48
CA ALA C 208 -52.66 19.71 -13.57
C ALA C 208 -53.71 20.67 -13.03
N HIS C 209 -53.91 20.62 -11.69
CA HIS C 209 -55.05 21.27 -11.05
C HIS C 209 -54.78 22.75 -10.75
N HIS C 210 -53.50 23.12 -10.58
CA HIS C 210 -53.14 24.49 -10.24
C HIS C 210 -52.07 24.98 -11.20
N TRP C 211 -52.43 25.07 -12.49
CA TRP C 211 -51.54 25.59 -13.50
C TRP C 211 -52.25 26.70 -14.27
N LYS C 212 -51.80 27.95 -14.11
CA LYS C 212 -52.48 29.08 -14.71
C LYS C 212 -51.53 29.75 -15.70
N ASN C 213 -51.88 29.68 -16.99
CA ASN C 213 -51.06 30.28 -18.03
C ASN C 213 -51.89 30.39 -19.31
N LYS C 214 -52.34 31.60 -19.63
CA LYS C 214 -53.20 31.85 -20.78
C LYS C 214 -52.46 31.58 -22.10
N LYS C 215 -51.14 31.47 -22.04
CA LYS C 215 -50.31 31.38 -23.23
C LYS C 215 -50.30 29.95 -23.79
N LEU C 216 -50.45 28.97 -22.89
CA LEU C 216 -50.37 27.56 -23.25
C LEU C 216 -51.66 27.12 -23.92
N VAL C 217 -51.91 27.66 -25.12
CA VAL C 217 -53.12 27.36 -25.88
C VAL C 217 -53.08 25.89 -26.29
N PRO C 218 -54.25 25.21 -26.47
CA PRO C 218 -54.29 23.86 -27.03
C PRO C 218 -53.34 23.79 -28.23
N GLY C 219 -52.56 22.70 -28.29
CA GLY C 219 -51.64 22.49 -29.40
C GLY C 219 -50.19 22.71 -28.98
N THR C 220 -49.98 23.62 -28.03
CA THR C 220 -48.65 24.01 -27.58
C THR C 220 -47.93 22.77 -27.05
N VAL C 221 -46.65 22.67 -27.42
CA VAL C 221 -45.79 21.57 -27.00
C VAL C 221 -44.83 22.13 -25.97
N ILE C 222 -44.62 21.38 -24.88
CA ILE C 222 -43.84 21.90 -23.77
C ILE C 222 -42.73 20.91 -23.46
N ALA C 223 -41.51 21.43 -23.34
CA ALA C 223 -40.37 20.64 -22.91
C ALA C 223 -40.14 20.88 -21.42
N MET C 224 -40.66 19.97 -20.60
CA MET C 224 -40.52 20.05 -19.15
C MET C 224 -39.15 19.51 -18.75
N ARG C 225 -38.50 20.22 -17.81
CA ARG C 225 -37.13 19.91 -17.46
C ARG C 225 -36.79 20.39 -16.05
N SER C 226 -35.63 19.96 -15.57
CA SER C 226 -35.01 20.51 -14.37
C SER C 226 -33.81 21.34 -14.78
N TRP C 227 -33.00 21.72 -13.79
CA TRP C 227 -31.83 22.55 -14.04
C TRP C 227 -30.57 21.69 -14.07
N GLN C 228 -30.75 20.38 -13.91
CA GLN C 228 -29.64 19.45 -13.82
C GLN C 228 -28.97 19.29 -15.19
N ARG C 229 -27.63 19.28 -15.17
CA ARG C 229 -26.85 19.13 -16.39
C ARG C 229 -25.57 18.39 -16.05
N PRO C 230 -25.62 17.10 -15.63
CA PRO C 230 -24.42 16.41 -15.15
C PRO C 230 -23.41 15.91 -16.20
N ALA C 231 -23.83 15.76 -17.46
CA ALA C 231 -22.94 15.19 -18.47
C ALA C 231 -23.29 15.67 -19.87
N PRO C 232 -22.29 16.12 -20.67
CA PRO C 232 -22.55 16.56 -22.04
C PRO C 232 -22.61 15.35 -22.93
N GLY C 233 -22.94 15.57 -24.21
CA GLY C 233 -22.96 14.50 -25.20
C GLY C 233 -21.54 14.04 -25.53
N ILE C 234 -20.69 15.01 -25.92
CA ILE C 234 -19.28 14.80 -26.15
C ILE C 234 -18.50 15.72 -25.22
N PHE C 235 -17.71 15.13 -24.31
CA PHE C 235 -16.81 15.88 -23.43
C PHE C 235 -15.40 15.76 -23.99
N VAL C 236 -14.70 16.89 -24.16
CA VAL C 236 -13.33 16.87 -24.63
C VAL C 236 -12.49 17.67 -23.64
N HIS C 237 -11.42 17.05 -23.14
CA HIS C 237 -10.56 17.65 -22.12
C HIS C 237 -9.11 17.46 -22.53
N LYS C 238 -8.38 18.58 -22.66
CA LYS C 238 -6.94 18.58 -22.91
C LYS C 238 -6.63 17.87 -24.22
N GLY C 239 -7.44 18.15 -25.25
CA GLY C 239 -7.18 17.61 -26.57
C GLY C 239 -6.27 18.53 -27.35
N LYS C 240 -5.62 17.98 -28.37
CA LYS C 240 -4.96 18.76 -29.41
C LYS C 240 -5.46 18.23 -30.76
N ASN C 241 -5.78 19.14 -31.70
CA ASN C 241 -6.20 18.79 -33.05
C ASN C 241 -7.37 17.81 -33.04
N ILE C 242 -8.54 18.31 -32.63
CA ILE C 242 -9.74 17.49 -32.53
C ILE C 242 -10.68 17.86 -33.67
N SER C 243 -11.34 16.85 -34.23
CA SER C 243 -12.13 17.00 -35.45
C SER C 243 -13.49 16.34 -35.27
N PHE C 244 -14.54 17.04 -35.73
CA PHE C 244 -15.87 16.48 -35.82
C PHE C 244 -16.38 16.79 -37.23
N GLU C 245 -16.74 15.77 -38.00
CA GLU C 245 -17.26 15.97 -39.35
C GLU C 245 -18.53 15.15 -39.51
N ASN C 246 -19.64 15.85 -39.76
CA ASN C 246 -20.97 15.26 -39.87
C ASN C 246 -21.26 14.42 -38.63
N VAL C 247 -21.32 15.09 -37.48
CA VAL C 247 -21.65 14.46 -36.20
C VAL C 247 -22.79 15.26 -35.56
N LYS C 248 -23.90 14.58 -35.29
CA LYS C 248 -25.10 15.19 -34.72
C LYS C 248 -25.30 14.64 -33.31
N VAL C 249 -25.55 15.53 -32.35
CA VAL C 249 -26.02 15.12 -31.03
C VAL C 249 -27.47 15.59 -30.88
N HIS C 250 -28.38 14.62 -30.76
CA HIS C 250 -29.81 14.90 -30.76
C HIS C 250 -30.27 15.20 -29.33
N TYR C 251 -29.61 14.61 -28.33
CA TYR C 251 -29.96 14.95 -26.96
C TYR C 251 -28.86 14.47 -26.02
N ALA C 252 -28.67 15.22 -24.93
CA ALA C 252 -27.83 14.81 -23.82
C ALA C 252 -28.22 15.62 -22.59
N GLU C 253 -27.88 15.10 -21.40
CA GLU C 253 -28.34 15.71 -20.15
C GLU C 253 -27.33 16.77 -19.71
N GLY C 254 -27.17 17.77 -20.58
CA GLY C 254 -26.02 18.66 -20.53
C GLY C 254 -25.77 19.21 -21.93
N MET C 255 -24.53 19.60 -22.22
CA MET C 255 -24.26 20.27 -23.48
C MET C 255 -23.99 19.23 -24.56
N GLY C 256 -24.20 19.62 -25.82
CA GLY C 256 -23.91 18.74 -26.93
C GLY C 256 -22.42 18.40 -26.95
N LEU C 257 -21.60 19.45 -27.11
CA LEU C 257 -20.15 19.35 -27.12
C LEU C 257 -19.62 20.33 -26.09
N LEU C 258 -18.93 19.82 -25.07
CA LEU C 258 -18.13 20.67 -24.18
C LEU C 258 -16.66 20.32 -24.36
N ALA C 259 -15.88 21.30 -24.83
CA ALA C 259 -14.44 21.17 -24.95
C ALA C 259 -13.75 22.17 -24.03
N GLN C 260 -12.76 21.70 -23.25
CA GLN C 260 -12.04 22.55 -22.33
C GLN C 260 -10.54 22.24 -22.35
N LEU C 261 -9.71 23.25 -22.11
CA LEU C 261 -8.27 23.10 -22.09
C LEU C 261 -7.78 22.38 -23.36
N THR C 262 -8.38 22.68 -24.50
CA THR C 262 -8.12 21.96 -25.73
C THR C 262 -7.55 22.92 -26.76
N GLU C 263 -6.50 22.50 -27.48
CA GLU C 263 -5.90 23.33 -28.51
C GLU C 263 -6.34 22.82 -29.90
N ASN C 264 -6.92 23.72 -30.71
CA ASN C 264 -7.33 23.45 -32.09
C ASN C 264 -8.51 22.48 -32.15
N ILE C 265 -9.63 22.99 -32.67
CA ILE C 265 -10.85 22.21 -32.79
C ILE C 265 -11.48 22.52 -34.15
N TYR C 266 -11.79 21.47 -34.92
CA TYR C 266 -12.26 21.62 -36.27
C TYR C 266 -13.59 20.89 -36.41
N MET C 267 -14.63 21.61 -36.86
CA MET C 267 -15.98 21.07 -36.91
C MET C 267 -16.65 21.49 -38.21
N ASP C 268 -16.90 20.50 -39.09
CA ASP C 268 -17.67 20.72 -40.30
C ASP C 268 -18.84 19.73 -40.30
N GLY C 269 -20.07 20.27 -40.33
CA GLY C 269 -21.27 19.45 -40.38
C GLY C 269 -21.76 19.04 -38.98
N PHE C 270 -21.15 19.61 -37.93
CA PHE C 270 -21.60 19.36 -36.58
C PHE C 270 -23.04 19.84 -36.47
N GLY C 271 -23.90 19.01 -35.91
CA GLY C 271 -25.27 19.41 -35.62
C GLY C 271 -25.63 19.11 -34.17
N VAL C 272 -26.43 19.99 -33.56
CA VAL C 272 -27.23 19.60 -32.42
C VAL C 272 -28.66 19.93 -32.81
N CYS C 273 -29.41 18.92 -33.25
CA CYS C 273 -30.58 19.20 -34.06
C CYS C 273 -31.54 18.01 -34.05
N LEU C 274 -32.69 18.24 -34.68
CA LEU C 274 -33.73 17.23 -34.87
C LEU C 274 -33.35 16.39 -36.08
N ARG C 275 -34.04 15.25 -36.24
CA ARG C 275 -33.78 14.31 -37.31
C ARG C 275 -34.52 14.69 -38.58
N GLY C 276 -35.02 15.92 -38.69
CA GLY C 276 -35.67 16.38 -39.90
C GLY C 276 -37.07 16.93 -39.61
N LYS C 277 -37.83 17.15 -40.68
CA LYS C 277 -39.15 17.75 -40.61
C LYS C 277 -40.12 16.80 -39.89
N ASN C 278 -39.77 15.51 -39.83
CA ASN C 278 -40.68 14.49 -39.32
C ASN C 278 -40.28 14.06 -37.90
N ASP C 279 -39.26 14.67 -37.30
CA ASP C 279 -38.91 14.34 -35.93
C ASP C 279 -40.10 14.71 -35.05
N PRO C 280 -40.65 13.76 -34.25
CA PRO C 280 -41.75 14.10 -33.35
C PRO C 280 -41.32 15.04 -32.23
N ARG C 281 -40.02 15.08 -31.93
CA ARG C 281 -39.47 15.89 -30.85
C ARG C 281 -39.38 17.35 -31.29
N TYR C 282 -39.45 18.25 -30.29
CA TYR C 282 -39.31 19.68 -30.51
C TYR C 282 -38.00 20.21 -29.88
N PHE C 283 -37.35 19.36 -29.08
CA PHE C 283 -36.24 19.77 -28.23
C PHE C 283 -34.99 18.96 -28.57
N THR C 284 -33.82 19.51 -28.24
CA THR C 284 -32.56 18.77 -28.32
C THR C 284 -31.87 18.78 -26.96
N THR C 285 -30.70 19.41 -26.87
CA THR C 285 -29.87 19.27 -25.69
C THR C 285 -30.47 20.04 -24.51
N GLN C 286 -30.20 19.50 -23.32
CA GLN C 286 -30.64 20.07 -22.06
C GLN C 286 -29.85 21.34 -21.74
N ALA C 287 -28.71 21.55 -22.41
CA ALA C 287 -27.94 22.78 -22.26
C ALA C 287 -27.43 23.26 -23.63
N ASP C 288 -26.31 23.99 -23.63
CA ASP C 288 -25.71 24.55 -24.84
C ASP C 288 -25.41 23.45 -25.85
N ALA C 289 -25.46 23.78 -27.15
CA ALA C 289 -25.10 22.84 -28.19
C ALA C 289 -23.61 22.57 -28.17
N THR C 290 -22.81 23.63 -28.38
CA THR C 290 -21.35 23.56 -28.36
C THR C 290 -20.83 24.62 -27.38
N HIS C 291 -19.75 24.27 -26.66
CA HIS C 291 -19.24 25.11 -25.59
C HIS C 291 -17.73 24.90 -25.46
N PHE C 292 -16.99 26.00 -25.34
CA PHE C 292 -15.53 25.99 -25.37
C PHE C 292 -14.96 26.81 -24.22
N SER C 293 -14.59 26.12 -23.14
CA SER C 293 -14.13 26.74 -21.91
C SER C 293 -12.62 26.63 -21.85
N GLY C 294 -11.93 27.76 -22.06
CA GLY C 294 -10.49 27.83 -21.81
C GLY C 294 -9.70 27.04 -22.84
N CYS C 295 -10.10 27.17 -24.11
CA CYS C 295 -9.43 26.53 -25.22
C CYS C 295 -8.43 27.51 -25.82
N LYS C 296 -7.68 27.05 -26.83
CA LYS C 296 -6.74 27.91 -27.53
C LYS C 296 -6.50 27.37 -28.92
N GLY C 297 -5.53 27.95 -29.61
CA GLY C 297 -5.34 27.62 -31.02
C GLY C 297 -6.52 28.15 -31.82
N GLU C 298 -6.87 27.40 -32.85
CA GLU C 298 -7.88 27.83 -33.80
C GLU C 298 -9.12 26.95 -33.63
N ILE C 299 -10.29 27.60 -33.61
CA ILE C 299 -11.56 26.90 -33.58
C ILE C 299 -12.32 27.23 -34.87
N VAL C 300 -12.55 26.19 -35.68
CA VAL C 300 -13.45 26.30 -36.82
C VAL C 300 -14.75 25.56 -36.49
N SER C 301 -15.89 26.27 -36.58
CA SER C 301 -17.21 25.67 -36.48
C SER C 301 -18.05 26.12 -37.67
N LYS C 302 -18.18 25.26 -38.69
CA LYS C 302 -18.86 25.66 -39.92
C LYS C 302 -19.89 24.63 -40.38
N ASN C 303 -20.83 25.14 -41.18
CA ASN C 303 -21.86 24.36 -41.84
C ASN C 303 -22.56 23.44 -40.84
N GLY C 304 -22.99 24.03 -39.71
CA GLY C 304 -23.67 23.27 -38.68
C GLY C 304 -25.15 23.64 -38.60
N LEU C 305 -25.94 22.75 -37.99
CA LEU C 305 -27.35 23.00 -37.74
C LEU C 305 -27.60 22.82 -36.24
N TYR C 306 -28.05 23.89 -35.58
CA TYR C 306 -28.39 23.86 -34.18
C TYR C 306 -29.84 24.30 -33.98
N GLU C 307 -30.67 23.41 -33.43
CA GLU C 307 -32.08 23.75 -33.26
C GLU C 307 -32.64 23.15 -31.98
N GLY C 308 -33.52 23.92 -31.33
CA GLY C 308 -34.33 23.42 -30.24
C GLY C 308 -33.55 23.16 -28.97
N MET C 309 -32.34 23.69 -28.84
CA MET C 309 -31.56 23.45 -27.64
C MET C 309 -32.17 24.24 -26.48
N MET C 310 -31.93 23.75 -25.27
CA MET C 310 -32.30 24.47 -24.05
C MET C 310 -31.24 25.51 -23.69
N ASP C 311 -30.47 26.01 -24.67
CA ASP C 311 -29.52 27.08 -24.42
C ASP C 311 -28.94 27.59 -25.73
N ASP C 312 -27.73 28.15 -25.68
CA ASP C 312 -27.10 28.76 -26.84
C ASP C 312 -26.52 27.69 -27.76
N ALA C 313 -26.26 28.08 -29.00
CA ALA C 313 -25.64 27.19 -29.97
C ALA C 313 -24.14 27.07 -29.70
N ILE C 314 -23.46 28.21 -29.51
CA ILE C 314 -22.05 28.21 -29.18
C ILE C 314 -21.81 29.18 -28.04
N ASN C 315 -20.87 28.85 -27.17
CA ASN C 315 -20.40 29.75 -26.14
C ASN C 315 -18.89 29.56 -25.97
N ILE C 316 -18.11 30.62 -26.24
CA ILE C 316 -16.65 30.57 -26.25
C ILE C 316 -16.10 31.53 -25.21
N HIS C 317 -15.50 31.02 -24.13
CA HIS C 317 -15.19 31.87 -22.99
C HIS C 317 -14.10 31.22 -22.14
N GLY C 318 -13.49 32.02 -21.26
CA GLY C 318 -12.57 31.52 -20.25
C GLY C 318 -13.16 31.68 -18.84
N THR C 319 -12.33 31.51 -17.81
CA THR C 319 -12.75 31.59 -16.42
C THR C 319 -11.86 32.58 -15.69
N TYR C 320 -12.46 33.64 -15.14
CA TYR C 320 -11.81 34.53 -14.20
C TYR C 320 -11.72 33.84 -12.84
N LEU C 321 -10.51 33.59 -12.33
CA LEU C 321 -10.36 33.25 -10.93
C LEU C 321 -10.55 34.53 -10.12
N LYS C 322 -10.94 34.40 -8.86
CA LYS C 322 -10.94 35.52 -7.94
C LYS C 322 -9.81 35.37 -6.94
N ILE C 323 -9.02 36.44 -6.75
CA ILE C 323 -7.94 36.45 -5.79
C ILE C 323 -8.54 36.55 -4.39
N THR C 324 -8.19 35.60 -3.50
CA THR C 324 -8.74 35.60 -2.16
C THR C 324 -7.69 36.01 -1.13
N LYS C 325 -6.40 35.96 -1.51
CA LYS C 325 -5.34 36.28 -0.58
C LYS C 325 -4.09 36.63 -1.38
N LYS C 326 -3.29 37.58 -0.86
CA LYS C 326 -1.99 37.93 -1.40
C LYS C 326 -0.91 37.59 -0.37
N LEU C 327 -0.07 36.62 -0.70
CA LEU C 327 0.88 36.07 0.26
C LEU C 327 2.16 36.91 0.29
N ASP C 328 2.55 37.47 -0.87
CA ASP C 328 3.71 38.34 -0.99
C ASP C 328 3.62 39.14 -2.29
N ASP C 329 4.74 39.74 -2.73
CA ASP C 329 4.76 40.63 -3.88
C ASP C 329 4.51 39.88 -5.17
N HIS C 330 4.78 38.57 -5.18
CA HIS C 330 4.76 37.75 -6.38
C HIS C 330 3.66 36.68 -6.33
N THR C 331 3.15 36.35 -5.13
CA THR C 331 2.34 35.16 -4.94
C THR C 331 0.95 35.54 -4.44
N VAL C 332 -0.09 34.95 -5.06
CA VAL C 332 -1.45 35.10 -4.60
C VAL C 332 -2.09 33.72 -4.50
N ILE C 333 -3.19 33.64 -3.75
CA ILE C 333 -4.11 32.51 -3.79
C ILE C 333 -5.37 32.97 -4.53
N ALA C 334 -5.82 32.17 -5.51
CA ALA C 334 -6.96 32.48 -6.35
C ALA C 334 -7.89 31.28 -6.44
N ASN C 335 -9.19 31.56 -6.60
CA ASN C 335 -10.23 30.56 -6.39
C ASN C 335 -11.19 30.54 -7.58
N TYR C 336 -11.69 29.34 -7.89
CA TYR C 336 -12.85 29.13 -8.74
C TYR C 336 -14.09 29.48 -7.91
N MET C 337 -15.03 30.24 -8.49
CA MET C 337 -16.06 30.87 -7.69
C MET C 337 -17.46 30.34 -7.98
N HIS C 338 -17.68 29.85 -9.21
CA HIS C 338 -19.00 29.37 -9.62
C HIS C 338 -19.12 27.87 -9.26
N GLU C 339 -20.35 27.40 -9.06
CA GLU C 339 -20.57 26.02 -8.65
C GLU C 339 -20.35 25.05 -9.83
N GLN C 340 -20.45 25.56 -11.06
CA GLN C 340 -20.52 24.71 -12.23
C GLN C 340 -19.18 24.68 -12.97
N SER C 341 -18.23 25.53 -12.59
CA SER C 341 -16.91 25.48 -13.22
C SER C 341 -15.83 25.43 -12.15
N TYR C 342 -15.45 24.21 -11.75
CA TYR C 342 -14.31 23.99 -10.88
C TYR C 342 -13.76 22.59 -11.13
N GLY C 343 -12.57 22.29 -10.60
CA GLY C 343 -12.08 20.93 -10.49
C GLY C 343 -11.05 20.55 -11.56
N PHE C 344 -10.79 21.47 -12.49
CA PHE C 344 -9.83 21.28 -13.57
C PHE C 344 -8.82 22.43 -13.60
N ASP C 345 -7.69 22.18 -14.27
CA ASP C 345 -6.57 23.12 -14.30
C ASP C 345 -6.98 24.42 -14.98
N TRP C 346 -6.23 25.48 -14.66
CA TRP C 346 -6.54 26.82 -15.11
C TRP C 346 -5.40 27.42 -15.94
N GLY C 347 -4.16 27.03 -15.64
CA GLY C 347 -3.02 27.55 -16.37
C GLY C 347 -1.75 26.72 -16.15
N ASN C 348 -0.71 27.09 -16.92
CA ASN C 348 0.61 26.48 -16.82
C ASN C 348 1.67 27.57 -16.77
N ILE C 349 2.90 27.16 -16.47
CA ILE C 349 4.04 28.06 -16.44
C ILE C 349 4.15 28.75 -17.80
N ARG C 350 4.39 30.06 -17.76
CA ARG C 350 4.65 30.87 -18.95
C ARG C 350 3.36 31.42 -19.55
N ASP C 351 2.21 31.11 -18.95
CA ASP C 351 0.95 31.67 -19.41
C ASP C 351 0.97 33.17 -19.14
N THR C 352 0.47 33.95 -20.10
CA THR C 352 0.21 35.37 -19.93
C THR C 352 -1.08 35.55 -19.15
N VAL C 353 -1.06 36.40 -18.10
CA VAL C 353 -2.25 36.71 -17.31
C VAL C 353 -2.42 38.23 -17.29
N GLN C 354 -3.66 38.68 -17.08
CA GLN C 354 -3.94 40.06 -16.74
C GLN C 354 -4.92 40.08 -15.57
N PHE C 355 -4.97 41.22 -14.86
CA PHE C 355 -5.82 41.36 -13.68
C PHE C 355 -6.95 42.35 -13.95
N ILE C 356 -8.09 42.11 -13.28
CA ILE C 356 -9.29 42.91 -13.48
C ILE C 356 -9.82 43.40 -12.13
N GLN C 357 -10.23 44.68 -12.12
CA GLN C 357 -10.96 45.26 -11.01
C GLN C 357 -12.43 44.88 -11.14
N SER C 358 -12.83 43.84 -10.41
CA SER C 358 -14.12 43.19 -10.61
C SER C 358 -15.27 44.19 -10.59
N LYS C 359 -15.20 45.21 -9.73
CA LYS C 359 -16.37 46.02 -9.45
C LYS C 359 -16.70 46.96 -10.62
N THR C 360 -15.66 47.53 -11.28
CA THR C 360 -15.87 48.41 -12.43
C THR C 360 -15.48 47.73 -13.74
N MET C 361 -15.06 46.46 -13.67
CA MET C 361 -14.62 45.68 -14.84
C MET C 361 -13.57 46.45 -15.63
N GLU C 362 -12.50 46.81 -14.92
CA GLU C 362 -11.38 47.54 -15.50
C GLU C 362 -10.14 46.67 -15.39
N LEU C 363 -9.44 46.57 -16.52
CA LEU C 363 -8.18 45.86 -16.59
C LEU C 363 -7.06 46.76 -16.10
N TRP C 364 -6.11 46.16 -15.38
CA TRP C 364 -4.79 46.73 -15.24
C TRP C 364 -3.97 46.37 -16.49
N ASP C 365 -3.29 47.39 -17.03
CA ASP C 365 -2.51 47.26 -18.26
C ASP C 365 -1.30 46.38 -18.00
N ALA C 366 -0.82 46.41 -16.75
CA ALA C 366 0.29 45.60 -16.29
C ALA C 366 -0.08 44.12 -16.36
N LYS C 367 0.50 43.43 -17.35
CA LYS C 367 0.31 42.00 -17.52
C LYS C 367 1.39 41.26 -16.76
N ASN C 368 1.20 39.95 -16.60
CA ASN C 368 2.16 39.15 -15.85
C ASN C 368 2.31 37.80 -16.52
N THR C 369 3.03 36.90 -15.85
CA THR C 369 3.38 35.60 -16.40
C THR C 369 3.43 34.62 -15.23
N ILE C 370 2.86 33.43 -15.41
CA ILE C 370 2.83 32.46 -14.33
C ILE C 370 4.20 31.80 -14.24
N ALA C 371 4.83 31.93 -13.07
CA ALA C 371 6.13 31.33 -12.80
C ALA C 371 5.94 29.95 -12.17
N SER C 372 4.90 29.87 -11.32
CA SER C 372 4.55 28.65 -10.62
C SER C 372 3.03 28.61 -10.46
N ILE C 373 2.45 27.42 -10.47
CA ILE C 373 1.04 27.27 -10.17
C ILE C 373 0.79 25.85 -9.66
N LYS C 374 0.20 25.77 -8.47
CA LYS C 374 -0.07 24.50 -7.81
C LYS C 374 -1.47 24.57 -7.19
N PRO C 375 -2.38 23.61 -7.46
CA PRO C 375 -3.65 23.58 -6.72
C PRO C 375 -3.39 23.27 -5.25
N ILE C 376 -4.22 23.84 -4.37
CA ILE C 376 -4.11 23.61 -2.94
C ILE C 376 -5.16 22.57 -2.55
N LEU C 377 -4.69 21.50 -1.88
CA LEU C 377 -5.54 20.35 -1.58
C LEU C 377 -5.31 19.87 -0.15
N ARG C 378 -6.36 20.00 0.68
CA ARG C 378 -6.29 19.68 2.09
C ARG C 378 -6.20 18.17 2.27
N ASN C 379 -7.07 17.44 1.56
CA ASN C 379 -7.03 15.98 1.47
C ASN C 379 -6.70 15.58 0.04
N SER C 380 -6.04 14.43 -0.10
CA SER C 380 -5.47 13.98 -1.36
C SER C 380 -6.53 13.88 -2.47
N THR C 381 -7.72 13.38 -2.11
CA THR C 381 -8.80 13.15 -3.06
C THR C 381 -9.81 14.29 -3.02
N ASP C 382 -9.32 15.53 -2.85
CA ASP C 382 -10.14 16.72 -3.01
C ASP C 382 -10.13 17.20 -4.45
N PRO C 383 -11.16 17.96 -4.89
CA PRO C 383 -11.16 18.61 -6.20
C PRO C 383 -10.52 19.99 -6.18
N ILE C 384 -10.03 20.42 -7.34
CA ILE C 384 -9.34 21.69 -7.50
C ILE C 384 -10.37 22.82 -7.41
N LYS C 385 -10.33 23.56 -6.30
CA LYS C 385 -11.14 24.76 -6.11
C LYS C 385 -10.26 26.01 -6.00
N GLU C 386 -8.97 25.83 -5.68
CA GLU C 386 -8.11 26.88 -5.16
C GLU C 386 -6.66 26.66 -5.59
N PHE C 387 -6.07 27.69 -6.22
CA PHE C 387 -4.68 27.62 -6.68
C PHE C 387 -3.78 28.56 -5.88
N ARG C 388 -2.47 28.28 -5.92
CA ARG C 388 -1.43 29.21 -5.48
C ARG C 388 -0.58 29.57 -6.70
N ILE C 389 -0.75 30.80 -7.20
CA ILE C 389 -0.13 31.25 -8.44
C ILE C 389 1.02 32.20 -8.11
N GLU C 390 2.20 31.97 -8.73
CA GLU C 390 3.35 32.85 -8.59
C GLU C 390 3.64 33.52 -9.93
N PHE C 391 3.83 34.84 -9.92
CA PHE C 391 4.07 35.57 -11.14
C PHE C 391 5.56 35.92 -11.23
N THR C 392 6.09 36.08 -12.45
CA THR C 392 7.48 36.42 -12.64
C THR C 392 7.72 37.86 -12.19
N LYS C 393 6.87 38.79 -12.64
CA LYS C 393 6.95 40.20 -12.22
C LYS C 393 6.22 40.40 -10.90
N ALA C 394 6.69 41.37 -10.11
CA ALA C 394 6.05 41.70 -8.84
C ALA C 394 4.79 42.52 -9.12
N LEU C 395 3.83 42.42 -8.18
CA LEU C 395 2.52 43.03 -8.32
C LEU C 395 2.52 44.40 -7.67
N ASP C 396 1.95 45.40 -8.35
CA ASP C 396 1.81 46.74 -7.81
C ASP C 396 0.84 46.66 -6.62
N PRO C 397 1.20 47.16 -5.41
CA PRO C 397 0.35 46.99 -4.22
C PRO C 397 -1.14 47.31 -4.35
N VAL C 398 -1.53 47.88 -5.52
CA VAL C 398 -2.91 48.21 -5.83
C VAL C 398 -3.69 46.92 -6.07
N ILE C 399 -2.96 45.85 -6.39
CA ILE C 399 -3.53 44.53 -6.57
C ILE C 399 -3.42 43.78 -5.24
N ASP C 400 -4.38 44.09 -4.36
CA ASP C 400 -4.50 43.45 -3.07
C ASP C 400 -5.97 43.13 -2.84
N PRO C 401 -6.33 41.86 -2.54
CA PRO C 401 -7.72 41.46 -2.38
C PRO C 401 -8.44 42.13 -1.22
N SER C 402 -7.68 42.63 -0.24
CA SER C 402 -8.26 43.32 0.91
C SER C 402 -8.58 44.77 0.60
N LYS C 403 -8.21 45.26 -0.60
CA LYS C 403 -8.60 46.59 -1.03
C LYS C 403 -9.90 46.51 -1.83
N GLN C 404 -9.95 45.62 -2.83
CA GLN C 404 -11.15 45.45 -3.64
C GLN C 404 -11.20 44.02 -4.19
N ASP C 405 -12.26 43.74 -4.95
CA ASP C 405 -12.43 42.44 -5.58
C ASP C 405 -11.65 42.40 -6.89
N ILE C 406 -10.74 41.43 -7.01
CA ILE C 406 -9.80 41.36 -8.12
C ILE C 406 -9.87 39.98 -8.79
N GLY C 407 -9.92 39.98 -10.12
CA GLY C 407 -10.00 38.75 -10.91
C GLY C 407 -8.80 38.60 -11.84
N ILE C 408 -8.59 37.37 -12.32
CA ILE C 408 -7.47 37.02 -13.18
C ILE C 408 -7.99 36.31 -14.43
N GLU C 409 -7.67 36.86 -15.61
CA GLU C 409 -7.95 36.25 -16.90
C GLU C 409 -6.68 35.60 -17.40
N ASN C 410 -6.77 34.38 -17.95
CA ASN C 410 -5.62 33.71 -18.57
C ASN C 410 -5.65 33.96 -20.07
N LEU C 411 -4.83 34.92 -20.52
CA LEU C 411 -4.82 35.36 -21.91
C LEU C 411 -4.18 34.32 -22.84
N SER C 412 -3.53 33.29 -22.28
CA SER C 412 -2.89 32.28 -23.11
C SER C 412 -3.91 31.25 -23.59
N TRP C 413 -4.78 30.80 -22.68
CA TRP C 413 -5.88 29.92 -23.03
C TRP C 413 -7.04 30.73 -23.62
N THR C 414 -6.84 31.25 -24.83
CA THR C 414 -7.88 31.98 -25.54
C THR C 414 -7.82 31.57 -27.00
N PRO C 415 -8.90 31.01 -27.60
CA PRO C 415 -8.86 30.56 -28.99
C PRO C 415 -9.29 31.63 -29.98
N SER C 416 -8.76 31.54 -31.20
CA SER C 416 -9.28 32.29 -32.33
C SER C 416 -10.46 31.52 -32.91
N VAL C 417 -11.37 32.20 -33.60
CA VAL C 417 -12.65 31.60 -33.92
C VAL C 417 -13.07 31.92 -35.35
N VAL C 418 -13.55 30.90 -36.03
CA VAL C 418 -14.28 31.04 -37.29
C VAL C 418 -15.60 30.28 -37.12
N PHE C 419 -16.69 31.04 -37.14
CA PHE C 419 -18.03 30.50 -36.99
C PHE C 419 -18.84 30.91 -38.20
N THR C 420 -18.81 30.07 -39.25
CA THR C 420 -19.38 30.46 -40.55
C THR C 420 -20.36 29.41 -41.06
N GLY C 421 -21.40 29.90 -41.73
CA GLY C 421 -22.31 29.06 -42.51
C GLY C 421 -23.18 28.15 -41.65
N ASN C 422 -23.40 28.50 -40.38
CA ASN C 422 -24.22 27.69 -39.49
C ASN C 422 -25.66 28.18 -39.57
N THR C 423 -26.59 27.36 -39.07
CA THR C 423 -27.99 27.73 -38.87
C THR C 423 -28.33 27.52 -37.41
N ILE C 424 -28.77 28.60 -36.74
CA ILE C 424 -29.29 28.49 -35.38
C ILE C 424 -30.76 28.90 -35.37
N ARG C 425 -31.60 28.11 -34.69
CA ARG C 425 -33.01 28.42 -34.66
C ARG C 425 -33.73 27.74 -33.50
N ASN C 426 -34.85 28.37 -33.11
CA ASN C 426 -35.84 27.79 -32.22
C ASN C 426 -35.15 27.25 -30.96
N ASN C 427 -34.36 28.09 -30.28
CA ASN C 427 -33.63 27.65 -29.11
C ASN C 427 -33.80 28.64 -27.97
N ARG C 428 -33.64 28.15 -26.75
CA ARG C 428 -33.74 28.96 -25.55
C ARG C 428 -32.52 29.86 -25.44
N ALA C 429 -32.69 30.98 -24.74
CA ALA C 429 -31.61 31.91 -24.43
C ALA C 429 -31.09 32.52 -25.74
N ARG C 430 -29.81 32.91 -25.73
CA ARG C 430 -29.19 33.59 -26.86
C ARG C 430 -28.82 32.59 -27.97
N GLY C 431 -28.40 33.14 -29.12
CA GLY C 431 -27.95 32.32 -30.22
C GLY C 431 -26.50 31.88 -30.01
N ALA C 432 -25.61 32.86 -29.83
CA ALA C 432 -24.18 32.64 -29.81
C ALA C 432 -23.49 33.62 -28.86
N LEU C 433 -22.59 33.09 -28.03
CA LEU C 433 -21.79 33.89 -27.11
C LEU C 433 -20.32 33.84 -27.52
N PHE C 434 -19.70 35.02 -27.65
CA PHE C 434 -18.28 35.10 -27.95
C PHE C 434 -17.58 35.99 -26.93
N SER C 435 -16.48 35.48 -26.37
CA SER C 435 -15.75 36.15 -25.30
C SER C 435 -14.27 35.88 -25.44
N THR C 436 -13.70 36.24 -26.59
CA THR C 436 -12.29 35.95 -26.78
C THR C 436 -11.58 37.17 -27.35
N PRO C 437 -10.43 37.54 -26.74
CA PRO C 437 -9.62 38.66 -27.25
C PRO C 437 -9.03 38.36 -28.63
N LYS C 438 -8.96 37.07 -28.97
CA LYS C 438 -8.34 36.63 -30.22
C LYS C 438 -9.24 36.96 -31.40
N PRO C 439 -8.73 36.96 -32.65
CA PRO C 439 -9.53 37.31 -33.82
C PRO C 439 -10.68 36.33 -33.98
N THR C 440 -11.85 36.86 -34.33
CA THR C 440 -13.10 36.10 -34.40
C THR C 440 -13.83 36.48 -35.68
N LEU C 441 -14.25 35.48 -36.45
CA LEU C 441 -15.12 35.73 -37.60
C LEU C 441 -16.45 35.01 -37.39
N VAL C 442 -17.55 35.76 -37.52
CA VAL C 442 -18.90 35.26 -37.39
C VAL C 442 -19.62 35.65 -38.68
N ALA C 443 -19.75 34.72 -39.64
CA ALA C 443 -20.17 35.10 -40.98
C ALA C 443 -21.10 34.07 -41.62
N ASN C 444 -21.93 34.55 -42.55
CA ASN C 444 -22.89 33.75 -43.30
C ASN C 444 -23.63 32.76 -42.41
N ASN C 445 -24.04 33.20 -41.22
CA ASN C 445 -24.88 32.38 -40.36
C ASN C 445 -26.34 32.81 -40.50
N LEU C 446 -27.26 31.89 -40.21
CA LEU C 446 -28.69 32.17 -40.18
C LEU C 446 -29.19 31.98 -38.76
N PHE C 447 -29.68 33.08 -38.18
CA PHE C 447 -30.31 33.08 -36.88
C PHE C 447 -31.82 33.17 -37.05
N ASP C 448 -32.46 32.02 -37.28
CA ASP C 448 -33.87 31.95 -37.63
C ASP C 448 -34.65 31.69 -36.35
N HIS C 449 -35.31 32.74 -35.81
CA HIS C 449 -36.17 32.61 -34.64
C HIS C 449 -35.42 31.98 -33.47
N THR C 450 -34.31 32.60 -33.07
CA THR C 450 -33.77 32.41 -31.73
C THR C 450 -34.74 33.02 -30.74
N SER C 451 -34.85 32.45 -29.54
CA SER C 451 -35.85 32.95 -28.59
C SER C 451 -35.37 34.29 -28.05
N GLY C 452 -34.10 34.32 -27.63
CA GLY C 452 -33.47 35.53 -27.10
C GLY C 452 -32.74 36.32 -28.18
N CYS C 453 -31.59 36.87 -27.82
CA CYS C 453 -30.82 37.68 -28.77
C CYS C 453 -29.92 36.77 -29.60
N ALA C 454 -29.56 37.24 -30.79
CA ALA C 454 -28.79 36.46 -31.73
C ALA C 454 -27.37 36.26 -31.22
N ILE C 455 -26.71 37.37 -30.82
CA ILE C 455 -25.30 37.34 -30.44
C ILE C 455 -25.12 38.08 -29.13
N LEU C 456 -24.28 37.54 -28.25
CA LEU C 456 -23.99 38.17 -26.98
C LEU C 456 -22.48 38.14 -26.71
N LEU C 457 -21.88 39.34 -26.62
CA LEU C 457 -20.52 39.52 -26.12
C LEU C 457 -20.64 40.02 -24.68
N CYS C 458 -20.31 39.17 -23.70
CA CYS C 458 -20.57 39.47 -22.31
C CYS C 458 -19.25 39.72 -21.58
N GLY C 459 -18.91 38.86 -20.62
CA GLY C 459 -17.81 39.13 -19.71
C GLY C 459 -18.33 39.52 -18.33
N ASP C 460 -17.94 38.76 -17.30
CA ASP C 460 -18.54 38.85 -15.98
C ASP C 460 -17.58 38.23 -14.96
N SER C 461 -17.11 39.03 -13.99
CA SER C 461 -16.23 38.59 -12.92
C SER C 461 -16.91 38.75 -11.56
N ASN C 462 -18.23 38.47 -11.51
CA ASN C 462 -18.99 38.62 -10.29
C ASN C 462 -20.01 37.49 -10.16
N GLY C 463 -20.71 37.17 -11.26
CA GLY C 463 -21.74 36.14 -11.25
C GLY C 463 -21.24 34.84 -11.87
N TRP C 464 -21.11 34.85 -13.21
CA TRP C 464 -20.76 33.68 -14.00
C TRP C 464 -19.25 33.40 -13.98
N TYR C 465 -18.44 34.44 -13.74
CA TYR C 465 -16.99 34.34 -13.70
C TYR C 465 -16.46 33.81 -15.04
N GLU C 466 -17.02 34.33 -16.14
CA GLU C 466 -16.64 33.93 -17.49
C GLU C 466 -15.93 35.08 -18.19
N THR C 467 -14.70 34.83 -18.67
CA THR C 467 -13.86 35.87 -19.25
C THR C 467 -14.31 36.17 -20.66
N GLY C 468 -13.94 37.36 -21.13
CA GLY C 468 -14.02 37.69 -22.54
C GLY C 468 -14.12 39.19 -22.78
N SER C 469 -13.08 39.94 -22.41
CA SER C 469 -12.85 41.21 -23.07
C SER C 469 -12.49 40.90 -24.51
N CYS C 470 -13.32 41.36 -25.46
CA CYS C 470 -13.13 41.17 -26.89
C CYS C 470 -12.26 42.28 -27.46
N ARG C 471 -11.43 41.95 -28.45
CA ARG C 471 -10.49 42.90 -29.01
C ARG C 471 -10.56 42.95 -30.53
N ASP C 472 -11.18 41.93 -31.14
CA ASP C 472 -11.08 41.75 -32.57
C ASP C 472 -12.13 40.74 -33.02
N ILE C 473 -13.19 41.23 -33.65
CA ILE C 473 -14.35 40.40 -33.97
C ILE C 473 -15.14 41.06 -35.10
N THR C 474 -15.39 40.28 -36.16
CA THR C 474 -16.18 40.72 -37.30
C THR C 474 -17.43 39.86 -37.37
N ILE C 475 -18.60 40.51 -37.29
CA ILE C 475 -19.90 39.89 -37.47
C ILE C 475 -20.44 40.38 -38.81
N ARG C 476 -20.28 39.55 -39.86
CA ARG C 476 -20.57 40.00 -41.21
C ARG C 476 -21.41 38.97 -41.97
N ASP C 477 -22.19 39.49 -42.93
CA ASP C 477 -22.95 38.71 -43.90
C ASP C 477 -23.81 37.66 -43.22
N ASN C 478 -24.38 38.00 -42.05
CA ASN C 478 -25.30 37.11 -41.37
C ASN C 478 -26.73 37.54 -41.64
N LYS C 479 -27.67 36.68 -41.26
CA LYS C 479 -29.08 36.98 -41.41
C LYS C 479 -29.74 36.70 -40.06
N PHE C 480 -30.45 37.72 -39.56
CA PHE C 480 -31.10 37.64 -38.26
C PHE C 480 -32.60 37.81 -38.46
N VAL C 481 -33.36 36.73 -38.26
CA VAL C 481 -34.80 36.78 -38.48
C VAL C 481 -35.50 36.68 -37.12
N ASN C 482 -36.38 37.66 -36.87
CA ASN C 482 -37.25 37.71 -35.71
C ASN C 482 -36.60 37.09 -34.47
N ALA C 483 -35.42 37.62 -34.12
CA ALA C 483 -34.79 37.36 -32.85
C ALA C 483 -35.48 38.16 -31.75
N LEU C 484 -35.34 37.65 -30.51
CA LEU C 484 -35.85 38.30 -29.30
C LEU C 484 -37.37 38.30 -29.28
N THR C 485 -37.97 37.10 -29.29
CA THR C 485 -39.40 36.98 -28.98
C THR C 485 -39.59 36.70 -27.49
N SER C 486 -38.49 36.50 -26.75
CA SER C 486 -38.56 36.18 -25.33
C SER C 486 -37.34 36.73 -24.62
N MET C 487 -37.52 37.18 -23.37
CA MET C 487 -36.44 37.77 -22.59
C MET C 487 -35.68 36.69 -21.83
N TYR C 488 -34.35 36.83 -21.82
CA TYR C 488 -33.44 36.07 -20.97
C TYR C 488 -32.33 37.01 -20.53
N GLN C 489 -31.49 36.59 -19.59
CA GLN C 489 -30.42 37.46 -19.11
C GLN C 489 -29.71 38.07 -20.32
N PHE C 490 -29.61 39.40 -20.34
CA PHE C 490 -28.75 40.14 -21.25
C PHE C 490 -29.37 40.36 -22.63
N THR C 491 -30.63 39.97 -22.85
CA THR C 491 -31.21 40.06 -24.19
C THR C 491 -31.83 41.44 -24.40
N SER C 492 -30.98 42.42 -24.72
CA SER C 492 -31.38 43.82 -24.81
C SER C 492 -31.60 44.27 -26.25
N ALA C 493 -30.96 43.58 -27.21
CA ALA C 493 -31.18 43.80 -28.64
C ALA C 493 -30.72 42.58 -29.40
N ILE C 494 -30.99 42.55 -30.71
CA ILE C 494 -30.66 41.39 -31.52
C ILE C 494 -29.17 41.06 -31.32
N ILE C 495 -28.30 42.06 -31.49
CA ILE C 495 -26.91 41.96 -31.07
C ILE C 495 -26.75 42.75 -29.77
N SER C 496 -26.41 42.05 -28.69
CA SER C 496 -26.23 42.67 -27.38
C SER C 496 -24.77 42.58 -26.97
N ILE C 497 -24.15 43.74 -26.75
CA ILE C 497 -22.79 43.78 -26.21
C ILE C 497 -22.92 44.24 -24.77
N TYR C 498 -23.05 43.26 -23.86
CA TYR C 498 -23.52 43.49 -22.50
C TYR C 498 -22.59 42.78 -21.53
N PRO C 499 -21.45 43.42 -21.16
CA PRO C 499 -20.66 42.95 -20.02
C PRO C 499 -21.36 43.21 -18.69
N GLU C 500 -21.18 42.29 -17.73
CA GLU C 500 -21.68 42.44 -16.37
C GLU C 500 -20.76 43.38 -15.59
N ILE C 501 -21.23 44.62 -15.45
CA ILE C 501 -20.53 45.69 -14.77
C ILE C 501 -21.40 46.19 -13.61
N PRO C 502 -21.08 45.81 -12.35
CA PRO C 502 -21.76 46.36 -11.17
C PRO C 502 -21.81 47.89 -11.12
N ASP C 503 -20.65 48.54 -11.26
CA ASP C 503 -20.52 49.98 -11.11
C ASP C 503 -20.05 50.59 -12.44
N LEU C 504 -21.01 50.99 -13.29
CA LEU C 504 -20.69 51.52 -14.60
C LEU C 504 -20.37 53.02 -14.52
N THR C 505 -20.99 53.76 -13.59
CA THR C 505 -20.84 55.21 -13.57
C THR C 505 -19.37 55.57 -13.33
N ASN C 506 -18.66 54.77 -12.53
CA ASN C 506 -17.28 55.03 -12.12
C ASN C 506 -16.24 54.42 -13.07
N GLN C 507 -16.70 53.73 -14.12
CA GLN C 507 -15.77 53.07 -15.04
C GLN C 507 -15.13 54.12 -15.94
N LYS C 508 -13.79 54.04 -16.06
CA LYS C 508 -13.00 54.93 -16.91
C LYS C 508 -12.54 54.21 -18.16
N LYS C 509 -12.24 52.91 -18.04
CA LYS C 509 -11.68 52.10 -19.11
C LYS C 509 -12.78 51.28 -19.79
N TYR C 510 -12.69 51.18 -21.12
CA TYR C 510 -13.66 50.46 -21.92
C TYR C 510 -13.28 48.98 -21.93
N PHE C 511 -14.28 48.09 -21.78
CA PHE C 511 -14.03 46.67 -21.57
C PHE C 511 -13.79 45.93 -22.89
N HIS C 512 -14.63 46.21 -23.90
CA HIS C 512 -14.53 45.61 -25.22
C HIS C 512 -14.00 46.63 -26.21
N SER C 513 -13.31 46.14 -27.25
CA SER C 513 -12.79 46.98 -28.31
C SER C 513 -12.71 46.20 -29.61
N GLY C 514 -12.69 46.94 -30.73
CA GLY C 514 -12.45 46.37 -32.05
C GLY C 514 -13.59 45.47 -32.49
N ILE C 515 -14.82 46.00 -32.44
CA ILE C 515 -15.98 45.24 -32.85
C ILE C 515 -16.48 45.82 -34.17
N ARG C 516 -16.59 44.95 -35.18
CA ARG C 516 -17.04 45.36 -36.51
C ARG C 516 -18.29 44.56 -36.89
N ILE C 517 -19.35 45.27 -37.25
CA ILE C 517 -20.63 44.69 -37.61
C ILE C 517 -20.96 45.20 -39.01
N LEU C 518 -20.71 44.36 -40.03
CA LEU C 518 -20.72 44.82 -41.41
C LEU C 518 -21.61 43.91 -42.25
N ASN C 519 -22.50 44.52 -43.03
CA ASN C 519 -23.22 43.86 -44.11
C ASN C 519 -24.05 42.71 -43.57
N ASN C 520 -24.90 42.98 -42.58
CA ASN C 520 -25.83 41.99 -42.07
C ASN C 520 -27.23 42.36 -42.51
N GLN C 521 -28.14 41.40 -42.38
CA GLN C 521 -29.56 41.63 -42.63
C GLN C 521 -30.34 41.31 -41.36
N PHE C 522 -31.12 42.30 -40.91
CA PHE C 522 -31.95 42.18 -39.74
C PHE C 522 -33.42 42.24 -40.15
N ASP C 523 -34.08 41.08 -40.16
CA ASP C 523 -35.53 41.04 -40.26
C ASP C 523 -36.05 41.05 -38.83
N THR C 524 -36.79 42.12 -38.48
CA THR C 524 -37.32 42.27 -37.14
C THR C 524 -38.70 42.91 -37.17
N PHE C 525 -39.48 42.53 -36.15
CA PHE C 525 -40.82 43.04 -35.89
C PHE C 525 -40.76 44.15 -34.85
N ASP C 526 -39.64 44.20 -34.10
CA ASP C 526 -39.48 45.07 -32.95
C ASP C 526 -38.53 46.21 -33.31
N GLN C 527 -37.97 46.86 -32.27
CA GLN C 527 -37.08 48.01 -32.42
C GLN C 527 -35.61 47.63 -32.19
N PRO C 528 -35.18 47.12 -31.00
CA PRO C 528 -33.75 47.05 -30.67
C PRO C 528 -32.88 46.16 -31.57
N ILE C 529 -31.85 46.77 -32.18
CA ILE C 529 -30.97 46.13 -33.15
C ILE C 529 -29.61 45.86 -32.50
N LEU C 530 -29.03 46.91 -31.90
CA LEU C 530 -27.72 46.86 -31.29
C LEU C 530 -27.78 47.54 -29.94
N TYR C 531 -27.34 46.83 -28.89
CA TYR C 531 -27.09 47.39 -27.58
C TYR C 531 -25.61 47.22 -27.27
N ALA C 532 -24.98 48.29 -26.76
CA ALA C 532 -23.54 48.28 -26.59
C ALA C 532 -23.15 49.03 -25.33
N LYS C 533 -22.51 48.31 -24.39
CA LYS C 533 -22.09 48.85 -23.12
C LYS C 533 -20.61 48.61 -22.92
N SER C 534 -19.84 49.71 -22.75
CA SER C 534 -18.42 49.69 -22.44
C SER C 534 -17.58 49.20 -23.62
N VAL C 535 -17.65 49.95 -24.72
CA VAL C 535 -16.94 49.59 -25.93
C VAL C 535 -16.10 50.77 -26.40
N ASP C 536 -14.86 50.48 -26.78
CA ASP C 536 -14.02 51.44 -27.48
C ASP C 536 -13.74 50.90 -28.88
N GLY C 537 -14.43 51.45 -29.88
CA GLY C 537 -14.33 50.98 -31.26
C GLY C 537 -15.48 50.06 -31.62
N LEU C 538 -16.43 50.58 -32.40
CA LEU C 538 -17.63 49.85 -32.75
C LEU C 538 -18.06 50.27 -34.15
N VAL C 539 -17.74 49.43 -35.15
CA VAL C 539 -18.12 49.68 -36.53
C VAL C 539 -19.47 49.02 -36.82
N PHE C 540 -20.38 49.81 -37.39
CA PHE C 540 -21.68 49.33 -37.83
C PHE C 540 -21.94 49.88 -39.22
N THR C 541 -21.66 49.10 -40.27
CA THR C 541 -21.71 49.63 -41.62
C THR C 541 -22.32 48.62 -42.57
N GLY C 542 -23.08 49.16 -43.54
CA GLY C 542 -23.58 48.40 -44.67
C GLY C 542 -24.70 47.43 -44.30
N ASN C 543 -25.36 47.66 -43.15
CA ASN C 543 -26.35 46.74 -42.63
C ASN C 543 -27.74 47.15 -43.11
N LYS C 544 -28.61 46.13 -43.27
CA LYS C 544 -29.95 46.31 -43.83
C LYS C 544 -30.95 45.84 -42.77
N ILE C 545 -31.91 46.70 -42.46
CA ILE C 545 -32.93 46.37 -41.47
C ILE C 545 -34.28 46.42 -42.17
N GLN C 546 -34.98 45.28 -42.11
CA GLN C 546 -36.28 45.10 -42.75
C GLN C 546 -37.32 44.81 -41.69
N THR C 547 -38.40 45.61 -41.68
CA THR C 547 -39.43 45.52 -40.66
C THR C 547 -40.50 44.52 -41.13
N ASN C 548 -41.07 43.78 -40.17
CA ASN C 548 -42.18 42.88 -40.43
C ASN C 548 -43.15 42.95 -39.24
N LYS C 549 -44.27 42.24 -39.31
CA LYS C 549 -45.26 42.28 -38.25
C LYS C 549 -45.69 40.87 -37.83
N GLU C 550 -44.78 39.89 -37.92
CA GLU C 550 -45.08 38.51 -37.55
C GLU C 550 -45.42 38.42 -36.06
N TYR C 551 -44.92 39.38 -35.26
CA TYR C 551 -45.29 39.49 -33.87
C TYR C 551 -45.42 40.95 -33.46
N PRO C 552 -46.11 41.25 -32.33
CA PRO C 552 -46.15 42.59 -31.77
C PRO C 552 -44.80 43.04 -31.18
N ALA C 553 -44.42 44.29 -31.46
CA ALA C 553 -43.32 44.92 -30.73
C ALA C 553 -43.64 44.85 -29.23
N PHE C 554 -42.62 44.71 -28.38
CA PHE C 554 -42.88 44.62 -26.94
C PHE C 554 -41.69 45.02 -26.06
N HIS C 555 -40.47 45.00 -26.62
CA HIS C 555 -39.25 45.14 -25.82
C HIS C 555 -39.23 46.50 -25.13
N SER C 556 -38.78 46.51 -23.86
CA SER C 556 -38.73 47.73 -23.07
C SER C 556 -37.80 48.75 -23.73
N ASN C 557 -36.62 48.30 -24.14
CA ASN C 557 -35.73 49.09 -24.98
C ASN C 557 -36.42 49.35 -26.33
N LYS C 558 -36.82 50.60 -26.60
CA LYS C 558 -37.53 50.96 -27.81
C LYS C 558 -36.63 51.71 -28.78
N LYS C 559 -35.31 51.55 -28.62
CA LYS C 559 -34.33 52.24 -29.44
C LYS C 559 -33.56 51.24 -30.29
N ARG C 560 -33.52 51.49 -31.60
CA ARG C 560 -32.75 50.63 -32.48
C ARG C 560 -31.32 50.56 -31.97
N PHE C 561 -30.70 51.73 -31.70
CA PHE C 561 -29.36 51.76 -31.16
C PHE C 561 -29.37 52.36 -29.74
N LEU C 562 -28.72 51.65 -28.82
CA LEU C 562 -28.60 52.06 -27.43
C LEU C 562 -27.15 51.88 -26.99
N PHE C 563 -26.43 52.99 -26.77
CA PHE C 563 -25.03 52.96 -26.38
C PHE C 563 -24.88 53.48 -24.95
N GLU C 564 -24.04 52.80 -24.16
CA GLU C 564 -23.72 53.20 -22.80
C GLU C 564 -22.22 53.04 -22.57
N ARG C 565 -21.51 54.17 -22.43
CA ARG C 565 -20.06 54.20 -22.28
C ARG C 565 -19.41 53.57 -23.50
N VAL C 566 -19.70 54.18 -24.65
CA VAL C 566 -19.24 53.74 -25.95
C VAL C 566 -18.58 54.91 -26.66
N ILE C 567 -17.29 54.78 -26.96
CA ILE C 567 -16.63 55.67 -27.90
C ILE C 567 -16.24 54.86 -29.14
N GLY C 568 -15.87 55.58 -30.19
CA GLY C 568 -15.25 55.00 -31.37
C GLY C 568 -16.28 54.46 -32.36
N VAL C 569 -17.44 55.13 -32.45
CA VAL C 569 -18.53 54.58 -33.24
C VAL C 569 -18.41 55.08 -34.68
N ASP C 570 -18.41 54.13 -35.60
CA ASP C 570 -18.38 54.37 -37.02
C ASP C 570 -19.64 53.76 -37.64
N PHE C 571 -20.44 54.59 -38.30
CA PHE C 571 -21.81 54.22 -38.60
C PHE C 571 -22.22 54.80 -39.95
N SER C 572 -22.20 53.96 -41.00
CA SER C 572 -22.43 54.45 -42.35
C SER C 572 -23.00 53.34 -43.24
N ASP C 573 -23.80 53.76 -44.24
CA ASP C 573 -24.29 52.90 -45.29
C ASP C 573 -25.30 51.88 -44.73
N ASN C 574 -25.94 52.24 -43.60
CA ASN C 574 -27.00 51.42 -43.04
C ASN C 574 -28.35 51.88 -43.60
N LYS C 575 -29.33 50.97 -43.63
CA LYS C 575 -30.66 51.30 -44.11
C LYS C 575 -31.73 50.66 -43.22
N VAL C 576 -32.93 51.25 -43.22
CA VAL C 576 -34.09 50.66 -42.58
C VAL C 576 -35.25 50.74 -43.58
N ASP C 577 -35.68 49.57 -44.07
CA ASP C 577 -36.72 49.48 -45.08
C ASP C 577 -36.28 50.25 -46.33
N GLY C 578 -35.00 50.14 -46.66
CA GLY C 578 -34.45 50.71 -47.89
C GLY C 578 -34.22 52.22 -47.81
N LYS C 579 -34.40 52.81 -46.62
CA LYS C 579 -34.13 54.22 -46.42
C LYS C 579 -32.91 54.38 -45.51
N PRO C 580 -31.98 55.34 -45.81
CA PRO C 580 -30.79 55.54 -44.98
C PRO C 580 -31.09 55.99 -43.56
N ILE C 581 -30.23 55.58 -42.64
CA ILE C 581 -30.30 55.92 -41.22
C ILE C 581 -28.93 56.42 -40.80
N GLU C 582 -28.81 57.72 -40.52
CA GLU C 582 -27.52 58.34 -40.28
C GLU C 582 -27.43 58.81 -38.82
N MET C 583 -26.21 58.88 -38.27
CA MET C 583 -25.99 59.52 -36.97
C MET C 583 -25.93 61.02 -37.17
N LEU C 584 -25.35 61.47 -38.28
CA LEU C 584 -25.34 62.89 -38.60
C LEU C 584 -26.46 63.17 -39.61
N SER D 1 14.02 -30.29 20.56
CA SER D 1 13.14 -31.30 19.94
C SER D 1 13.27 -31.24 18.41
N GLU D 2 12.68 -32.24 17.79
CA GLU D 2 12.72 -32.42 16.34
C GLU D 2 11.58 -31.63 15.71
N PHE D 3 10.79 -30.95 16.57
CA PHE D 3 9.63 -30.15 16.17
C PHE D 3 9.87 -28.69 16.51
N ASN D 4 9.33 -27.78 15.68
CA ASN D 4 9.38 -26.36 15.98
C ASN D 4 8.39 -26.09 17.11
N VAL D 5 7.17 -26.61 16.96
CA VAL D 5 6.12 -26.54 17.97
C VAL D 5 5.64 -27.95 18.25
N LYS D 6 5.43 -28.28 19.53
CA LYS D 6 4.77 -29.54 19.87
C LYS D 6 3.27 -29.29 20.06
N ILE D 7 2.44 -29.82 19.16
CA ILE D 7 1.00 -29.58 19.21
C ILE D 7 0.33 -30.79 19.84
N TYR D 8 -0.42 -30.56 20.93
CA TYR D 8 -1.19 -31.61 21.58
C TYR D 8 -2.66 -31.40 21.28
N LYS D 9 -3.17 -32.16 20.31
CA LYS D 9 -4.61 -32.27 20.12
C LYS D 9 -5.17 -32.99 21.35
N LEU D 10 -6.11 -32.35 22.06
CA LEU D 10 -6.54 -32.82 23.36
C LEU D 10 -7.24 -34.17 23.24
N SER D 11 -8.00 -34.37 22.15
CA SER D 11 -8.75 -35.60 21.94
C SER D 11 -7.84 -36.83 21.82
N ALA D 12 -6.58 -36.61 21.44
CA ALA D 12 -5.60 -37.68 21.40
C ALA D 12 -5.12 -38.03 22.81
N TYR D 13 -5.45 -37.20 23.81
CA TYR D 13 -4.94 -37.39 25.17
C TYR D 13 -6.13 -37.50 26.13
N GLY D 14 -7.25 -38.06 25.66
CA GLY D 14 -8.33 -38.50 26.52
C GLY D 14 -9.31 -37.39 26.92
N ILE D 15 -9.33 -36.29 26.16
CA ILE D 15 -10.12 -35.11 26.49
C ILE D 15 -10.95 -34.69 25.27
N LYS D 16 -12.21 -35.13 25.25
CA LYS D 16 -13.07 -35.04 24.09
C LYS D 16 -14.18 -34.02 24.31
N PRO D 17 -14.70 -33.38 23.24
CA PRO D 17 -15.84 -32.47 23.36
C PRO D 17 -17.16 -33.21 23.47
N ASN D 18 -18.13 -32.60 24.16
CA ASN D 18 -19.50 -33.09 24.20
C ASN D 18 -19.59 -34.41 24.95
N SER D 19 -18.59 -34.68 25.82
CA SER D 19 -18.60 -35.86 26.67
C SER D 19 -19.51 -35.64 27.87
N GLY D 20 -19.67 -34.37 28.26
CA GLY D 20 -20.41 -34.01 29.45
C GLY D 20 -19.69 -34.43 30.75
N LYS D 21 -18.42 -34.84 30.66
CA LYS D 21 -17.67 -35.26 31.83
C LYS D 21 -16.81 -34.10 32.34
N ASN D 22 -16.34 -34.25 33.58
CA ASN D 22 -15.55 -33.24 34.27
C ASN D 22 -14.17 -33.18 33.61
N THR D 23 -13.90 -32.09 32.90
CA THR D 23 -12.65 -31.93 32.15
C THR D 23 -11.55 -31.41 33.07
N THR D 24 -11.91 -30.96 34.28
CA THR D 24 -11.00 -30.22 35.13
C THR D 24 -9.83 -31.11 35.58
N PRO D 25 -10.06 -32.29 36.17
CA PRO D 25 -8.95 -33.11 36.69
C PRO D 25 -8.04 -33.68 35.60
N LEU D 26 -8.60 -33.86 34.40
CA LEU D 26 -7.91 -34.40 33.23
C LEU D 26 -6.95 -33.37 32.65
N LEU D 27 -7.46 -32.18 32.32
CA LEU D 27 -6.64 -31.14 31.72
C LEU D 27 -5.57 -30.70 32.70
N THR D 28 -5.91 -30.70 34.00
CA THR D 28 -4.98 -30.36 35.06
C THR D 28 -3.81 -31.35 35.08
N SER D 29 -4.12 -32.64 35.20
CA SER D 29 -3.12 -33.69 35.19
C SER D 29 -2.25 -33.62 33.91
N LEU D 30 -2.88 -33.30 32.77
CA LEU D 30 -2.21 -33.33 31.47
C LEU D 30 -1.19 -32.19 31.35
N LEU D 31 -1.62 -30.96 31.60
CA LEU D 31 -0.73 -29.78 31.58
C LEU D 31 0.46 -30.01 32.51
N LYS D 32 0.21 -30.59 33.68
CA LYS D 32 1.26 -30.86 34.64
C LYS D 32 2.34 -31.71 33.98
N GLU D 33 1.92 -32.69 33.18
CA GLU D 33 2.84 -33.60 32.51
C GLU D 33 3.57 -32.86 31.38
N ILE D 34 2.82 -32.18 30.50
CA ILE D 34 3.40 -31.45 29.38
C ILE D 34 4.42 -30.44 29.88
N LYS D 35 4.16 -29.85 31.06
CA LYS D 35 5.09 -28.91 31.66
C LYS D 35 6.38 -29.64 32.05
N SER D 36 6.24 -30.77 32.75
CA SER D 36 7.37 -31.46 33.34
C SER D 36 8.34 -31.98 32.27
N LYS D 37 7.88 -32.01 31.01
CA LYS D 37 8.70 -32.51 29.91
C LYS D 37 9.27 -31.36 29.11
N THR D 38 8.45 -30.37 28.74
CA THR D 38 8.92 -29.27 27.93
C THR D 38 9.93 -28.43 28.73
N SER D 39 11.16 -28.36 28.22
CA SER D 39 12.15 -27.38 28.66
C SER D 39 11.64 -25.97 28.36
N ASP D 40 12.49 -24.95 28.54
CA ASP D 40 11.94 -23.60 28.61
C ASP D 40 11.68 -23.04 27.21
N LEU D 41 12.69 -23.05 26.34
CA LEU D 41 12.56 -22.43 25.02
C LEU D 41 11.64 -23.26 24.12
N ASP D 42 11.36 -24.51 24.53
CA ASP D 42 10.37 -25.37 23.89
C ASP D 42 9.03 -24.66 23.77
N LYS D 43 8.38 -24.80 22.61
CA LYS D 43 7.08 -24.20 22.33
C LYS D 43 6.01 -25.28 22.33
N VAL D 44 4.83 -24.91 22.88
CA VAL D 44 3.72 -25.82 23.12
C VAL D 44 2.46 -25.22 22.52
N ILE D 45 1.55 -26.09 22.06
CA ILE D 45 0.18 -25.71 21.77
C ILE D 45 -0.73 -26.78 22.35
N ILE D 46 -1.82 -26.34 23.01
CA ILE D 46 -2.88 -27.21 23.52
C ILE D 46 -4.14 -26.92 22.70
N GLN D 47 -4.69 -27.94 22.03
CA GLN D 47 -5.72 -27.71 21.02
C GLN D 47 -7.03 -28.44 21.35
N PHE D 48 -8.08 -27.63 21.57
CA PHE D 48 -9.46 -28.10 21.75
C PHE D 48 -10.17 -28.18 20.39
N GLU D 49 -11.23 -29.00 20.31
CA GLU D 49 -12.02 -29.17 19.09
C GLU D 49 -13.36 -28.45 19.21
N LYS D 50 -14.13 -28.48 18.12
CA LYS D 50 -15.51 -28.01 18.10
C LYS D 50 -16.33 -28.79 19.12
N GLY D 51 -17.20 -28.05 19.82
CA GLY D 51 -18.08 -28.61 20.83
C GLY D 51 -17.74 -28.09 22.21
N ARG D 52 -18.25 -28.79 23.22
CA ARG D 52 -18.37 -28.26 24.56
C ARG D 52 -17.58 -29.10 25.56
N TYR D 53 -16.76 -28.42 26.38
CA TYR D 53 -16.06 -29.03 27.49
C TYR D 53 -16.62 -28.42 28.78
N ASP D 54 -17.07 -29.27 29.71
CA ASP D 54 -17.57 -28.81 31.00
C ASP D 54 -16.45 -28.95 32.03
N PHE D 55 -16.32 -27.93 32.90
CA PHE D 55 -15.39 -27.93 34.01
C PHE D 55 -16.17 -27.76 35.31
N TYR D 56 -15.92 -28.64 36.28
CA TYR D 56 -16.53 -28.52 37.59
C TYR D 56 -15.46 -28.25 38.64
N PRO D 57 -15.83 -27.75 39.83
CA PRO D 57 -14.87 -27.58 40.92
C PRO D 57 -14.05 -28.81 41.28
N GLU D 58 -14.63 -30.00 41.13
CA GLU D 58 -14.00 -31.22 41.59
C GLU D 58 -12.72 -31.46 40.80
N GLY D 59 -11.59 -31.63 41.51
CA GLY D 59 -10.31 -31.94 40.89
C GLY D 59 -9.54 -30.70 40.45
N ALA D 60 -10.11 -29.51 40.71
CA ALA D 60 -9.47 -28.25 40.38
C ALA D 60 -8.31 -27.99 41.34
N ILE D 61 -7.36 -27.18 40.88
CA ILE D 61 -6.31 -26.70 41.77
C ILE D 61 -6.93 -25.62 42.66
N LYS D 62 -6.40 -25.50 43.89
CA LYS D 62 -6.81 -24.44 44.79
C LYS D 62 -5.64 -23.50 45.07
N ARG D 63 -5.67 -22.34 44.40
CA ARG D 63 -4.65 -21.31 44.54
C ARG D 63 -5.17 -20.15 45.39
N GLU D 64 -4.29 -19.64 46.27
CA GLU D 64 -4.53 -18.41 46.99
C GLU D 64 -4.03 -17.26 46.13
N TYR D 65 -4.96 -16.52 45.50
CA TYR D 65 -4.61 -15.39 44.65
C TYR D 65 -5.15 -14.09 45.26
N TYR D 66 -4.35 -13.02 45.14
CA TYR D 66 -4.83 -11.68 45.40
C TYR D 66 -5.03 -11.01 44.05
N ILE D 67 -6.24 -10.50 43.85
CA ILE D 67 -6.69 -10.04 42.54
C ILE D 67 -7.13 -8.59 42.67
N SER D 68 -6.53 -7.72 41.86
CA SER D 68 -6.88 -6.32 41.86
C SER D 68 -8.35 -6.14 41.50
N ASN D 69 -9.03 -5.31 42.29
CA ASN D 69 -10.36 -4.78 42.02
C ASN D 69 -11.42 -5.86 42.18
N HIS D 70 -11.19 -6.79 43.13
CA HIS D 70 -12.04 -7.95 43.34
C HIS D 70 -12.07 -8.29 44.84
N ASP D 71 -13.08 -9.07 45.24
CA ASP D 71 -13.15 -9.61 46.59
C ASP D 71 -12.00 -10.59 46.82
N GLN D 72 -11.41 -10.52 48.02
CA GLN D 72 -10.26 -11.34 48.35
C GLN D 72 -10.69 -12.58 49.12
N ASP D 73 -11.55 -13.38 48.49
CA ASP D 73 -12.00 -14.64 49.07
C ASP D 73 -11.02 -15.73 48.64
N ASN D 74 -10.50 -16.51 49.60
CA ASN D 74 -9.52 -17.54 49.28
C ASN D 74 -9.88 -18.85 49.97
N PRO D 75 -9.48 -20.02 49.43
CA PRO D 75 -8.74 -20.09 48.15
C PRO D 75 -9.66 -19.81 46.97
N LYS D 76 -9.06 -19.67 45.77
CA LYS D 76 -9.83 -19.64 44.53
C LYS D 76 -9.84 -21.06 43.96
N THR D 77 -11.00 -21.47 43.43
CA THR D 77 -11.13 -22.72 42.69
C THR D 77 -10.83 -22.45 41.22
N VAL D 78 -9.67 -22.94 40.75
CA VAL D 78 -9.12 -22.55 39.46
C VAL D 78 -9.34 -23.69 38.47
N GLY D 79 -10.01 -23.37 37.35
CA GLY D 79 -10.31 -24.32 36.31
C GLY D 79 -9.06 -24.75 35.55
N ILE D 80 -8.40 -23.78 34.91
CA ILE D 80 -7.19 -24.03 34.16
C ILE D 80 -6.06 -23.15 34.70
N GLY D 81 -5.01 -23.78 35.23
CA GLY D 81 -3.89 -23.06 35.82
C GLY D 81 -2.62 -23.13 34.97
N ILE D 82 -2.42 -22.09 34.14
CA ILE D 82 -1.16 -21.87 33.46
C ILE D 82 -0.26 -21.10 34.41
N GLU D 83 0.70 -21.79 35.04
CA GLU D 83 1.56 -21.19 36.05
C GLU D 83 3.04 -21.48 35.74
N LYS D 84 3.81 -20.41 35.52
CA LYS D 84 5.25 -20.52 35.30
C LYS D 84 5.51 -21.41 34.11
N PHE D 85 4.83 -21.12 33.00
CA PHE D 85 4.75 -21.98 31.83
C PHE D 85 4.73 -21.09 30.60
N ASN D 86 5.81 -21.14 29.80
CA ASN D 86 6.01 -20.14 28.76
C ASN D 86 5.84 -20.77 27.38
N ASN D 87 5.59 -19.87 26.41
CA ASN D 87 5.53 -20.20 24.99
C ASN D 87 4.41 -21.18 24.72
N ILE D 88 3.30 -21.01 25.45
CA ILE D 88 2.19 -21.95 25.44
C ILE D 88 1.00 -21.23 24.82
N THR D 89 0.31 -21.91 23.90
CA THR D 89 -0.88 -21.38 23.27
C THR D 89 -2.03 -22.34 23.52
N LEU D 90 -3.12 -21.84 24.12
CA LEU D 90 -4.38 -22.56 24.16
C LEU D 90 -5.24 -22.11 22.99
N ILE D 91 -5.60 -23.04 22.12
CA ILE D 91 -6.37 -22.72 20.93
C ILE D 91 -7.55 -23.67 20.86
N GLY D 92 -8.66 -23.19 20.28
CA GLY D 92 -9.83 -24.00 20.01
C GLY D 92 -10.30 -23.84 18.57
N LYS D 93 -11.51 -24.36 18.30
CA LYS D 93 -12.14 -24.22 17.00
C LYS D 93 -13.65 -24.10 17.23
N GLY D 94 -14.12 -22.86 17.40
CA GLY D 94 -15.45 -22.62 17.97
C GLY D 94 -15.66 -23.50 19.19
N THR D 95 -14.79 -23.34 20.22
CA THR D 95 -14.82 -24.17 21.40
C THR D 95 -15.60 -23.46 22.50
N ASP D 96 -16.30 -24.26 23.30
CA ASP D 96 -17.13 -23.76 24.39
C ASP D 96 -16.66 -24.40 25.69
N LEU D 97 -15.84 -23.66 26.44
CA LEU D 97 -15.46 -24.04 27.79
C LEU D 97 -16.57 -23.60 28.73
N MET D 98 -17.24 -24.58 29.35
CA MET D 98 -18.40 -24.33 30.18
C MET D 98 -18.06 -24.65 31.63
N PHE D 99 -18.26 -23.69 32.55
CA PHE D 99 -17.85 -23.88 33.93
C PHE D 99 -19.08 -24.00 34.82
N HIS D 100 -18.85 -24.60 36.00
CA HIS D 100 -19.91 -24.89 36.95
C HIS D 100 -19.49 -24.40 38.33
N GLY D 101 -20.46 -23.89 39.10
CA GLY D 101 -20.23 -23.52 40.49
C GLY D 101 -19.50 -22.18 40.59
N ARG D 102 -18.65 -22.05 41.63
CA ARG D 102 -17.82 -20.87 41.80
C ARG D 102 -16.39 -21.22 41.42
N MET D 103 -15.98 -20.76 40.24
CA MET D 103 -14.65 -21.08 39.73
C MET D 103 -14.03 -19.83 39.13
N LEU D 104 -12.69 -19.82 39.14
CA LEU D 104 -11.88 -18.95 38.30
C LEU D 104 -11.52 -19.74 37.05
N PRO D 105 -12.16 -19.47 35.88
CA PRO D 105 -11.94 -20.27 34.67
C PRO D 105 -10.47 -20.46 34.34
N LEU D 106 -9.77 -19.36 34.00
CA LEU D 106 -8.43 -19.40 33.44
C LEU D 106 -7.52 -18.43 34.20
N ALA D 107 -6.37 -18.93 34.66
CA ALA D 107 -5.41 -18.15 35.42
C ALA D 107 -4.03 -18.26 34.75
N LEU D 108 -3.46 -17.10 34.39
CA LEU D 108 -2.15 -17.00 33.78
C LEU D 108 -1.20 -16.33 34.76
N ILE D 109 -0.35 -17.14 35.42
CA ILE D 109 0.49 -16.70 36.53
C ILE D 109 1.96 -16.76 36.12
N GLU D 110 2.63 -15.60 36.11
CA GLU D 110 4.08 -15.55 35.99
C GLU D 110 4.53 -16.32 34.76
N SER D 111 3.87 -16.04 33.63
CA SER D 111 4.14 -16.74 32.38
C SER D 111 4.37 -15.72 31.27
N SER D 112 5.32 -16.03 30.38
CA SER D 112 5.64 -15.18 29.25
C SER D 112 5.25 -15.86 27.94
N ASN D 113 4.92 -15.04 26.94
CA ASN D 113 4.61 -15.50 25.59
C ASN D 113 3.48 -16.52 25.63
N VAL D 114 2.36 -16.13 26.24
CA VAL D 114 1.17 -16.96 26.31
C VAL D 114 0.14 -16.37 25.36
N LYS D 115 -0.48 -17.23 24.55
CA LYS D 115 -1.49 -16.83 23.60
C LYS D 115 -2.75 -17.67 23.84
N ILE D 116 -3.92 -17.02 23.82
CA ILE D 116 -5.20 -17.69 23.99
C ILE D 116 -6.05 -17.33 22.78
N LYS D 117 -6.66 -18.33 22.12
CA LYS D 117 -7.15 -18.14 20.75
C LYS D 117 -8.34 -19.02 20.42
N ASP D 118 -9.38 -18.40 19.83
CA ASP D 118 -10.50 -19.06 19.17
C ASP D 118 -11.30 -19.91 20.15
N LEU D 119 -11.74 -19.30 21.26
CA LEU D 119 -12.14 -20.06 22.43
C LEU D 119 -13.05 -19.21 23.33
N ASN D 120 -14.14 -19.82 23.85
CA ASN D 120 -15.16 -19.10 24.61
C ASN D 120 -15.25 -19.63 26.04
N ILE D 121 -15.54 -18.71 26.97
CA ILE D 121 -15.70 -19.06 28.37
C ILE D 121 -17.09 -18.62 28.83
N ASP D 122 -17.84 -19.55 29.45
CA ASP D 122 -19.15 -19.27 29.99
C ASP D 122 -19.40 -20.17 31.19
N PHE D 123 -20.34 -19.77 32.04
CA PHE D 123 -20.88 -20.64 33.09
C PHE D 123 -22.29 -21.06 32.72
N GLU D 124 -22.67 -22.29 33.10
CA GLU D 124 -24.01 -22.80 32.81
C GLU D 124 -25.03 -22.08 33.69
N LYS D 125 -24.68 -21.90 34.98
CA LYS D 125 -25.54 -21.24 35.95
C LYS D 125 -24.90 -19.94 36.42
N PRO D 126 -25.07 -18.82 35.68
CA PRO D 126 -24.63 -17.51 36.15
C PRO D 126 -25.24 -17.12 37.50
N GLN D 127 -24.43 -16.47 38.34
CA GLN D 127 -24.86 -16.04 39.66
C GLN D 127 -25.85 -14.89 39.50
N ILE D 128 -25.73 -14.16 38.39
CA ILE D 128 -26.73 -13.19 38.00
C ILE D 128 -28.02 -13.94 37.64
N THR D 129 -29.15 -13.41 38.14
CA THR D 129 -30.45 -14.01 37.92
C THR D 129 -31.24 -13.16 36.93
N GLN D 130 -31.56 -13.73 35.77
CA GLN D 130 -32.40 -13.05 34.80
C GLN D 130 -33.86 -13.32 35.14
N VAL D 131 -34.68 -12.25 35.12
CA VAL D 131 -36.12 -12.36 35.34
C VAL D 131 -36.82 -11.39 34.38
N LYS D 132 -38.11 -11.61 34.18
CA LYS D 132 -38.89 -10.80 33.26
C LYS D 132 -40.18 -10.38 33.96
N ILE D 133 -40.46 -9.08 33.91
CA ILE D 133 -41.67 -8.53 34.52
C ILE D 133 -42.87 -9.07 33.76
N ILE D 134 -43.81 -9.66 34.52
CA ILE D 134 -45.03 -10.24 33.99
C ILE D 134 -46.17 -9.26 34.24
N SER D 135 -46.33 -8.88 35.51
CA SER D 135 -47.34 -7.89 35.88
C SER D 135 -46.78 -6.97 36.97
N ASN D 136 -47.09 -5.68 36.83
CA ASN D 136 -46.67 -4.66 37.77
C ASN D 136 -47.90 -3.84 38.15
N ASP D 137 -48.38 -4.06 39.38
CA ASP D 137 -49.44 -3.26 39.99
C ASP D 137 -48.81 -2.13 40.80
N THR D 138 -48.78 -0.93 40.21
CA THR D 138 -47.97 0.16 40.75
C THR D 138 -48.57 0.65 42.07
N THR D 139 -49.90 0.64 42.16
CA THR D 139 -50.62 1.10 43.34
C THR D 139 -50.31 0.19 44.55
N ALA D 140 -50.51 -1.12 44.40
CA ALA D 140 -50.33 -2.05 45.50
C ALA D 140 -48.86 -2.35 45.72
N GLY D 141 -48.04 -2.10 44.69
CA GLY D 141 -46.63 -2.48 44.71
C GLY D 141 -46.47 -4.00 44.64
N ASN D 142 -47.24 -4.63 43.74
CA ASN D 142 -47.12 -6.06 43.50
C ASN D 142 -46.55 -6.26 42.11
N ILE D 143 -45.40 -6.95 42.06
CA ILE D 143 -44.76 -7.31 40.81
C ILE D 143 -44.67 -8.83 40.74
N VAL D 144 -45.15 -9.41 39.64
CA VAL D 144 -44.89 -10.80 39.33
C VAL D 144 -43.78 -10.84 38.28
N PHE D 145 -42.70 -11.58 38.58
CA PHE D 145 -41.60 -11.73 37.65
C PHE D 145 -41.45 -13.21 37.30
N GLU D 146 -40.96 -13.47 36.08
CA GLU D 146 -40.74 -14.81 35.56
C GLU D 146 -39.24 -15.07 35.55
N THR D 147 -38.79 -16.13 36.22
CA THR D 147 -37.40 -16.55 36.12
C THR D 147 -37.20 -17.12 34.72
N ALA D 148 -36.04 -16.85 34.13
CA ALA D 148 -35.69 -17.41 32.84
C ALA D 148 -35.45 -18.92 32.97
N PRO D 149 -35.51 -19.68 31.85
CA PRO D 149 -35.56 -21.16 31.88
C PRO D 149 -34.43 -21.84 32.64
N TRP D 150 -33.23 -21.24 32.57
CA TRP D 150 -32.02 -21.85 33.08
C TRP D 150 -31.80 -21.54 34.55
N VAL D 151 -32.71 -20.78 35.17
CA VAL D 151 -32.56 -20.35 36.54
C VAL D 151 -33.09 -21.42 37.48
N LYS D 152 -32.27 -21.82 38.44
CA LYS D 152 -32.71 -22.68 39.54
C LYS D 152 -32.69 -21.87 40.83
N TYR D 153 -33.87 -21.65 41.43
CA TYR D 153 -34.02 -20.82 42.62
C TYR D 153 -34.56 -21.65 43.79
N LYS D 154 -34.42 -21.08 44.99
CA LYS D 154 -35.08 -21.54 46.20
C LYS D 154 -35.73 -20.34 46.86
N LEU D 155 -36.91 -20.55 47.45
CA LEU D 155 -37.45 -19.62 48.42
C LEU D 155 -37.22 -20.20 49.81
N LYS D 156 -36.62 -19.41 50.70
CA LYS D 156 -36.56 -19.74 52.12
C LYS D 156 -36.98 -18.51 52.91
N ASP D 157 -38.05 -18.66 53.71
CA ASP D 157 -38.59 -17.58 54.53
C ASP D 157 -38.83 -16.34 53.67
N SER D 158 -39.60 -16.55 52.60
CA SER D 158 -40.07 -15.49 51.73
C SER D 158 -38.91 -14.73 51.10
N THR D 159 -37.73 -15.35 51.01
CA THR D 159 -36.56 -14.73 50.43
C THR D 159 -36.15 -15.51 49.18
N PHE D 160 -35.85 -14.79 48.10
CA PHE D 160 -35.53 -15.40 46.81
C PHE D 160 -34.02 -15.63 46.70
N TYR D 161 -33.61 -16.90 46.73
CA TYR D 161 -32.24 -17.29 46.49
C TYR D 161 -32.07 -17.75 45.04
N ASN D 162 -30.92 -17.44 44.43
CA ASN D 162 -30.50 -18.05 43.18
C ASN D 162 -29.45 -19.10 43.54
N THR D 163 -29.45 -20.23 42.82
CA THR D 163 -28.58 -21.35 43.15
C THR D 163 -27.81 -21.82 41.91
N GLY D 164 -26.65 -22.41 42.22
CA GLY D 164 -25.92 -23.27 41.30
C GLY D 164 -25.16 -24.34 42.09
N GLU D 165 -24.15 -24.93 41.45
CA GLU D 165 -23.44 -26.06 42.01
C GLU D 165 -22.64 -25.57 43.21
N GLY D 166 -23.13 -25.88 44.41
CA GLY D 166 -22.40 -25.61 45.63
C GLY D 166 -22.54 -24.17 46.12
N TRP D 167 -23.39 -23.36 45.47
CA TRP D 167 -23.61 -21.98 45.89
C TRP D 167 -25.09 -21.63 45.92
N GLU D 168 -25.40 -20.64 46.76
CA GLU D 168 -26.74 -20.10 46.98
C GLU D 168 -26.57 -18.62 47.32
N MET D 169 -27.14 -17.71 46.51
CA MET D 169 -26.91 -16.29 46.70
C MET D 169 -28.22 -15.50 46.56
N GLN D 170 -28.54 -14.68 47.56
CA GLN D 170 -29.67 -13.78 47.50
C GLN D 170 -29.29 -12.50 46.77
N PRO D 171 -29.92 -12.18 45.62
CA PRO D 171 -29.71 -10.90 44.94
C PRO D 171 -30.28 -9.71 45.72
N THR D 172 -29.53 -8.59 45.69
CA THR D 172 -29.85 -7.40 46.47
C THR D 172 -30.04 -6.17 45.57
N SER D 173 -29.49 -6.19 44.34
CA SER D 173 -29.72 -5.10 43.40
C SER D 173 -29.96 -5.65 42.01
N GLY D 174 -30.23 -4.77 41.04
CA GLY D 174 -30.38 -5.23 39.67
C GLY D 174 -30.19 -4.13 38.64
N ILE D 175 -30.17 -4.55 37.37
CA ILE D 175 -30.15 -3.68 36.20
C ILE D 175 -31.33 -4.07 35.32
N ALA D 176 -32.19 -3.08 35.02
CA ALA D 176 -33.34 -3.33 34.16
C ALA D 176 -32.99 -3.02 32.71
N PHE D 177 -33.54 -3.81 31.79
CA PHE D 177 -33.26 -3.66 30.37
C PHE D 177 -34.56 -3.55 29.59
N GLU D 178 -34.57 -2.64 28.60
CA GLU D 178 -35.63 -2.58 27.60
C GLU D 178 -35.78 -3.96 26.97
N ASN D 179 -37.03 -4.40 26.77
CA ASN D 179 -37.29 -5.58 25.97
C ASN D 179 -36.85 -5.31 24.53
N GLY D 180 -36.18 -6.28 23.91
CA GLY D 180 -35.86 -6.17 22.50
C GLY D 180 -34.53 -5.47 22.26
N THR D 181 -34.49 -4.13 22.44
CA THR D 181 -33.29 -3.35 22.17
C THR D 181 -32.16 -3.83 23.07
N LYS D 182 -32.50 -4.22 24.31
CA LYS D 182 -31.55 -4.67 25.32
C LYS D 182 -30.79 -3.48 25.89
N HIS D 183 -31.29 -2.26 25.64
CA HIS D 183 -30.75 -1.06 26.25
C HIS D 183 -31.01 -1.16 27.76
N ILE D 184 -30.44 -0.25 28.56
CA ILE D 184 -30.78 -0.18 29.97
C ILE D 184 -31.81 0.93 30.18
N ILE D 185 -32.85 0.61 30.96
CA ILE D 185 -34.02 1.45 31.14
C ILE D 185 -33.60 2.84 31.60
N PHE D 186 -34.16 3.84 30.91
CA PHE D 186 -33.87 5.25 31.11
C PHE D 186 -34.04 5.64 32.58
N ASN D 187 -32.98 6.25 33.13
CA ASN D 187 -32.96 6.73 34.51
C ASN D 187 -33.14 5.58 35.49
N SER D 188 -32.58 4.42 35.20
CA SER D 188 -32.69 3.32 36.14
C SER D 188 -31.44 3.27 37.01
N GLY D 189 -30.30 3.00 36.35
CA GLY D 189 -29.07 2.63 37.03
C GLY D 189 -29.29 1.41 37.92
N ASP D 190 -28.54 1.37 39.03
CA ASP D 190 -28.78 0.41 40.09
C ASP D 190 -30.11 0.69 40.75
N ILE D 191 -30.94 -0.36 40.85
CA ILE D 191 -32.26 -0.30 41.45
C ILE D 191 -32.35 -1.42 42.48
N GLY D 192 -33.21 -1.23 43.48
CA GLY D 192 -33.50 -2.29 44.41
C GLY D 192 -34.38 -3.33 43.73
N VAL D 193 -34.37 -4.55 44.27
CA VAL D 193 -35.13 -5.64 43.68
C VAL D 193 -35.92 -6.36 44.77
N GLY D 194 -37.03 -6.96 44.37
CA GLY D 194 -37.99 -7.52 45.29
C GLY D 194 -37.68 -8.99 45.55
N THR D 195 -36.60 -9.24 46.27
CA THR D 195 -36.18 -10.58 46.57
C THR D 195 -36.50 -10.91 48.03
N LYS D 196 -37.02 -9.91 48.75
CA LYS D 196 -37.57 -10.09 50.09
C LYS D 196 -39.09 -10.03 49.98
N SER D 197 -39.78 -10.65 50.94
CA SER D 197 -41.22 -10.70 50.91
C SER D 197 -41.69 -11.24 49.56
N VAL D 198 -41.42 -12.52 49.30
CA VAL D 198 -41.84 -13.17 48.07
C VAL D 198 -42.57 -14.47 48.41
N SER D 199 -43.26 -15.00 47.38
CA SER D 199 -43.90 -16.30 47.43
C SER D 199 -44.21 -16.75 46.00
N GLU D 200 -44.26 -18.08 45.81
CA GLU D 200 -44.35 -18.68 44.49
C GLU D 200 -45.80 -18.78 44.03
N VAL D 201 -46.09 -18.12 42.90
CA VAL D 201 -47.38 -18.18 42.22
C VAL D 201 -47.53 -19.54 41.54
N SER D 202 -46.43 -19.96 40.88
CA SER D 202 -46.38 -21.12 40.02
C SER D 202 -44.92 -21.28 39.61
N PRO D 203 -44.44 -22.49 39.24
CA PRO D 203 -43.02 -22.67 38.98
C PRO D 203 -42.46 -21.57 38.07
N GLY D 204 -41.47 -20.83 38.57
CA GLY D 204 -40.79 -19.81 37.78
C GLY D 204 -41.61 -18.53 37.64
N LYS D 205 -42.64 -18.36 38.47
CA LYS D 205 -43.39 -17.11 38.58
C LYS D 205 -43.41 -16.69 40.04
N ILE D 206 -42.67 -15.62 40.37
CA ILE D 206 -42.52 -15.21 41.76
C ILE D 206 -43.27 -13.90 41.95
N MET D 207 -43.97 -13.81 43.09
CA MET D 207 -44.73 -12.62 43.45
C MET D 207 -43.93 -11.84 44.49
N ALA D 208 -43.63 -10.59 44.16
CA ALA D 208 -42.98 -9.67 45.08
C ALA D 208 -44.04 -8.71 45.61
N HIS D 209 -44.27 -8.75 46.93
CA HIS D 209 -45.40 -8.12 47.55
C HIS D 209 -45.14 -6.63 47.87
N HIS D 210 -43.85 -6.27 48.06
CA HIS D 210 -43.51 -4.89 48.41
C HIS D 210 -42.44 -4.37 47.47
N TRP D 211 -42.77 -4.31 46.18
CA TRP D 211 -41.83 -3.80 45.17
C TRP D 211 -42.54 -2.70 44.37
N LYS D 212 -42.09 -1.46 44.55
CA LYS D 212 -42.76 -0.33 43.92
C LYS D 212 -41.82 0.34 42.95
N ASN D 213 -42.14 0.26 41.65
CA ASN D 213 -41.30 0.83 40.62
C ASN D 213 -42.10 0.93 39.33
N LYS D 214 -42.53 2.16 38.99
CA LYS D 214 -43.35 2.43 37.81
C LYS D 214 -42.59 2.14 36.52
N LYS D 215 -41.26 2.04 36.61
CA LYS D 215 -40.41 1.93 35.45
C LYS D 215 -40.39 0.51 34.89
N LEU D 216 -40.56 -0.47 35.78
CA LEU D 216 -40.50 -1.88 35.42
C LEU D 216 -41.81 -2.28 34.76
N VAL D 217 -42.05 -1.74 33.56
CA VAL D 217 -43.23 -2.03 32.77
C VAL D 217 -43.19 -3.51 32.36
N PRO D 218 -44.37 -4.17 32.16
CA PRO D 218 -44.38 -5.52 31.60
C PRO D 218 -43.42 -5.61 30.43
N GLY D 219 -42.65 -6.69 30.38
CA GLY D 219 -41.69 -6.91 29.29
C GLY D 219 -40.25 -6.70 29.76
N THR D 220 -40.07 -5.80 30.73
CA THR D 220 -38.76 -5.41 31.21
C THR D 220 -38.03 -6.65 31.74
N VAL D 221 -36.74 -6.76 31.38
CA VAL D 221 -35.90 -7.85 31.80
C VAL D 221 -34.95 -7.31 32.85
N ILE D 222 -34.76 -8.05 33.94
CA ILE D 222 -33.99 -7.56 35.06
C ILE D 222 -32.88 -8.54 35.40
N ALA D 223 -31.67 -8.02 35.52
CA ALA D 223 -30.53 -8.81 35.96
C ALA D 223 -30.31 -8.58 37.46
N MET D 224 -30.85 -9.50 38.27
CA MET D 224 -30.71 -9.41 39.71
C MET D 224 -29.35 -9.96 40.13
N ARG D 225 -28.70 -9.26 41.08
CA ARG D 225 -27.34 -9.58 41.45
C ARG D 225 -27.01 -9.10 42.86
N SER D 226 -25.85 -9.52 43.35
CA SER D 226 -25.25 -8.98 44.55
C SER D 226 -24.03 -8.15 44.16
N TRP D 227 -23.22 -7.79 45.14
CA TRP D 227 -22.05 -6.95 44.91
C TRP D 227 -20.79 -7.79 44.87
N GLN D 228 -20.96 -9.11 45.03
CA GLN D 228 -19.84 -10.03 45.12
C GLN D 228 -19.16 -10.17 43.77
N ARG D 229 -17.82 -10.19 43.79
CA ARG D 229 -17.03 -10.36 42.59
C ARG D 229 -15.74 -11.09 42.96
N PRO D 230 -15.81 -12.39 43.37
CA PRO D 230 -14.62 -13.09 43.87
C PRO D 230 -13.61 -13.59 42.83
N ALA D 231 -14.00 -13.74 41.57
CA ALA D 231 -13.10 -14.30 40.56
C ALA D 231 -13.45 -13.82 39.15
N PRO D 232 -12.45 -13.37 38.37
CA PRO D 232 -12.70 -12.92 37.00
C PRO D 232 -12.75 -14.15 36.09
N GLY D 233 -13.07 -13.91 34.82
CA GLY D 233 -13.07 -14.98 33.82
C GLY D 233 -11.65 -15.44 33.51
N ILE D 234 -10.80 -14.48 33.12
CA ILE D 234 -9.38 -14.70 32.90
C ILE D 234 -8.60 -13.78 33.84
N PHE D 235 -7.81 -14.36 34.75
CA PHE D 235 -6.92 -13.62 35.62
C PHE D 235 -5.50 -13.74 35.07
N VAL D 236 -4.80 -12.61 34.90
CA VAL D 236 -3.43 -12.64 34.43
C VAL D 236 -2.58 -11.84 35.42
N HIS D 237 -1.52 -12.47 35.94
CA HIS D 237 -0.67 -11.86 36.97
C HIS D 237 0.80 -12.05 36.58
N LYS D 238 1.52 -10.93 36.45
CA LYS D 238 2.96 -10.92 36.20
C LYS D 238 3.27 -11.63 34.90
N GLY D 239 2.48 -11.35 33.87
CA GLY D 239 2.73 -11.89 32.54
C GLY D 239 3.67 -10.96 31.77
N LYS D 240 4.33 -11.51 30.75
CA LYS D 240 4.98 -10.72 29.72
C LYS D 240 4.50 -11.25 28.37
N ASN D 241 4.16 -10.33 27.44
CA ASN D 241 3.78 -10.67 26.07
C ASN D 241 2.61 -11.65 26.06
N ILE D 242 1.43 -11.16 26.47
CA ILE D 242 0.24 -11.99 26.55
C ILE D 242 -0.71 -11.61 25.41
N SER D 243 -1.37 -12.62 24.84
CA SER D 243 -2.17 -12.46 23.63
C SER D 243 -3.54 -13.11 23.83
N PHE D 244 -4.58 -12.43 23.36
CA PHE D 244 -5.92 -12.98 23.25
C PHE D 244 -6.42 -12.67 21.86
N GLU D 245 -6.78 -13.70 21.09
CA GLU D 245 -7.28 -13.49 19.73
C GLU D 245 -8.53 -14.32 19.54
N ASN D 246 -9.64 -13.61 19.28
CA ASN D 246 -10.97 -14.20 19.17
C ASN D 246 -11.27 -15.04 20.41
N VAL D 247 -11.34 -14.38 21.56
CA VAL D 247 -11.68 -15.01 22.83
C VAL D 247 -12.81 -14.20 23.47
N LYS D 248 -13.93 -14.90 23.73
CA LYS D 248 -15.12 -14.30 24.30
C LYS D 248 -15.32 -14.85 25.71
N VAL D 249 -15.60 -13.96 26.67
CA VAL D 249 -16.08 -14.37 27.98
C VAL D 249 -17.52 -13.91 28.11
N HIS D 250 -18.44 -14.88 28.21
CA HIS D 250 -19.86 -14.59 28.21
C HIS D 250 -20.34 -14.30 29.63
N TYR D 251 -19.70 -14.88 30.64
CA TYR D 251 -20.06 -14.55 31.99
C TYR D 251 -18.99 -15.03 32.96
N ALA D 252 -18.80 -14.27 34.05
CA ALA D 252 -17.97 -14.68 35.17
C ALA D 252 -18.36 -13.87 36.39
N GLU D 253 -18.03 -14.38 37.59
CA GLU D 253 -18.50 -13.78 38.82
C GLU D 253 -17.49 -12.71 39.27
N GLY D 254 -17.31 -11.72 38.41
CA GLY D 254 -16.17 -10.83 38.47
C GLY D 254 -15.91 -10.28 37.07
N MET D 255 -14.68 -9.88 36.80
CA MET D 255 -14.39 -9.22 35.54
C MET D 255 -14.12 -10.27 34.46
N GLY D 256 -14.32 -9.87 33.20
CA GLY D 256 -14.01 -10.76 32.09
C GLY D 256 -12.52 -11.09 32.07
N LEU D 257 -11.71 -10.05 31.91
CA LEU D 257 -10.25 -10.15 31.93
C LEU D 257 -9.71 -9.17 32.97
N LEU D 258 -9.02 -9.68 33.99
CA LEU D 258 -8.25 -8.84 34.89
C LEU D 258 -6.78 -9.19 34.71
N ALA D 259 -5.98 -8.20 34.25
CA ALA D 259 -4.55 -8.34 34.11
C ALA D 259 -3.84 -7.34 35.03
N GLN D 260 -2.87 -7.81 35.82
CA GLN D 260 -2.16 -6.95 36.75
C GLN D 260 -0.67 -7.28 36.74
N LEU D 261 0.16 -6.25 36.99
CA LEU D 261 1.62 -6.40 37.01
C LEU D 261 2.10 -7.13 35.75
N THR D 262 1.50 -6.82 34.60
CA THR D 262 1.77 -7.54 33.38
C THR D 262 2.36 -6.57 32.35
N GLU D 263 3.41 -6.99 31.65
CA GLU D 263 4.02 -6.15 30.62
C GLU D 263 3.60 -6.65 29.23
N ASN D 264 3.01 -5.76 28.41
CA ASN D 264 2.62 -6.03 27.03
C ASN D 264 1.44 -6.99 26.96
N ILE D 265 0.31 -6.50 26.44
CA ILE D 265 -0.90 -7.28 26.32
C ILE D 265 -1.53 -6.95 24.96
N TYR D 266 -1.84 -8.00 24.20
CA TYR D 266 -2.31 -7.84 22.84
C TYR D 266 -3.63 -8.57 22.69
N MET D 267 -4.67 -7.85 22.24
CA MET D 267 -6.01 -8.39 22.17
C MET D 267 -6.67 -7.98 20.85
N ASP D 268 -6.92 -8.97 19.98
CA ASP D 268 -7.67 -8.76 18.76
C ASP D 268 -8.84 -9.73 18.76
N GLY D 269 -10.06 -9.20 18.72
CA GLY D 269 -11.26 -10.02 18.67
C GLY D 269 -11.76 -10.42 20.06
N PHE D 270 -11.16 -9.85 21.12
CA PHE D 270 -11.62 -10.10 22.47
C PHE D 270 -13.06 -9.63 22.56
N GLY D 271 -13.93 -10.47 23.11
CA GLY D 271 -15.30 -10.07 23.39
C GLY D 271 -15.67 -10.38 24.83
N VAL D 272 -16.48 -9.51 25.44
CA VAL D 272 -17.29 -9.89 26.57
C VAL D 272 -18.71 -9.56 26.17
N CYS D 273 -19.45 -10.56 25.73
CA CYS D 273 -20.62 -10.28 24.90
C CYS D 273 -21.57 -11.47 24.90
N LEU D 274 -22.73 -11.25 24.26
CA LEU D 274 -23.74 -12.26 24.05
C LEU D 274 -23.35 -13.10 22.85
N ARG D 275 -24.04 -14.24 22.69
CA ARG D 275 -23.77 -15.17 21.59
C ARG D 275 -24.49 -14.77 20.31
N GLY D 276 -24.99 -13.54 20.23
CA GLY D 276 -25.61 -13.05 19.01
C GLY D 276 -27.03 -12.55 19.26
N LYS D 277 -27.76 -12.32 18.17
CA LYS D 277 -29.09 -11.75 18.21
C LYS D 277 -30.07 -12.69 18.90
N ASN D 278 -29.71 -13.98 18.99
CA ASN D 278 -30.63 -14.99 19.49
C ASN D 278 -30.30 -15.39 20.92
N ASP D 279 -29.28 -14.77 21.54
CA ASP D 279 -28.95 -15.13 22.91
C ASP D 279 -30.14 -14.74 23.79
N PRO D 280 -30.71 -15.69 24.57
CA PRO D 280 -31.81 -15.35 25.48
C PRO D 280 -31.39 -14.41 26.61
N ARG D 281 -30.08 -14.38 26.91
CA ARG D 281 -29.56 -13.57 28.00
C ARG D 281 -29.45 -12.11 27.57
N TYR D 282 -29.53 -11.22 28.56
CA TYR D 282 -29.38 -9.78 28.35
C TYR D 282 -28.08 -9.26 28.99
N PHE D 283 -27.43 -10.12 29.79
CA PHE D 283 -26.34 -9.72 30.65
C PHE D 283 -25.08 -10.54 30.32
N THR D 284 -23.91 -9.99 30.67
CA THR D 284 -22.66 -10.74 30.59
C THR D 284 -21.99 -10.72 31.97
N THR D 285 -20.82 -10.08 32.08
CA THR D 285 -20.00 -10.23 33.27
C THR D 285 -20.62 -9.47 34.44
N GLN D 286 -20.36 -10.01 35.63
CA GLN D 286 -20.80 -9.44 36.89
C GLN D 286 -20.01 -8.17 37.23
N ALA D 287 -18.87 -7.96 36.58
CA ALA D 287 -18.11 -6.73 36.72
C ALA D 287 -17.58 -6.25 35.37
N ASP D 288 -16.46 -5.52 35.37
CA ASP D 288 -15.85 -4.95 34.16
C ASP D 288 -15.54 -6.05 33.16
N ALA D 289 -15.58 -5.71 31.87
CA ALA D 289 -15.21 -6.66 30.82
C ALA D 289 -13.71 -6.92 30.85
N THR D 290 -12.91 -5.86 30.68
CA THR D 290 -11.46 -5.93 30.70
C THR D 290 -10.94 -4.89 31.68
N HIS D 291 -9.86 -5.23 32.39
CA HIS D 291 -9.35 -4.39 33.47
C HIS D 291 -7.85 -4.61 33.61
N PHE D 292 -7.10 -3.50 33.74
CA PHE D 292 -5.64 -3.52 33.70
C PHE D 292 -5.07 -2.70 34.85
N SER D 293 -4.72 -3.40 35.94
CA SER D 293 -4.27 -2.78 37.16
C SER D 293 -2.75 -2.87 37.24
N GLY D 294 -2.07 -1.74 37.03
CA GLY D 294 -0.63 -1.67 37.29
C GLY D 294 0.17 -2.46 36.26
N CYS D 295 -0.23 -2.32 35.00
CA CYS D 295 0.45 -2.95 33.88
C CYS D 295 1.45 -1.97 33.29
N LYS D 296 2.20 -2.43 32.28
CA LYS D 296 3.15 -1.57 31.60
C LYS D 296 3.40 -2.10 30.20
N GLY D 297 4.37 -1.51 29.52
CA GLY D 297 4.57 -1.84 28.12
C GLY D 297 3.40 -1.32 27.31
N GLU D 298 3.05 -2.07 26.26
CA GLU D 298 2.04 -1.64 25.31
C GLU D 298 0.79 -2.52 25.49
N ILE D 299 -0.37 -1.89 25.51
CA ILE D 299 -1.65 -2.58 25.52
C ILE D 299 -2.39 -2.25 24.23
N VAL D 300 -2.62 -3.28 23.41
CA VAL D 300 -3.49 -3.17 22.26
C VAL D 300 -4.79 -3.91 22.57
N SER D 301 -5.93 -3.20 22.47
CA SER D 301 -7.25 -3.80 22.59
C SER D 301 -8.10 -3.36 21.40
N LYS D 302 -8.21 -4.21 20.37
CA LYS D 302 -8.87 -3.81 19.13
C LYS D 302 -9.89 -4.84 18.65
N ASN D 303 -10.82 -4.33 17.84
CA ASN D 303 -11.85 -5.11 17.17
C ASN D 303 -12.56 -6.04 18.17
N GLY D 304 -13.01 -5.46 19.29
CA GLY D 304 -13.69 -6.22 20.32
C GLY D 304 -15.17 -5.86 20.37
N LEU D 305 -15.96 -6.76 20.98
CA LEU D 305 -17.37 -6.48 21.25
C LEU D 305 -17.62 -6.67 22.74
N TYR D 306 -18.07 -5.59 23.40
CA TYR D 306 -18.43 -5.63 24.82
C TYR D 306 -19.87 -5.20 24.99
N GLU D 307 -20.71 -6.07 25.52
CA GLU D 307 -22.12 -5.73 25.68
C GLU D 307 -22.69 -6.34 26.96
N GLY D 308 -23.57 -5.57 27.61
CA GLY D 308 -24.40 -6.08 28.68
C GLY D 308 -23.63 -6.35 29.97
N MET D 309 -22.42 -5.81 30.11
CA MET D 309 -21.66 -6.06 31.32
C MET D 309 -22.28 -5.26 32.46
N MET D 310 -22.06 -5.75 33.68
CA MET D 310 -22.43 -5.04 34.90
C MET D 310 -21.38 -4.00 35.28
N ASP D 311 -20.61 -3.51 34.30
CA ASP D 311 -19.66 -2.43 34.57
C ASP D 311 -19.06 -1.92 33.26
N ASP D 312 -17.85 -1.36 33.32
CA ASP D 312 -17.22 -0.74 32.17
C ASP D 312 -16.63 -1.81 31.26
N ALA D 313 -16.35 -1.41 30.02
CA ALA D 313 -15.73 -2.29 29.05
C ALA D 313 -14.24 -2.42 29.34
N ILE D 314 -13.56 -1.29 29.52
CA ILE D 314 -12.15 -1.29 29.87
C ILE D 314 -11.92 -0.31 31.01
N ASN D 315 -10.97 -0.65 31.88
CA ASN D 315 -10.51 0.25 32.92
C ASN D 315 -9.00 0.06 33.09
N ILE D 316 -8.22 1.13 32.84
CA ILE D 316 -6.77 1.07 32.82
C ILE D 316 -6.22 2.04 33.87
N HIS D 317 -5.62 1.52 34.95
CA HIS D 317 -5.31 2.36 36.08
C HIS D 317 -4.23 1.71 36.95
N GLY D 318 -3.63 2.52 37.84
CA GLY D 318 -2.71 2.03 38.86
C GLY D 318 -3.31 2.18 40.25
N THR D 319 -2.49 2.01 41.28
CA THR D 319 -2.91 2.10 42.67
C THR D 319 -2.02 3.09 43.42
N TYR D 320 -2.62 4.15 43.96
CA TYR D 320 -1.96 5.05 44.91
C TYR D 320 -1.89 4.35 46.27
N LEU D 321 -0.67 4.11 46.78
CA LEU D 321 -0.52 3.78 48.18
C LEU D 321 -0.72 5.06 48.98
N LYS D 322 -1.11 4.93 50.25
CA LYS D 322 -1.11 6.06 51.16
C LYS D 322 0.04 5.89 52.16
N ILE D 323 0.81 6.97 52.34
CA ILE D 323 1.90 6.98 53.31
C ILE D 323 1.30 7.09 54.70
N THR D 324 1.64 6.15 55.59
CA THR D 324 1.08 6.14 56.94
C THR D 324 2.13 6.57 57.96
N LYS D 325 3.41 6.51 57.59
CA LYS D 325 4.48 6.83 58.52
C LYS D 325 5.72 7.18 57.71
N LYS D 326 6.51 8.13 58.24
CA LYS D 326 7.82 8.47 57.68
C LYS D 326 8.87 8.15 58.74
N LEU D 327 9.74 7.17 58.42
CA LEU D 327 10.70 6.66 59.38
C LEU D 327 11.95 7.53 59.42
N ASP D 328 12.34 8.07 58.25
CA ASP D 328 13.51 8.93 58.12
C ASP D 328 13.41 9.70 56.80
N ASP D 329 14.54 10.29 56.37
CA ASP D 329 14.57 11.17 55.21
C ASP D 329 14.34 10.39 53.92
N HIS D 330 14.62 9.08 53.94
CA HIS D 330 14.61 8.24 52.74
C HIS D 330 13.53 7.16 52.81
N THR D 331 13.00 6.86 54.01
CA THR D 331 12.18 5.67 54.20
C THR D 331 10.78 6.04 54.69
N VAL D 332 9.77 5.46 54.06
CA VAL D 332 8.39 5.62 54.51
C VAL D 332 7.74 4.25 54.60
N ILE D 333 6.63 4.18 55.36
CA ILE D 333 5.72 3.05 55.31
C ILE D 333 4.46 3.50 54.59
N ALA D 334 4.01 2.69 53.62
CA ALA D 334 2.87 3.00 52.78
C ALA D 334 1.94 1.80 52.68
N ASN D 335 0.64 2.08 52.52
CA ASN D 335 -0.40 1.09 52.73
C ASN D 335 -1.36 1.07 51.53
N TYR D 336 -1.86 -0.14 51.23
CA TYR D 336 -3.03 -0.34 50.37
C TYR D 336 -4.26 0.02 51.20
N MET D 337 -5.20 0.77 50.62
CA MET D 337 -6.24 1.41 51.42
C MET D 337 -7.64 0.86 51.10
N HIS D 338 -7.85 0.36 49.88
CA HIS D 338 -9.16 -0.12 49.45
C HIS D 338 -9.28 -1.60 49.81
N GLU D 339 -10.52 -2.08 49.98
CA GLU D 339 -10.72 -3.45 50.41
C GLU D 339 -10.53 -4.43 49.26
N GLN D 340 -10.63 -3.95 48.02
CA GLN D 340 -10.68 -4.80 46.85
C GLN D 340 -9.34 -4.82 46.11
N SER D 341 -8.39 -3.97 46.48
CA SER D 341 -7.07 -4.02 45.86
C SER D 341 -6.00 -4.06 46.94
N TYR D 342 -5.61 -5.28 47.34
CA TYR D 342 -4.47 -5.49 48.22
C TYR D 342 -3.93 -6.89 47.95
N GLY D 343 -2.73 -7.18 48.49
CA GLY D 343 -2.24 -8.55 48.60
C GLY D 343 -1.21 -8.93 47.54
N PHE D 344 -0.95 -8.01 46.60
CA PHE D 344 0.00 -8.19 45.53
C PHE D 344 1.02 -7.06 45.52
N ASP D 345 2.16 -7.29 44.87
CA ASP D 345 3.26 -6.34 44.84
C ASP D 345 2.84 -5.05 44.16
N TRP D 346 3.59 -3.98 44.47
CA TRP D 346 3.26 -2.64 44.00
C TRP D 346 4.40 -2.05 43.17
N GLY D 347 5.65 -2.44 43.49
CA GLY D 347 6.79 -1.93 42.75
C GLY D 347 8.05 -2.76 42.97
N ASN D 348 9.09 -2.42 42.21
CA ASN D 348 10.41 -3.03 42.32
C ASN D 348 11.48 -1.95 42.36
N ILE D 349 12.71 -2.37 42.66
CA ILE D 349 13.85 -1.47 42.70
C ILE D 349 13.97 -0.79 41.34
N ARG D 350 14.23 0.52 41.36
CA ARG D 350 14.48 1.33 40.18
C ARG D 350 13.19 1.89 39.59
N ASP D 351 12.04 1.59 40.21
CA ASP D 351 10.79 2.16 39.74
C ASP D 351 10.81 3.67 40.00
N THR D 352 10.32 4.45 39.04
CA THR D 352 10.07 5.88 39.22
C THR D 352 8.77 6.06 40.01
N VAL D 353 8.80 6.90 41.05
CA VAL D 353 7.61 7.23 41.83
C VAL D 353 7.44 8.74 41.85
N GLN D 354 6.19 9.20 42.04
CA GLN D 354 5.92 10.60 42.37
C GLN D 354 4.92 10.61 43.52
N PHE D 355 4.87 11.74 44.24
CA PHE D 355 4.02 11.86 45.42
C PHE D 355 2.89 12.85 45.14
N ILE D 356 1.75 12.61 45.81
CA ILE D 356 0.56 13.41 45.61
C ILE D 356 0.02 13.91 46.96
N GLN D 357 -0.38 15.19 46.97
CA GLN D 357 -1.11 15.79 48.08
C GLN D 357 -2.59 15.41 47.94
N SER D 358 -2.99 14.37 48.67
CA SER D 358 -4.27 13.72 48.47
C SER D 358 -5.43 14.73 48.49
N LYS D 359 -5.35 15.74 49.36
CA LYS D 359 -6.51 16.57 49.63
C LYS D 359 -6.83 17.50 48.46
N THR D 360 -5.80 18.06 47.80
CA THR D 360 -6.01 18.93 46.65
C THR D 360 -5.62 18.25 45.33
N MET D 361 -5.21 16.98 45.40
CA MET D 361 -4.78 16.20 44.24
C MET D 361 -3.72 16.97 43.45
N GLU D 362 -2.65 17.33 44.17
CA GLU D 362 -1.54 18.05 43.59
C GLU D 362 -0.30 17.17 43.69
N LEU D 363 0.41 17.09 42.57
CA LEU D 363 1.67 16.38 42.50
C LEU D 363 2.80 17.27 43.00
N TRP D 364 3.74 16.67 43.72
CA TRP D 364 5.06 17.24 43.86
C TRP D 364 5.87 16.89 42.61
N ASP D 365 6.58 17.92 42.10
CA ASP D 365 7.43 17.80 40.91
C ASP D 365 8.62 16.90 41.23
N ALA D 366 9.03 16.89 42.51
CA ALA D 366 10.10 16.06 43.01
C ALA D 366 9.74 14.58 42.88
N LYS D 367 10.33 13.92 41.88
CA LYS D 367 10.16 12.49 41.68
C LYS D 367 11.25 11.76 42.45
N ASN D 368 11.05 10.44 42.59
CA ASN D 368 12.02 9.65 43.33
C ASN D 368 12.16 8.29 42.65
N THR D 369 12.88 7.38 43.32
CA THR D 369 13.23 6.10 42.77
C THR D 369 13.28 5.11 43.93
N ILE D 370 12.69 3.92 43.74
CA ILE D 370 12.65 2.95 44.81
C ILE D 370 14.02 2.27 44.89
N ALA D 371 14.66 2.39 46.06
CA ALA D 371 15.95 1.78 46.32
C ALA D 371 15.75 0.40 46.95
N SER D 372 14.71 0.31 47.79
CA SER D 372 14.35 -0.92 48.47
C SER D 372 12.83 -0.93 48.64
N ILE D 373 12.23 -2.12 48.64
CA ILE D 373 10.82 -2.24 48.95
C ILE D 373 10.54 -3.66 49.45
N LYS D 374 9.96 -3.74 50.65
CA LYS D 374 9.70 -5.01 51.31
C LYS D 374 8.32 -4.94 51.97
N PRO D 375 7.40 -5.89 51.71
CA PRO D 375 6.14 -5.92 52.46
C PRO D 375 6.41 -6.20 53.93
N ILE D 376 5.57 -5.61 54.82
CA ILE D 376 5.69 -5.81 56.25
C ILE D 376 4.66 -6.85 56.66
N LEU D 377 5.14 -7.89 57.37
CA LEU D 377 4.31 -9.02 57.76
C LEU D 377 4.64 -9.43 59.19
N ARG D 378 3.66 -9.32 60.09
CA ARG D 378 3.82 -9.75 61.47
C ARG D 378 3.88 -11.27 61.54
N ASN D 379 2.94 -11.93 60.84
CA ASN D 379 2.95 -13.37 60.65
C ASN D 379 3.18 -13.69 59.18
N SER D 380 3.81 -14.85 58.94
CA SER D 380 4.18 -15.31 57.61
C SER D 380 2.96 -15.39 56.68
N THR D 381 1.84 -15.85 57.22
CA THR D 381 0.64 -16.11 56.42
C THR D 381 -0.09 -14.82 56.07
N ASP D 382 0.16 -13.72 56.79
CA ASP D 382 -0.51 -12.45 56.53
C ASP D 382 -0.39 -12.07 55.06
N PRO D 383 -1.36 -11.29 54.51
CA PRO D 383 -1.29 -10.82 53.13
C PRO D 383 -0.62 -9.45 53.02
N ILE D 384 -0.20 -9.06 51.81
CA ILE D 384 0.48 -7.79 51.60
C ILE D 384 -0.52 -6.65 51.69
N LYS D 385 -0.50 -5.90 52.79
CA LYS D 385 -1.32 -4.72 52.98
C LYS D 385 -0.44 -3.46 53.11
N GLU D 386 0.85 -3.65 53.46
CA GLU D 386 1.70 -2.59 53.98
C GLU D 386 3.15 -2.81 53.54
N PHE D 387 3.76 -1.79 52.92
CA PHE D 387 5.14 -1.87 52.46
C PHE D 387 6.05 -0.93 53.26
N ARG D 388 7.36 -1.21 53.21
CA ARG D 388 8.40 -0.30 53.65
C ARG D 388 9.27 0.06 52.44
N ILE D 389 9.10 1.29 51.93
CA ILE D 389 9.72 1.74 50.70
C ILE D 389 10.89 2.67 51.03
N GLU D 390 12.05 2.44 50.40
CA GLU D 390 13.22 3.30 50.54
C GLU D 390 13.51 3.98 49.20
N PHE D 391 13.70 5.30 49.22
CA PHE D 391 13.95 6.04 48.00
C PHE D 391 15.45 6.38 47.92
N THR D 392 15.95 6.54 46.68
CA THR D 392 17.36 6.86 46.49
C THR D 392 17.61 8.29 46.95
N LYS D 393 16.77 9.24 46.51
CA LYS D 393 16.87 10.64 46.91
C LYS D 393 16.14 10.86 48.24
N ALA D 394 16.61 11.83 49.03
CA ALA D 394 15.94 12.18 50.27
C ALA D 394 14.69 13.00 49.98
N LEU D 395 13.71 12.91 50.88
CA LEU D 395 12.40 13.53 50.74
C LEU D 395 12.41 14.91 51.38
N ASP D 396 11.83 15.89 50.68
CA ASP D 396 11.68 17.24 51.22
C ASP D 396 10.71 17.16 52.41
N PRO D 397 11.07 17.67 53.62
CA PRO D 397 10.23 17.50 54.81
C PRO D 397 8.74 17.84 54.68
N VAL D 398 8.35 18.40 53.53
CA VAL D 398 6.97 18.74 53.22
C VAL D 398 6.18 17.46 52.99
N ILE D 399 6.91 16.38 52.68
CA ILE D 399 6.32 15.06 52.51
C ILE D 399 6.41 14.32 53.84
N ASP D 400 5.46 14.64 54.71
CA ASP D 400 5.33 14.02 56.01
C ASP D 400 3.86 13.71 56.24
N PRO D 401 3.50 12.44 56.54
CA PRO D 401 2.11 12.03 56.68
C PRO D 401 1.37 12.68 57.85
N SER D 402 2.14 13.19 58.83
CA SER D 402 1.55 13.85 59.99
C SER D 402 1.22 15.31 59.68
N LYS D 403 1.61 15.81 58.49
CA LYS D 403 1.19 17.15 58.07
C LYS D 403 -0.09 17.07 57.26
N GLN D 404 -0.12 16.20 56.24
CA GLN D 404 -1.30 16.02 55.42
C GLN D 404 -1.36 14.60 54.87
N ASP D 405 -2.41 14.32 54.10
CA ASP D 405 -2.60 13.01 53.50
C ASP D 405 -1.82 12.95 52.19
N ILE D 406 -0.90 11.97 52.08
CA ILE D 406 0.04 11.89 50.97
C ILE D 406 -0.05 10.52 50.32
N GLY D 407 -0.09 10.50 48.99
CA GLY D 407 -0.16 9.27 48.21
C GLY D 407 1.04 9.12 47.28
N ILE D 408 1.26 7.88 46.79
CA ILE D 408 2.37 7.54 45.93
C ILE D 408 1.84 6.84 44.67
N GLU D 409 2.16 7.39 43.49
CA GLU D 409 1.87 6.76 42.21
C GLU D 409 3.17 6.12 41.70
N ASN D 410 3.07 4.90 41.16
CA ASN D 410 4.22 4.24 40.56
C ASN D 410 4.20 4.48 39.05
N LEU D 411 5.03 5.43 38.60
CA LEU D 411 5.04 5.88 37.22
C LEU D 411 5.68 4.84 36.28
N SER D 412 6.32 3.80 36.84
CA SER D 412 6.96 2.79 36.01
C SER D 412 5.94 1.77 35.54
N TRP D 413 5.07 1.31 36.45
CA TRP D 413 3.97 0.43 36.09
C TRP D 413 2.83 1.25 35.50
N THR D 414 3.02 1.77 34.29
CA THR D 414 1.98 2.50 33.57
C THR D 414 2.05 2.09 32.11
N PRO D 415 0.98 1.52 31.52
CA PRO D 415 1.02 1.08 30.13
C PRO D 415 0.60 2.15 29.13
N SER D 416 1.14 2.07 27.92
CA SER D 416 0.63 2.82 26.79
C SER D 416 -0.54 2.03 26.19
N VAL D 417 -1.45 2.73 25.48
CA VAL D 417 -2.73 2.14 25.17
C VAL D 417 -3.12 2.45 23.73
N VAL D 418 -3.62 1.42 23.06
CA VAL D 418 -4.32 1.55 21.80
C VAL D 418 -5.64 0.82 21.97
N PHE D 419 -6.74 1.57 21.92
CA PHE D 419 -8.08 1.02 22.08
C PHE D 419 -8.88 1.44 20.85
N THR D 420 -8.84 0.60 19.80
CA THR D 420 -9.39 0.99 18.51
C THR D 420 -10.37 -0.07 17.99
N GLY D 421 -11.41 0.42 17.31
CA GLY D 421 -12.31 -0.40 16.53
C GLY D 421 -13.18 -1.33 17.37
N ASN D 422 -13.41 -0.98 18.65
CA ASN D 422 -14.24 -1.79 19.51
C ASN D 422 -15.69 -1.30 19.43
N THR D 423 -16.62 -2.13 19.92
CA THR D 423 -18.00 -1.74 20.12
C THR D 423 -18.35 -1.96 21.59
N ILE D 424 -18.79 -0.89 22.26
CA ILE D 424 -19.33 -1.01 23.60
C ILE D 424 -20.80 -0.59 23.61
N ARG D 425 -21.63 -1.38 24.28
CA ARG D 425 -23.05 -1.07 24.30
C ARG D 425 -23.77 -1.76 25.45
N ASN D 426 -24.89 -1.13 25.84
CA ASN D 426 -25.89 -1.71 26.73
C ASN D 426 -25.22 -2.25 27.98
N ASN D 427 -24.44 -1.41 28.67
CA ASN D 427 -23.71 -1.84 29.86
C ASN D 427 -23.89 -0.85 30.99
N ARG D 428 -23.75 -1.35 32.23
CA ARG D 428 -23.87 -0.54 33.41
C ARG D 428 -22.64 0.35 33.55
N ALA D 429 -22.83 1.49 34.24
CA ALA D 429 -21.76 2.41 34.57
C ALA D 429 -21.22 3.02 33.27
N ARG D 430 -19.94 3.41 33.29
CA ARG D 430 -19.32 4.09 32.16
C ARG D 430 -18.93 3.10 31.06
N GLY D 431 -18.51 3.64 29.92
CA GLY D 431 -18.04 2.82 28.81
C GLY D 431 -16.60 2.38 29.02
N ALA D 432 -15.71 3.37 29.22
CA ALA D 432 -14.28 3.15 29.24
C ALA D 432 -13.60 4.11 30.20
N LEU D 433 -12.69 3.59 31.03
CA LEU D 433 -11.90 4.39 31.97
C LEU D 433 -10.44 4.34 31.56
N PHE D 434 -9.81 5.51 31.43
CA PHE D 434 -8.38 5.61 31.12
C PHE D 434 -7.69 6.50 32.15
N SER D 435 -6.60 5.99 32.71
CA SER D 435 -5.89 6.66 33.79
C SER D 435 -4.39 6.40 33.64
N THR D 436 -3.82 6.76 32.50
CA THR D 436 -2.41 6.46 32.31
C THR D 436 -1.71 7.68 31.74
N PRO D 437 -0.55 8.07 32.36
CA PRO D 437 0.25 9.18 31.85
C PRO D 437 0.85 8.89 30.47
N LYS D 438 0.93 7.59 30.12
CA LYS D 438 1.57 7.16 28.88
C LYS D 438 0.67 7.50 27.70
N PRO D 439 1.20 7.49 26.46
CA PRO D 439 0.41 7.85 25.29
C PRO D 439 -0.75 6.86 25.11
N THR D 440 -1.93 7.40 24.76
CA THR D 440 -3.16 6.63 24.69
C THR D 440 -3.90 7.02 23.40
N LEU D 441 -4.31 6.02 22.62
CA LEU D 441 -5.16 6.26 21.48
C LEU D 441 -6.48 5.53 21.67
N VAL D 442 -7.59 6.27 21.53
CA VAL D 442 -8.95 5.78 21.66
C VAL D 442 -9.67 6.18 20.37
N ALA D 443 -9.78 5.25 19.41
CA ALA D 443 -10.19 5.63 18.07
C ALA D 443 -11.12 4.60 17.42
N ASN D 444 -11.94 5.08 16.48
CA ASN D 444 -12.90 4.28 15.73
C ASN D 444 -13.63 3.28 16.62
N ASN D 445 -14.06 3.72 17.81
CA ASN D 445 -14.90 2.90 18.66
C ASN D 445 -16.36 3.34 18.51
N LEU D 446 -17.28 2.41 18.78
CA LEU D 446 -18.71 2.70 18.81
C LEU D 446 -19.22 2.50 20.23
N PHE D 447 -19.71 3.59 20.81
CA PHE D 447 -20.34 3.59 22.12
C PHE D 447 -21.86 3.68 21.93
N ASP D 448 -22.49 2.52 21.68
CA ASP D 448 -23.91 2.45 21.34
C ASP D 448 -24.69 2.19 22.62
N HIS D 449 -25.34 3.24 23.15
CA HIS D 449 -26.20 3.12 24.32
C HIS D 449 -25.47 2.48 25.49
N THR D 450 -24.36 3.10 25.91
CA THR D 450 -23.83 2.91 27.25
C THR D 450 -24.82 3.53 28.23
N SER D 451 -24.95 2.95 29.43
CA SER D 451 -25.94 3.45 30.36
C SER D 451 -25.48 4.80 30.90
N GLY D 452 -24.20 4.82 31.34
CA GLY D 452 -23.57 6.02 31.88
C GLY D 452 -22.86 6.83 30.81
N CYS D 453 -21.70 7.39 31.18
CA CYS D 453 -20.93 8.19 30.25
C CYS D 453 -20.02 7.27 29.42
N ALA D 454 -19.66 7.75 28.22
CA ALA D 454 -18.90 6.96 27.29
C ALA D 454 -17.47 6.75 27.81
N ILE D 455 -16.81 7.86 28.22
CA ILE D 455 -15.42 7.82 28.61
C ILE D 455 -15.25 8.58 29.93
N LEU D 456 -14.41 8.03 30.82
CA LEU D 456 -14.11 8.67 32.08
C LEU D 456 -12.60 8.65 32.35
N LEU D 457 -12.00 9.85 32.44
CA LEU D 457 -10.64 10.02 32.95
C LEU D 457 -10.76 10.53 34.38
N CYS D 458 -10.43 9.68 35.36
CA CYS D 458 -10.69 9.97 36.76
C CYS D 458 -9.37 10.22 37.48
N GLY D 459 -9.02 9.36 38.45
CA GLY D 459 -7.93 9.64 39.37
C GLY D 459 -8.47 10.04 40.74
N ASP D 460 -8.08 9.28 41.78
CA ASP D 460 -8.69 9.38 43.09
C ASP D 460 -7.73 8.76 44.11
N SER D 461 -7.27 9.56 45.08
CA SER D 461 -6.40 9.10 46.16
C SER D 461 -7.08 9.27 47.52
N ASN D 462 -8.39 9.00 47.56
CA ASN D 462 -9.16 9.16 48.79
C ASN D 462 -10.19 8.02 48.92
N GLY D 463 -10.87 7.71 47.81
CA GLY D 463 -11.89 6.67 47.80
C GLY D 463 -11.38 5.37 47.19
N TRP D 464 -11.26 5.38 45.85
CA TRP D 464 -10.91 4.21 45.06
C TRP D 464 -9.40 3.93 45.08
N TYR D 465 -8.59 4.97 45.33
CA TYR D 465 -7.14 4.87 45.37
C TYR D 465 -6.61 4.33 44.04
N GLU D 466 -7.17 4.84 42.93
CA GLU D 466 -6.79 4.44 41.58
C GLU D 466 -6.08 5.59 40.88
N THR D 467 -4.85 5.34 40.41
CA THR D 467 -4.01 6.38 39.85
C THR D 467 -4.46 6.68 38.42
N GLY D 468 -4.08 7.87 37.96
CA GLY D 468 -4.17 8.20 36.55
C GLY D 468 -4.27 9.70 36.31
N SER D 469 -3.22 10.45 36.67
CA SER D 469 -3.00 11.72 36.02
C SER D 469 -2.64 11.41 34.56
N CYS D 470 -3.47 11.87 33.63
CA CYS D 470 -3.27 11.68 32.19
C CYS D 470 -2.40 12.80 31.61
N ARG D 471 -1.57 12.46 30.62
CA ARG D 471 -0.62 13.42 30.09
C ARG D 471 -0.68 13.49 28.56
N ASP D 472 -1.28 12.48 27.94
CA ASP D 472 -1.17 12.31 26.50
C ASP D 472 -2.22 11.28 26.07
N ILE D 473 -3.27 11.78 25.43
CA ILE D 473 -4.42 10.94 25.11
C ILE D 473 -5.21 11.59 23.98
N THR D 474 -5.46 10.82 22.92
CA THR D 474 -6.24 11.26 21.79
C THR D 474 -7.50 10.39 21.70
N ILE D 475 -8.67 11.04 21.77
CA ILE D 475 -9.96 10.42 21.58
C ILE D 475 -10.49 10.90 20.25
N ARG D 476 -10.32 10.08 19.19
CA ARG D 476 -10.61 10.53 17.85
C ARG D 476 -11.44 9.51 17.07
N ASP D 477 -12.21 10.03 16.11
CA ASP D 477 -12.97 9.25 15.13
C ASP D 477 -13.84 8.20 15.83
N ASN D 478 -14.41 8.53 16.98
CA ASN D 478 -15.32 7.65 17.66
C ASN D 478 -16.76 8.07 17.39
N LYS D 479 -17.70 7.20 17.76
CA LYS D 479 -19.10 7.50 17.61
C LYS D 479 -19.78 7.22 18.95
N PHE D 480 -20.50 8.22 19.45
CA PHE D 480 -21.16 8.14 20.73
C PHE D 480 -22.66 8.32 20.51
N VAL D 481 -23.42 7.23 20.70
CA VAL D 481 -24.86 7.27 20.48
C VAL D 481 -25.57 7.18 21.84
N ASN D 482 -26.45 8.15 22.08
CA ASN D 482 -27.31 8.23 23.26
C ASN D 482 -26.66 7.60 24.48
N ALA D 483 -25.48 8.14 24.84
CA ALA D 483 -24.85 7.86 26.12
C ALA D 483 -25.54 8.68 27.21
N LEU D 484 -25.41 8.18 28.45
CA LEU D 484 -25.93 8.81 29.65
C LEU D 484 -27.46 8.81 29.66
N THR D 485 -28.06 7.63 29.65
CA THR D 485 -29.49 7.50 29.95
C THR D 485 -29.69 7.22 31.43
N SER D 486 -28.60 7.01 32.18
CA SER D 486 -28.69 6.68 33.58
C SER D 486 -27.47 7.25 34.31
N MET D 487 -27.67 7.72 35.55
CA MET D 487 -26.61 8.30 36.34
C MET D 487 -25.87 7.21 37.12
N TYR D 488 -24.54 7.35 37.17
CA TYR D 488 -23.64 6.59 38.03
C TYR D 488 -22.54 7.55 38.48
N GLN D 489 -21.72 7.13 39.43
CA GLN D 489 -20.63 7.98 39.91
C GLN D 489 -19.92 8.58 38.70
N PHE D 490 -19.80 9.91 38.68
CA PHE D 490 -18.93 10.64 37.77
C PHE D 490 -19.55 10.88 36.39
N THR D 491 -20.82 10.49 36.17
CA THR D 491 -21.38 10.58 34.84
C THR D 491 -22.00 11.97 34.61
N SER D 492 -21.13 12.95 34.30
CA SER D 492 -21.54 14.34 34.21
C SER D 492 -21.75 14.79 32.76
N ALA D 493 -21.10 14.10 31.80
CA ALA D 493 -21.30 14.32 30.38
C ALA D 493 -20.83 13.09 29.61
N ILE D 494 -21.10 13.06 28.31
CA ILE D 494 -20.76 11.91 27.49
C ILE D 494 -19.28 11.57 27.71
N ILE D 495 -18.41 12.58 27.54
CA ILE D 495 -17.02 12.47 27.97
C ILE D 495 -16.86 13.25 29.28
N SER D 496 -16.53 12.54 30.36
CA SER D 496 -16.36 13.16 31.66
C SER D 496 -14.89 13.08 32.08
N ILE D 497 -14.26 14.24 32.31
CA ILE D 497 -12.92 14.27 32.85
C ILE D 497 -13.05 14.73 34.31
N TYR D 498 -13.20 13.75 35.21
CA TYR D 498 -13.66 13.98 36.57
C TYR D 498 -12.72 13.28 37.55
N PRO D 499 -11.59 13.92 37.91
CA PRO D 499 -10.80 13.46 39.06
C PRO D 499 -11.50 13.73 40.39
N GLU D 500 -11.31 12.82 41.35
CA GLU D 500 -11.82 12.98 42.69
C GLU D 500 -10.92 13.91 43.50
N ILE D 501 -11.40 15.15 43.65
CA ILE D 501 -10.69 16.23 44.32
C ILE D 501 -11.55 16.72 45.48
N PRO D 502 -11.22 16.36 46.75
CA PRO D 502 -11.89 16.92 47.93
C PRO D 502 -11.94 18.44 47.98
N ASP D 503 -10.78 19.08 47.83
CA ASP D 503 -10.64 20.52 47.97
C ASP D 503 -10.18 21.13 46.65
N LEU D 504 -11.13 21.53 45.79
CA LEU D 504 -10.82 22.06 44.49
C LEU D 504 -10.50 23.56 44.57
N THR D 505 -11.12 24.30 45.49
CA THR D 505 -10.96 25.75 45.53
C THR D 505 -9.48 26.10 45.75
N ASN D 506 -8.77 25.30 46.55
CA ASN D 506 -7.39 25.57 46.94
C ASN D 506 -6.35 24.95 45.99
N GLN D 507 -6.81 24.26 44.95
CA GLN D 507 -5.88 23.60 44.03
C GLN D 507 -5.23 24.66 43.13
N LYS D 508 -3.89 24.56 43.01
CA LYS D 508 -3.09 25.45 42.17
C LYS D 508 -2.63 24.72 40.91
N LYS D 509 -2.35 23.42 41.04
CA LYS D 509 -1.79 22.61 39.96
C LYS D 509 -2.89 21.80 39.28
N TYR D 510 -2.80 21.70 37.94
CA TYR D 510 -3.77 20.97 37.16
C TYR D 510 -3.39 19.50 37.14
N PHE D 511 -4.39 18.62 37.30
CA PHE D 511 -4.15 17.19 37.51
C PHE D 511 -3.91 16.44 36.20
N HIS D 512 -4.74 16.73 35.19
CA HIS D 512 -4.64 16.14 33.87
C HIS D 512 -4.11 17.15 32.88
N SER D 513 -3.44 16.65 31.83
CA SER D 513 -2.92 17.51 30.78
C SER D 513 -2.84 16.72 29.47
N GLY D 514 -2.82 17.46 28.37
CA GLY D 514 -2.56 16.91 27.05
C GLY D 514 -3.71 16.00 26.61
N ILE D 515 -4.93 16.54 26.65
CA ILE D 515 -6.09 15.77 26.23
C ILE D 515 -6.60 16.36 24.93
N ARG D 516 -6.67 15.50 23.90
CA ARG D 516 -7.15 15.89 22.57
C ARG D 516 -8.39 15.09 22.21
N ILE D 517 -9.46 15.81 21.84
CA ILE D 517 -10.73 15.21 21.46
C ILE D 517 -11.06 15.74 20.06
N LEU D 518 -10.78 14.91 19.05
CA LEU D 518 -10.78 15.37 17.66
C LEU D 518 -11.67 14.45 16.81
N ASN D 519 -12.55 15.07 16.03
CA ASN D 519 -13.26 14.40 14.94
C ASN D 519 -14.09 13.24 15.47
N ASN D 520 -14.95 13.51 16.45
CA ASN D 520 -15.88 12.51 16.96
C ASN D 520 -17.27 12.88 16.50
N GLN D 521 -18.19 11.91 16.63
CA GLN D 521 -19.61 12.15 16.38
C GLN D 521 -20.37 11.83 17.66
N PHE D 522 -21.18 12.81 18.10
CA PHE D 522 -22.02 12.68 19.28
C PHE D 522 -23.48 12.75 18.84
N ASP D 523 -24.13 11.58 18.80
CA ASP D 523 -25.58 11.53 18.68
C ASP D 523 -26.14 11.54 20.10
N THR D 524 -26.87 12.60 20.45
CA THR D 524 -27.40 12.75 21.81
C THR D 524 -28.77 13.41 21.77
N PHE D 525 -29.56 13.04 22.79
CA PHE D 525 -30.90 13.55 23.05
C PHE D 525 -30.83 14.68 24.09
N ASP D 526 -29.72 14.72 24.84
CA ASP D 526 -29.56 15.59 25.99
C ASP D 526 -28.61 16.73 25.64
N GLN D 527 -28.07 17.38 26.67
CA GLN D 527 -27.17 18.53 26.53
C GLN D 527 -25.70 18.15 26.78
N PRO D 528 -25.29 17.64 27.98
CA PRO D 528 -23.86 17.55 28.32
C PRO D 528 -22.98 16.67 27.43
N ILE D 529 -21.95 17.28 26.83
CA ILE D 529 -21.05 16.64 25.87
C ILE D 529 -19.70 16.38 26.52
N LEU D 530 -19.13 17.43 27.13
CA LEU D 530 -17.82 17.37 27.75
C LEU D 530 -17.88 18.04 29.12
N TYR D 531 -17.46 17.33 30.16
CA TYR D 531 -17.22 17.89 31.48
C TYR D 531 -15.74 17.72 31.80
N ALA D 532 -15.10 18.77 32.30
CA ALA D 532 -13.65 18.77 32.47
C ALA D 532 -13.26 19.52 33.74
N LYS D 533 -12.62 18.79 34.66
CA LYS D 533 -12.21 19.33 35.95
C LYS D 533 -10.71 19.10 36.13
N SER D 534 -9.96 20.20 36.28
CA SER D 534 -8.55 20.19 36.63
C SER D 534 -7.70 19.70 35.45
N VAL D 535 -7.76 20.46 34.34
CA VAL D 535 -7.03 20.11 33.13
C VAL D 535 -6.20 21.29 32.67
N ASP D 536 -4.95 21.02 32.30
CA ASP D 536 -4.12 21.97 31.59
C ASP D 536 -3.83 21.43 30.20
N GLY D 537 -4.53 21.98 29.19
CA GLY D 537 -4.42 21.51 27.82
C GLY D 537 -5.60 20.60 27.47
N LEU D 538 -6.55 21.13 26.69
CA LEU D 538 -7.76 20.40 26.35
C LEU D 538 -8.20 20.82 24.95
N VAL D 539 -7.90 19.97 23.96
CA VAL D 539 -8.26 20.23 22.58
C VAL D 539 -9.60 19.56 22.28
N PHE D 540 -10.51 20.34 21.71
CA PHE D 540 -11.79 19.85 21.24
C PHE D 540 -12.05 20.42 19.85
N THR D 541 -11.75 19.65 18.81
CA THR D 541 -11.80 20.18 17.46
C THR D 541 -12.40 19.17 16.48
N GLY D 542 -13.16 19.70 15.52
CA GLY D 542 -13.65 18.94 14.38
C GLY D 542 -14.76 17.97 14.75
N ASN D 543 -15.43 18.19 15.88
CA ASN D 543 -16.43 17.26 16.40
C ASN D 543 -17.82 17.66 15.90
N LYS D 544 -18.67 16.64 15.72
CA LYS D 544 -20.02 16.82 15.20
C LYS D 544 -21.02 16.36 16.25
N ILE D 545 -21.99 17.21 16.55
CA ILE D 545 -23.01 16.87 17.53
C ILE D 545 -24.35 16.92 16.83
N GLN D 546 -25.07 15.79 16.89
CA GLN D 546 -26.34 15.61 16.22
C GLN D 546 -27.40 15.32 17.29
N THR D 547 -28.48 16.11 17.29
CA THR D 547 -29.52 16.01 18.31
C THR D 547 -30.57 15.01 17.83
N ASN D 548 -31.15 14.26 18.78
CA ASN D 548 -32.26 13.36 18.52
C ASN D 548 -33.23 13.44 19.70
N LYS D 549 -34.36 12.72 19.62
CA LYS D 549 -35.36 12.76 20.67
C LYS D 549 -35.79 11.36 21.12
N GLU D 550 -34.87 10.39 21.02
CA GLU D 550 -35.16 9.00 21.39
C GLU D 550 -35.48 8.91 22.88
N TYR D 551 -34.99 9.88 23.66
CA TYR D 551 -35.35 9.98 25.07
C TYR D 551 -35.50 11.46 25.46
N PRO D 552 -36.20 11.75 26.58
CA PRO D 552 -36.25 13.11 27.13
C PRO D 552 -34.92 13.56 27.73
N ALA D 553 -34.54 14.82 27.45
CA ALA D 553 -33.44 15.43 28.18
C ALA D 553 -33.75 15.37 29.69
N PHE D 554 -32.74 15.22 30.54
CA PHE D 554 -33.01 15.13 31.98
C PHE D 554 -31.83 15.52 32.87
N HIS D 555 -30.60 15.52 32.32
CA HIS D 555 -29.39 15.66 33.12
C HIS D 555 -29.39 17.01 33.81
N SER D 556 -28.96 17.03 35.09
CA SER D 556 -28.94 18.26 35.87
C SER D 556 -28.01 19.28 35.21
N ASN D 557 -26.80 18.84 34.82
CA ASN D 557 -25.91 19.63 33.98
C ASN D 557 -26.58 19.88 32.63
N LYS D 558 -26.98 21.12 32.35
CA LYS D 558 -27.69 21.46 31.12
C LYS D 558 -26.77 22.21 30.16
N LYS D 559 -25.45 22.04 30.33
CA LYS D 559 -24.47 22.75 29.54
C LYS D 559 -23.69 21.74 28.70
N ARG D 560 -23.64 21.99 27.38
CA ARG D 560 -22.84 21.13 26.52
C ARG D 560 -21.41 21.06 27.06
N PHE D 561 -20.80 22.22 27.34
CA PHE D 561 -19.45 22.26 27.88
C PHE D 561 -19.46 22.86 29.29
N LEU D 562 -18.82 22.16 30.22
CA LEU D 562 -18.72 22.55 31.62
C LEU D 562 -17.27 22.38 32.06
N PHE D 563 -16.57 23.49 32.30
CA PHE D 563 -15.17 23.46 32.70
C PHE D 563 -15.02 23.96 34.14
N GLU D 564 -14.16 23.29 34.91
CA GLU D 564 -13.83 23.68 36.28
C GLU D 564 -12.33 23.54 36.49
N ARG D 565 -11.62 24.66 36.61
CA ARG D 565 -10.17 24.68 36.77
C ARG D 565 -9.53 24.07 35.54
N VAL D 566 -9.84 24.68 34.39
CA VAL D 566 -9.37 24.23 33.09
C VAL D 566 -8.72 25.41 32.37
N ILE D 567 -7.42 25.29 32.09
CA ILE D 567 -6.76 26.18 31.16
C ILE D 567 -6.35 25.38 29.93
N GLY D 568 -5.95 26.11 28.88
CA GLY D 568 -5.33 25.53 27.70
C GLY D 568 -6.35 25.01 26.71
N VAL D 569 -7.50 25.69 26.61
CA VAL D 569 -8.61 25.16 25.84
C VAL D 569 -8.48 25.64 24.40
N ASP D 570 -8.50 24.67 23.48
CA ASP D 570 -8.50 24.91 22.05
C ASP D 570 -9.77 24.31 21.47
N PHE D 571 -10.58 25.14 20.81
CA PHE D 571 -11.95 24.75 20.47
C PHE D 571 -12.33 25.34 19.12
N SER D 572 -12.31 24.51 18.08
CA SER D 572 -12.55 24.99 16.72
C SER D 572 -13.11 23.89 15.83
N ASP D 573 -13.91 24.30 14.83
CA ASP D 573 -14.41 23.44 13.77
C ASP D 573 -15.39 22.42 14.33
N ASN D 574 -16.04 22.75 15.45
CA ASN D 574 -17.11 21.93 16.01
C ASN D 574 -18.45 22.41 15.47
N LYS D 575 -19.42 21.49 15.43
CA LYS D 575 -20.75 21.82 14.92
C LYS D 575 -21.82 21.17 15.79
N VAL D 576 -23.03 21.76 15.77
CA VAL D 576 -24.19 21.17 16.40
C VAL D 576 -25.34 21.24 15.40
N ASP D 577 -25.77 20.06 14.91
CA ASP D 577 -26.80 19.96 13.90
C ASP D 577 -26.37 20.73 12.65
N GLY D 578 -25.08 20.64 12.33
CA GLY D 578 -24.54 21.19 11.10
C GLY D 578 -24.31 22.71 11.16
N LYS D 579 -24.50 23.30 12.35
CA LYS D 579 -24.20 24.71 12.55
C LYS D 579 -23.00 24.86 13.47
N PRO D 580 -22.07 25.81 13.18
CA PRO D 580 -20.88 26.01 14.01
C PRO D 580 -21.21 26.49 15.42
N ILE D 581 -20.37 26.10 16.38
CA ILE D 581 -20.43 26.57 17.75
C ILE D 581 -19.02 27.00 18.14
N GLU D 582 -18.82 28.32 18.28
CA GLU D 582 -17.53 28.87 18.62
C GLU D 582 -17.62 29.48 20.04
N MET D 583 -16.48 29.53 20.75
CA MET D 583 -16.41 30.19 22.05
C MET D 583 -16.42 31.70 21.87
N LEU D 584 -15.61 32.16 20.91
CA LEU D 584 -15.63 33.55 20.50
C LEU D 584 -16.42 33.64 19.19
#